data_2I9C
# 
_entry.id   2I9C 
# 
_audit_conform.dict_name       mmcif_pdbx.dic 
_audit_conform.dict_version    5.397 
_audit_conform.dict_location   http://mmcif.pdb.org/dictionaries/ascii/mmcif_pdbx.dic 
# 
loop_
_database_2.database_id 
_database_2.database_code 
_database_2.pdbx_database_accession 
_database_2.pdbx_DOI 
PDB   2I9C         pdb_00002i9c 10.2210/pdb2i9c/pdb 
RCSB  RCSB039300   ?            ?                   
WWPDB D_1000039300 ?            ?                   
# 
loop_
_pdbx_audit_revision_history.ordinal 
_pdbx_audit_revision_history.data_content_type 
_pdbx_audit_revision_history.major_revision 
_pdbx_audit_revision_history.minor_revision 
_pdbx_audit_revision_history.revision_date 
1 'Structure model' 1 0 2006-10-03 
2 'Structure model' 1 1 2008-05-01 
3 'Structure model' 1 2 2011-07-13 
4 'Structure model' 1 3 2011-10-05 
5 'Structure model' 1 4 2022-04-13 
6 'Structure model' 1 5 2024-10-16 
# 
_pdbx_audit_revision_details.ordinal             1 
_pdbx_audit_revision_details.revision_ordinal    1 
_pdbx_audit_revision_details.data_content_type   'Structure model' 
_pdbx_audit_revision_details.provider            repository 
_pdbx_audit_revision_details.type                'Initial release' 
_pdbx_audit_revision_details.description         ? 
_pdbx_audit_revision_details.details             ? 
# 
loop_
_pdbx_audit_revision_group.ordinal 
_pdbx_audit_revision_group.revision_ordinal 
_pdbx_audit_revision_group.data_content_type 
_pdbx_audit_revision_group.group 
1 2 'Structure model' 'Version format compliance' 
2 3 'Structure model' Advisory                    
3 3 'Structure model' 'Version format compliance' 
4 4 'Structure model' 'Structure summary'         
5 5 'Structure model' 'Database references'       
6 5 'Structure model' 'Derived calculations'      
7 5 'Structure model' 'Structure summary'         
8 6 'Structure model' 'Data collection'           
9 6 'Structure model' 'Structure summary'         
# 
loop_
_pdbx_audit_revision_category.ordinal 
_pdbx_audit_revision_category.revision_ordinal 
_pdbx_audit_revision_category.data_content_type 
_pdbx_audit_revision_category.category 
1  5 'Structure model' audit_author              
2  5 'Structure model' citation_author           
3  5 'Structure model' database_2                
4  5 'Structure model' struct_conn               
5  5 'Structure model' struct_ref_seq_dif        
6  5 'Structure model' struct_site               
7  6 'Structure model' chem_comp_atom            
8  6 'Structure model' chem_comp_bond            
9  6 'Structure model' pdbx_entry_details        
10 6 'Structure model' pdbx_modification_feature 
# 
loop_
_pdbx_audit_revision_item.ordinal 
_pdbx_audit_revision_item.revision_ordinal 
_pdbx_audit_revision_item.data_content_type 
_pdbx_audit_revision_item.item 
1 5 'Structure model' '_audit_author.identifier_ORCID'      
2 5 'Structure model' '_citation_author.identifier_ORCID'   
3 5 'Structure model' '_database_2.pdbx_DOI'                
4 5 'Structure model' '_database_2.pdbx_database_accession' 
5 5 'Structure model' '_struct_conn.pdbx_leaving_atom_flag' 
6 5 'Structure model' '_struct_ref_seq_dif.details'         
7 5 'Structure model' '_struct_site.pdbx_auth_asym_id'      
8 5 'Structure model' '_struct_site.pdbx_auth_comp_id'      
9 5 'Structure model' '_struct_site.pdbx_auth_seq_id'       
# 
_pdbx_database_status.status_code                     REL 
_pdbx_database_status.entry_id                        2I9C 
_pdbx_database_status.recvd_initial_deposition_date   2006-09-05 
_pdbx_database_status.deposit_site                    RCSB 
_pdbx_database_status.process_site                    RCSB 
_pdbx_database_status.status_code_sf                  REL 
_pdbx_database_status.status_code_mr                  ? 
_pdbx_database_status.SG_entry                        Y 
_pdbx_database_status.status_code_cs                  ? 
_pdbx_database_status.pdb_format_compatible           Y 
_pdbx_database_status.status_code_nmr_data            ? 
_pdbx_database_status.methods_development_category    ? 
# 
_pdbx_database_related.db_name        TargetDB 
_pdbx_database_related.db_id          APC6185 
_pdbx_database_related.details        . 
_pdbx_database_related.content_type   unspecified 
# 
loop_
_audit_author.name 
_audit_author.pdbx_ordinal 
_audit_author.identifier_ORCID 
'Cymborowski, M.T.'                             1 ?                   
'Evdokimova, E.'                                2 ?                   
'Kagan, O.'                                     3 ?                   
'Chruszcz, M.'                                  4 ?                   
'Savchenko, A.'                                 5 ?                   
'Edwards, A.'                                   6 ?                   
'Joachimiak, A.'                                7 ?                   
'Minor, W.'                                     8 0000-0001-7075-7090 
'Midwest Center for Structural Genomics (MCSG)' 9 ?                   
# 
_citation.id                        primary 
_citation.title                     'Crystal Structure of the Protein RPA1889 from Rhodopseudomonas palustris CGA009' 
_citation.journal_abbrev            'To be Published' 
_citation.journal_volume            ? 
_citation.page_first                ? 
_citation.page_last                 ? 
_citation.year                      ? 
_citation.journal_id_ASTM           ? 
_citation.country                   ? 
_citation.journal_id_ISSN           ? 
_citation.journal_id_CSD            0353 
_citation.book_publisher            ? 
_citation.pdbx_database_id_PubMed   ? 
_citation.pdbx_database_id_DOI      ? 
# 
loop_
_citation_author.citation_id 
_citation_author.name 
_citation_author.ordinal 
_citation_author.identifier_ORCID 
primary 'Cymborowski, M.T.' 1 ?                   
primary 'Evdokimova, E.'    2 ?                   
primary 'Kagan, O.'         3 ?                   
primary 'Chruszcz, M.'      4 ?                   
primary 'Savchenko, A.'     5 ?                   
primary 'Edwards, A.'       6 ?                   
primary 'Minor, W.'         7 0000-0001-7075-7090 
# 
loop_
_entity.id 
_entity.type 
_entity.src_method 
_entity.pdbx_description 
_entity.formula_weight 
_entity.pdbx_number_of_molecules 
_entity.pdbx_ec 
_entity.pdbx_mutation 
_entity.pdbx_fragment 
_entity.details 
1 polymer     man 'Hypothetical protein RPA1889' 13903.209 1  ? ? ? ? 
2 non-polymer syn 'ACETATE ION'                  59.044    2  ? ? ? ? 
3 water       nat water                          18.015    92 ? ? ? ? 
# 
_entity_poly.entity_id                      1 
_entity_poly.type                           'polypeptide(L)' 
_entity_poly.nstd_linkage                   no 
_entity_poly.nstd_monomer                   yes 
_entity_poly.pdbx_seq_one_letter_code       
;(MSE)SKLDLHQ(MSE)TTQDLVALFAKVTVEQDDALLGNQISRFNRLFGV(MSE)AEIADELKARDGDQRTALLSLFEY
PN(MSE)QVRLQAAKLTLAVAPVKAREQLEAIVSSKWFPQAGDAG(MSE)CLDLLDDGTFKPK
;
_entity_poly.pdbx_seq_one_letter_code_can   
;MSKLDLHQMTTQDLVALFAKVTVEQDDALLGNQISRFNRLFGVMAEIADELKARDGDQRTALLSLFEYPNMQVRLQAAKL
TLAVAPVKAREQLEAIVSSKWFPQAGDAGMCLDLLDDGTFKPK
;
_entity_poly.pdbx_strand_id                 A 
_entity_poly.pdbx_target_identifier         APC6185 
# 
loop_
_pdbx_entity_nonpoly.entity_id 
_pdbx_entity_nonpoly.name 
_pdbx_entity_nonpoly.comp_id 
2 'ACETATE ION' ACT 
3 water         HOH 
# 
loop_
_entity_poly_seq.entity_id 
_entity_poly_seq.num 
_entity_poly_seq.mon_id 
_entity_poly_seq.hetero 
1 1   MSE n 
1 2   SER n 
1 3   LYS n 
1 4   LEU n 
1 5   ASP n 
1 6   LEU n 
1 7   HIS n 
1 8   GLN n 
1 9   MSE n 
1 10  THR n 
1 11  THR n 
1 12  GLN n 
1 13  ASP n 
1 14  LEU n 
1 15  VAL n 
1 16  ALA n 
1 17  LEU n 
1 18  PHE n 
1 19  ALA n 
1 20  LYS n 
1 21  VAL n 
1 22  THR n 
1 23  VAL n 
1 24  GLU n 
1 25  GLN n 
1 26  ASP n 
1 27  ASP n 
1 28  ALA n 
1 29  LEU n 
1 30  LEU n 
1 31  GLY n 
1 32  ASN n 
1 33  GLN n 
1 34  ILE n 
1 35  SER n 
1 36  ARG n 
1 37  PHE n 
1 38  ASN n 
1 39  ARG n 
1 40  LEU n 
1 41  PHE n 
1 42  GLY n 
1 43  VAL n 
1 44  MSE n 
1 45  ALA n 
1 46  GLU n 
1 47  ILE n 
1 48  ALA n 
1 49  ASP n 
1 50  GLU n 
1 51  LEU n 
1 52  LYS n 
1 53  ALA n 
1 54  ARG n 
1 55  ASP n 
1 56  GLY n 
1 57  ASP n 
1 58  GLN n 
1 59  ARG n 
1 60  THR n 
1 61  ALA n 
1 62  LEU n 
1 63  LEU n 
1 64  SER n 
1 65  LEU n 
1 66  PHE n 
1 67  GLU n 
1 68  TYR n 
1 69  PRO n 
1 70  ASN n 
1 71  MSE n 
1 72  GLN n 
1 73  VAL n 
1 74  ARG n 
1 75  LEU n 
1 76  GLN n 
1 77  ALA n 
1 78  ALA n 
1 79  LYS n 
1 80  LEU n 
1 81  THR n 
1 82  LEU n 
1 83  ALA n 
1 84  VAL n 
1 85  ALA n 
1 86  PRO n 
1 87  VAL n 
1 88  LYS n 
1 89  ALA n 
1 90  ARG n 
1 91  GLU n 
1 92  GLN n 
1 93  LEU n 
1 94  GLU n 
1 95  ALA n 
1 96  ILE n 
1 97  VAL n 
1 98  SER n 
1 99  SER n 
1 100 LYS n 
1 101 TRP n 
1 102 PHE n 
1 103 PRO n 
1 104 GLN n 
1 105 ALA n 
1 106 GLY n 
1 107 ASP n 
1 108 ALA n 
1 109 GLY n 
1 110 MSE n 
1 111 CYS n 
1 112 LEU n 
1 113 ASP n 
1 114 LEU n 
1 115 LEU n 
1 116 ASP n 
1 117 ASP n 
1 118 GLY n 
1 119 THR n 
1 120 PHE n 
1 121 LYS n 
1 122 PRO n 
1 123 LYS n 
# 
_entity_src_gen.entity_id                          1 
_entity_src_gen.pdbx_src_id                        1 
_entity_src_gen.pdbx_alt_source_flag               sample 
_entity_src_gen.pdbx_seq_type                      ? 
_entity_src_gen.pdbx_beg_seq_num                   ? 
_entity_src_gen.pdbx_end_seq_num                   ? 
_entity_src_gen.gene_src_common_name               ? 
_entity_src_gen.gene_src_genus                     Rhodopseudomonas 
_entity_src_gen.pdbx_gene_src_gene                 RPA1889 
_entity_src_gen.gene_src_species                   ? 
_entity_src_gen.gene_src_strain                    ? 
_entity_src_gen.gene_src_tissue                    ? 
_entity_src_gen.gene_src_tissue_fraction           ? 
_entity_src_gen.gene_src_details                   ? 
_entity_src_gen.pdbx_gene_src_fragment             ? 
_entity_src_gen.pdbx_gene_src_scientific_name      'Rhodopseudomonas palustris' 
_entity_src_gen.pdbx_gene_src_ncbi_taxonomy_id     1076 
_entity_src_gen.pdbx_gene_src_variant              ? 
_entity_src_gen.pdbx_gene_src_cell_line            ? 
_entity_src_gen.pdbx_gene_src_atcc                 ? 
_entity_src_gen.pdbx_gene_src_organ                ? 
_entity_src_gen.pdbx_gene_src_organelle            ? 
_entity_src_gen.pdbx_gene_src_cell                 ? 
_entity_src_gen.pdbx_gene_src_cellular_location    ? 
_entity_src_gen.host_org_common_name               ? 
_entity_src_gen.pdbx_host_org_scientific_name      'Escherichia coli' 
_entity_src_gen.pdbx_host_org_ncbi_taxonomy_id     562 
_entity_src_gen.host_org_genus                     Escherichia 
_entity_src_gen.pdbx_host_org_gene                 ? 
_entity_src_gen.pdbx_host_org_organ                ? 
_entity_src_gen.host_org_species                   ? 
_entity_src_gen.pdbx_host_org_tissue               ? 
_entity_src_gen.pdbx_host_org_tissue_fraction      ? 
_entity_src_gen.pdbx_host_org_strain               'BL21 GOLD (DE3)' 
_entity_src_gen.pdbx_host_org_variant              ? 
_entity_src_gen.pdbx_host_org_cell_line            ? 
_entity_src_gen.pdbx_host_org_atcc                 ? 
_entity_src_gen.pdbx_host_org_culture_collection   ? 
_entity_src_gen.pdbx_host_org_cell                 ? 
_entity_src_gen.pdbx_host_org_organelle            ? 
_entity_src_gen.pdbx_host_org_cellular_location    ? 
_entity_src_gen.pdbx_host_org_vector_type          plasmid 
_entity_src_gen.pdbx_host_org_vector               ? 
_entity_src_gen.host_org_details                   ? 
_entity_src_gen.expression_system_id               ? 
_entity_src_gen.plasmid_name                       PET15B 
_entity_src_gen.plasmid_details                    ? 
_entity_src_gen.pdbx_description                   ? 
# 
loop_
_chem_comp.id 
_chem_comp.type 
_chem_comp.mon_nstd_flag 
_chem_comp.name 
_chem_comp.pdbx_synonyms 
_chem_comp.formula 
_chem_comp.formula_weight 
ACT non-polymer         . 'ACETATE ION'    ? 'C2 H3 O2 -1'    59.044  
ALA 'L-peptide linking' y ALANINE          ? 'C3 H7 N O2'     89.093  
ARG 'L-peptide linking' y ARGININE         ? 'C6 H15 N4 O2 1' 175.209 
ASN 'L-peptide linking' y ASPARAGINE       ? 'C4 H8 N2 O3'    132.118 
ASP 'L-peptide linking' y 'ASPARTIC ACID'  ? 'C4 H7 N O4'     133.103 
CYS 'L-peptide linking' y CYSTEINE         ? 'C3 H7 N O2 S'   121.158 
GLN 'L-peptide linking' y GLUTAMINE        ? 'C5 H10 N2 O3'   146.144 
GLU 'L-peptide linking' y 'GLUTAMIC ACID'  ? 'C5 H9 N O4'     147.129 
GLY 'peptide linking'   y GLYCINE          ? 'C2 H5 N O2'     75.067  
HIS 'L-peptide linking' y HISTIDINE        ? 'C6 H10 N3 O2 1' 156.162 
HOH non-polymer         . WATER            ? 'H2 O'           18.015  
ILE 'L-peptide linking' y ISOLEUCINE       ? 'C6 H13 N O2'    131.173 
LEU 'L-peptide linking' y LEUCINE          ? 'C6 H13 N O2'    131.173 
LYS 'L-peptide linking' y LYSINE           ? 'C6 H15 N2 O2 1' 147.195 
MET 'L-peptide linking' y METHIONINE       ? 'C5 H11 N O2 S'  149.211 
MSE 'L-peptide linking' n SELENOMETHIONINE ? 'C5 H11 N O2 Se' 196.106 
PHE 'L-peptide linking' y PHENYLALANINE    ? 'C9 H11 N O2'    165.189 
PRO 'L-peptide linking' y PROLINE          ? 'C5 H9 N O2'     115.130 
SER 'L-peptide linking' y SERINE           ? 'C3 H7 N O3'     105.093 
THR 'L-peptide linking' y THREONINE        ? 'C4 H9 N O3'     119.119 
TRP 'L-peptide linking' y TRYPTOPHAN       ? 'C11 H12 N2 O2'  204.225 
TYR 'L-peptide linking' y TYROSINE         ? 'C9 H11 N O3'    181.189 
VAL 'L-peptide linking' y VALINE           ? 'C5 H11 N O2'    117.146 
# 
loop_
_pdbx_poly_seq_scheme.asym_id 
_pdbx_poly_seq_scheme.entity_id 
_pdbx_poly_seq_scheme.seq_id 
_pdbx_poly_seq_scheme.mon_id 
_pdbx_poly_seq_scheme.ndb_seq_num 
_pdbx_poly_seq_scheme.pdb_seq_num 
_pdbx_poly_seq_scheme.auth_seq_num 
_pdbx_poly_seq_scheme.pdb_mon_id 
_pdbx_poly_seq_scheme.auth_mon_id 
_pdbx_poly_seq_scheme.pdb_strand_id 
_pdbx_poly_seq_scheme.pdb_ins_code 
_pdbx_poly_seq_scheme.hetero 
A 1 1   MSE 1   1   ?   ?   ?   A . n 
A 1 2   SER 2   2   ?   ?   ?   A . n 
A 1 3   LYS 3   3   3   LYS LYS A . n 
A 1 4   LEU 4   4   4   LEU LEU A . n 
A 1 5   ASP 5   5   5   ASP ASP A . n 
A 1 6   LEU 6   6   6   LEU LEU A . n 
A 1 7   HIS 7   7   7   HIS HIS A . n 
A 1 8   GLN 8   8   8   GLN GLN A . n 
A 1 9   MSE 9   9   9   MSE MSE A . n 
A 1 10  THR 10  10  10  THR THR A . n 
A 1 11  THR 11  11  11  THR THR A . n 
A 1 12  GLN 12  12  12  GLN GLN A . n 
A 1 13  ASP 13  13  13  ASP ASP A . n 
A 1 14  LEU 14  14  14  LEU LEU A . n 
A 1 15  VAL 15  15  15  VAL VAL A . n 
A 1 16  ALA 16  16  16  ALA ALA A . n 
A 1 17  LEU 17  17  17  LEU LEU A . n 
A 1 18  PHE 18  18  18  PHE PHE A . n 
A 1 19  ALA 19  19  19  ALA ALA A . n 
A 1 20  LYS 20  20  20  LYS LYS A . n 
A 1 21  VAL 21  21  21  VAL VAL A . n 
A 1 22  THR 22  22  22  THR THR A . n 
A 1 23  VAL 23  23  23  VAL VAL A . n 
A 1 24  GLU 24  24  24  GLU GLU A . n 
A 1 25  GLN 25  25  25  GLN GLN A . n 
A 1 26  ASP 26  26  26  ASP ASP A . n 
A 1 27  ASP 27  27  27  ASP ASP A . n 
A 1 28  ALA 28  28  28  ALA ALA A . n 
A 1 29  LEU 29  29  29  LEU LEU A . n 
A 1 30  LEU 30  30  30  LEU LEU A . n 
A 1 31  GLY 31  31  31  GLY GLY A . n 
A 1 32  ASN 32  32  32  ASN ASN A . n 
A 1 33  GLN 33  33  33  GLN GLN A . n 
A 1 34  ILE 34  34  34  ILE ILE A . n 
A 1 35  SER 35  35  35  SER SER A . n 
A 1 36  ARG 36  36  36  ARG ARG A . n 
A 1 37  PHE 37  37  37  PHE PHE A . n 
A 1 38  ASN 38  38  38  ASN ASN A . n 
A 1 39  ARG 39  39  39  ARG ARG A . n 
A 1 40  LEU 40  40  40  LEU LEU A . n 
A 1 41  PHE 41  41  41  PHE PHE A . n 
A 1 42  GLY 42  42  42  GLY GLY A . n 
A 1 43  VAL 43  43  43  VAL VAL A . n 
A 1 44  MSE 44  44  44  MSE MSE A . n 
A 1 45  ALA 45  45  45  ALA ALA A . n 
A 1 46  GLU 46  46  46  GLU GLU A . n 
A 1 47  ILE 47  47  47  ILE ILE A . n 
A 1 48  ALA 48  48  48  ALA ALA A . n 
A 1 49  ASP 49  49  49  ASP ASP A . n 
A 1 50  GLU 50  50  50  GLU GLU A . n 
A 1 51  LEU 51  51  51  LEU LEU A . n 
A 1 52  LYS 52  52  52  LYS LYS A . n 
A 1 53  ALA 53  53  53  ALA ALA A . n 
A 1 54  ARG 54  54  54  ARG ARG A . n 
A 1 55  ASP 55  55  55  ASP ASP A . n 
A 1 56  GLY 56  56  56  GLY GLY A . n 
A 1 57  ASP 57  57  57  ASP ASP A . n 
A 1 58  GLN 58  58  58  GLN GLN A . n 
A 1 59  ARG 59  59  59  ARG ARG A . n 
A 1 60  THR 60  60  60  THR THR A . n 
A 1 61  ALA 61  61  61  ALA ALA A . n 
A 1 62  LEU 62  62  62  LEU LEU A . n 
A 1 63  LEU 63  63  63  LEU LEU A . n 
A 1 64  SER 64  64  64  SER SER A . n 
A 1 65  LEU 65  65  65  LEU LEU A . n 
A 1 66  PHE 66  66  66  PHE PHE A . n 
A 1 67  GLU 67  67  67  GLU GLU A . n 
A 1 68  TYR 68  68  68  TYR TYR A . n 
A 1 69  PRO 69  69  69  PRO PRO A . n 
A 1 70  ASN 70  70  70  ASN ASN A . n 
A 1 71  MSE 71  71  71  MSE MSE A . n 
A 1 72  GLN 72  72  72  GLN GLN A . n 
A 1 73  VAL 73  73  73  VAL VAL A . n 
A 1 74  ARG 74  74  74  ARG ARG A . n 
A 1 75  LEU 75  75  75  LEU LEU A . n 
A 1 76  GLN 76  76  76  GLN GLN A . n 
A 1 77  ALA 77  77  77  ALA ALA A . n 
A 1 78  ALA 78  78  78  ALA ALA A . n 
A 1 79  LYS 79  79  79  LYS LYS A . n 
A 1 80  LEU 80  80  80  LEU LEU A . n 
A 1 81  THR 81  81  81  THR THR A . n 
A 1 82  LEU 82  82  82  LEU LEU A . n 
A 1 83  ALA 83  83  83  ALA ALA A . n 
A 1 84  VAL 84  84  84  VAL VAL A . n 
A 1 85  ALA 85  85  85  ALA ALA A . n 
A 1 86  PRO 86  86  86  PRO PRO A . n 
A 1 87  VAL 87  87  87  VAL VAL A . n 
A 1 88  LYS 88  88  88  LYS LYS A . n 
A 1 89  ALA 89  89  89  ALA ALA A . n 
A 1 90  ARG 90  90  90  ARG ARG A . n 
A 1 91  GLU 91  91  91  GLU GLU A . n 
A 1 92  GLN 92  92  92  GLN GLN A . n 
A 1 93  LEU 93  93  93  LEU LEU A . n 
A 1 94  GLU 94  94  94  GLU GLU A . n 
A 1 95  ALA 95  95  95  ALA ALA A . n 
A 1 96  ILE 96  96  96  ILE ILE A . n 
A 1 97  VAL 97  97  97  VAL VAL A . n 
A 1 98  SER 98  98  98  SER SER A . n 
A 1 99  SER 99  99  99  SER SER A . n 
A 1 100 LYS 100 100 100 LYS LYS A . n 
A 1 101 TRP 101 101 101 TRP TRP A . n 
A 1 102 PHE 102 102 102 PHE PHE A . n 
A 1 103 PRO 103 103 103 PRO PRO A . n 
A 1 104 GLN 104 104 104 GLN GLN A . n 
A 1 105 ALA 105 105 105 ALA ALA A . n 
A 1 106 GLY 106 106 106 GLY GLY A . n 
A 1 107 ASP 107 107 107 ASP ASP A . n 
A 1 108 ALA 108 108 108 ALA ALA A . n 
A 1 109 GLY 109 109 109 GLY GLY A . n 
A 1 110 MSE 110 110 110 MSE MSE A . n 
A 1 111 CYS 111 111 111 CYS CYS A . n 
A 1 112 LEU 112 112 112 LEU LEU A . n 
A 1 113 ASP 113 113 113 ASP ASP A . n 
A 1 114 LEU 114 114 114 LEU LEU A . n 
A 1 115 LEU 115 115 115 LEU LEU A . n 
A 1 116 ASP 116 116 116 ASP ASP A . n 
A 1 117 ASP 117 117 117 ASP ASP A . n 
A 1 118 GLY 118 118 118 GLY GLY A . n 
A 1 119 THR 119 119 119 THR THR A . n 
A 1 120 PHE 120 120 120 PHE PHE A . n 
A 1 121 LYS 121 121 121 LYS LYS A . n 
A 1 122 PRO 122 122 122 PRO PRO A . n 
A 1 123 LYS 123 123 123 LYS LYS A . n 
# 
loop_
_pdbx_nonpoly_scheme.asym_id 
_pdbx_nonpoly_scheme.entity_id 
_pdbx_nonpoly_scheme.mon_id 
_pdbx_nonpoly_scheme.ndb_seq_num 
_pdbx_nonpoly_scheme.pdb_seq_num 
_pdbx_nonpoly_scheme.auth_seq_num 
_pdbx_nonpoly_scheme.pdb_mon_id 
_pdbx_nonpoly_scheme.auth_mon_id 
_pdbx_nonpoly_scheme.pdb_strand_id 
_pdbx_nonpoly_scheme.pdb_ins_code 
B 2 ACT 1  124 1   ACT ACT A . 
C 2 ACT 1  125 2   ACT ACT A . 
D 3 HOH 1  126 4   HOH HOH A . 
D 3 HOH 2  127 5   HOH HOH A . 
D 3 HOH 3  128 6   HOH HOH A . 
D 3 HOH 4  129 7   HOH HOH A . 
D 3 HOH 5  130 9   HOH HOH A . 
D 3 HOH 6  131 10  HOH HOH A . 
D 3 HOH 7  132 11  HOH HOH A . 
D 3 HOH 8  133 13  HOH HOH A . 
D 3 HOH 9  134 14  HOH HOH A . 
D 3 HOH 10 135 15  HOH HOH A . 
D 3 HOH 11 136 16  HOH HOH A . 
D 3 HOH 12 137 17  HOH HOH A . 
D 3 HOH 13 138 18  HOH HOH A . 
D 3 HOH 14 139 19  HOH HOH A . 
D 3 HOH 15 140 20  HOH HOH A . 
D 3 HOH 16 141 21  HOH HOH A . 
D 3 HOH 17 142 22  HOH HOH A . 
D 3 HOH 18 143 23  HOH HOH A . 
D 3 HOH 19 144 24  HOH HOH A . 
D 3 HOH 20 145 25  HOH HOH A . 
D 3 HOH 21 146 26  HOH HOH A . 
D 3 HOH 22 147 27  HOH HOH A . 
D 3 HOH 23 148 28  HOH HOH A . 
D 3 HOH 24 149 29  HOH HOH A . 
D 3 HOH 25 150 30  HOH HOH A . 
D 3 HOH 26 151 31  HOH HOH A . 
D 3 HOH 27 152 32  HOH HOH A . 
D 3 HOH 28 153 33  HOH HOH A . 
D 3 HOH 29 154 34  HOH HOH A . 
D 3 HOH 30 155 36  HOH HOH A . 
D 3 HOH 31 156 37  HOH HOH A . 
D 3 HOH 32 157 38  HOH HOH A . 
D 3 HOH 33 158 39  HOH HOH A . 
D 3 HOH 34 159 40  HOH HOH A . 
D 3 HOH 35 160 41  HOH HOH A . 
D 3 HOH 36 161 42  HOH HOH A . 
D 3 HOH 37 162 43  HOH HOH A . 
D 3 HOH 38 163 44  HOH HOH A . 
D 3 HOH 39 164 46  HOH HOH A . 
D 3 HOH 40 165 47  HOH HOH A . 
D 3 HOH 41 166 48  HOH HOH A . 
D 3 HOH 42 167 49  HOH HOH A . 
D 3 HOH 43 168 50  HOH HOH A . 
D 3 HOH 44 169 51  HOH HOH A . 
D 3 HOH 45 170 52  HOH HOH A . 
D 3 HOH 46 171 53  HOH HOH A . 
D 3 HOH 47 172 54  HOH HOH A . 
D 3 HOH 48 173 55  HOH HOH A . 
D 3 HOH 49 174 57  HOH HOH A . 
D 3 HOH 50 175 58  HOH HOH A . 
D 3 HOH 51 176 59  HOH HOH A . 
D 3 HOH 52 177 62  HOH HOH A . 
D 3 HOH 53 178 63  HOH HOH A . 
D 3 HOH 54 179 65  HOH HOH A . 
D 3 HOH 55 180 68  HOH HOH A . 
D 3 HOH 56 181 69  HOH HOH A . 
D 3 HOH 57 182 70  HOH HOH A . 
D 3 HOH 58 183 71  HOH HOH A . 
D 3 HOH 59 184 75  HOH HOH A . 
D 3 HOH 60 185 76  HOH HOH A . 
D 3 HOH 61 186 77  HOH HOH A . 
D 3 HOH 62 187 78  HOH HOH A . 
D 3 HOH 63 188 79  HOH HOH A . 
D 3 HOH 64 189 80  HOH HOH A . 
D 3 HOH 65 190 81  HOH HOH A . 
D 3 HOH 66 191 83  HOH HOH A . 
D 3 HOH 67 192 84  HOH HOH A . 
D 3 HOH 68 193 85  HOH HOH A . 
D 3 HOH 69 194 86  HOH HOH A . 
D 3 HOH 70 195 87  HOH HOH A . 
D 3 HOH 71 196 88  HOH HOH A . 
D 3 HOH 72 197 89  HOH HOH A . 
D 3 HOH 73 198 90  HOH HOH A . 
D 3 HOH 74 199 91  HOH HOH A . 
D 3 HOH 75 200 93  HOH HOH A . 
D 3 HOH 76 201 94  HOH HOH A . 
D 3 HOH 77 202 95  HOH HOH A . 
D 3 HOH 78 203 104 HOH HOH A . 
D 3 HOH 79 204 109 HOH HOH A . 
D 3 HOH 80 205 111 HOH HOH A . 
D 3 HOH 81 206 112 HOH HOH A . 
D 3 HOH 82 207 113 HOH HOH A . 
D 3 HOH 83 208 114 HOH HOH A . 
D 3 HOH 84 209 116 HOH HOH A . 
D 3 HOH 85 210 117 HOH HOH A . 
D 3 HOH 86 211 119 HOH HOH A . 
D 3 HOH 87 212 120 HOH HOH A . 
D 3 HOH 88 213 121 HOH HOH A . 
D 3 HOH 89 214 122 HOH HOH A . 
D 3 HOH 90 215 125 HOH HOH A . 
D 3 HOH 91 216 126 HOH HOH A . 
D 3 HOH 92 217 127 HOH HOH A . 
# 
loop_
_pdbx_unobs_or_zero_occ_atoms.id 
_pdbx_unobs_or_zero_occ_atoms.PDB_model_num 
_pdbx_unobs_or_zero_occ_atoms.polymer_flag 
_pdbx_unobs_or_zero_occ_atoms.occupancy_flag 
_pdbx_unobs_or_zero_occ_atoms.auth_asym_id 
_pdbx_unobs_or_zero_occ_atoms.auth_comp_id 
_pdbx_unobs_or_zero_occ_atoms.auth_seq_id 
_pdbx_unobs_or_zero_occ_atoms.PDB_ins_code 
_pdbx_unobs_or_zero_occ_atoms.auth_atom_id 
_pdbx_unobs_or_zero_occ_atoms.label_alt_id 
_pdbx_unobs_or_zero_occ_atoms.label_asym_id 
_pdbx_unobs_or_zero_occ_atoms.label_comp_id 
_pdbx_unobs_or_zero_occ_atoms.label_seq_id 
_pdbx_unobs_or_zero_occ_atoms.label_atom_id 
1  1 Y 1 A LYS 3   ? CG ? A LYS 3   CG 
2  1 Y 1 A LYS 3   ? CD ? A LYS 3   CD 
3  1 Y 1 A LYS 3   ? CE ? A LYS 3   CE 
4  1 Y 1 A LYS 3   ? NZ ? A LYS 3   NZ 
5  1 Y 1 A LYS 121 ? CG ? A LYS 121 CG 
6  1 Y 1 A LYS 121 ? CD ? A LYS 121 CD 
7  1 Y 1 A LYS 121 ? CE ? A LYS 121 CE 
8  1 Y 1 A LYS 121 ? NZ ? A LYS 121 NZ 
9  1 Y 1 A LYS 123 ? CB ? A LYS 123 CB 
10 1 Y 1 A LYS 123 ? CG ? A LYS 123 CG 
11 1 Y 1 A LYS 123 ? CD ? A LYS 123 CD 
12 1 Y 1 A LYS 123 ? CE ? A LYS 123 CE 
13 1 Y 1 A LYS 123 ? NZ ? A LYS 123 NZ 
# 
loop_
_software.name 
_software.classification 
_software.version 
_software.citation_id 
_software.pdbx_ordinal 
REFMAC   refinement        5.2.0005 ? 1  
HKL-2000 'data collection' .        ? 2  
HKL-2000 'data reduction'  .        ? 3  
HKL-2000 'data scaling'    .        ? 4  
HKL-3000 phasing           .        ? 5  
SHELXD   phasing           .        ? 6  
SHELXE   'model building'  .        ? 7  
MLPHARE  phasing           .        ? 8  
DM       phasing           .        ? 9  
CCP4     phasing           .        ? 10 
SOLVE    phasing           .        ? 11 
RESOLVE  phasing           .        ? 12 
ARP/wARP 'model building'  .        ? 13 
Coot     'model building'  .        ? 14 
O        'model building'  .        ? 15 
# 
_cell.entry_id           2I9C 
_cell.length_a           78.022 
_cell.length_b           78.022 
_cell.length_c           38.979 
_cell.angle_alpha        90.00 
_cell.angle_beta         90.00 
_cell.angle_gamma        120.00 
_cell.Z_PDB              6 
_cell.pdbx_unique_axis   ? 
_cell.length_a_esd       ? 
_cell.length_b_esd       ? 
_cell.length_c_esd       ? 
_cell.angle_alpha_esd    ? 
_cell.angle_beta_esd     ? 
_cell.angle_gamma_esd    ? 
# 
_symmetry.entry_id                         2I9C 
_symmetry.space_group_name_H-M             'P 32 2 1' 
_symmetry.pdbx_full_space_group_name_H-M   ? 
_symmetry.cell_setting                     ? 
_symmetry.Int_Tables_number                154 
_symmetry.space_group_name_Hall            ? 
# 
_exptl.entry_id          2I9C 
_exptl.method            'X-RAY DIFFRACTION' 
_exptl.crystals_number   1 
# 
_exptl_crystal.id                    1 
_exptl_crystal.density_meas          ? 
_exptl_crystal.density_Matthews      2.46 
_exptl_crystal.density_percent_sol   50.05 
_exptl_crystal.description           ? 
_exptl_crystal.F_000                 ? 
_exptl_crystal.preparation           ? 
# 
_exptl_crystal_grow.crystal_id      1 
_exptl_crystal_grow.method          'VAPOR DIFFUSION, HANGING DROP' 
_exptl_crystal_grow.temp            293 
_exptl_crystal_grow.temp_details    ? 
_exptl_crystal_grow.pH              7.0 
_exptl_crystal_grow.pdbx_details    
'5% Tascimate, 10% PEG5000 MME, 0.1M HEPES, pH 7.0, VAPOR DIFFUSION, HANGING DROP, temperature 293K' 
_exptl_crystal_grow.pdbx_pH_range   . 
# 
_diffrn.id                     1 
_diffrn.ambient_temp           100.0 
_diffrn.ambient_temp_details   ? 
_diffrn.crystal_id             1 
# 
_diffrn_detector.diffrn_id              1 
_diffrn_detector.detector               CCD 
_diffrn_detector.type                   SBC-3 
_diffrn_detector.pdbx_collection_date   2006-06-09 
_diffrn_detector.details                ? 
# 
_diffrn_radiation.diffrn_id                        1 
_diffrn_radiation.wavelength_id                    1 
_diffrn_radiation.pdbx_monochromatic_or_laue_m_l   M 
_diffrn_radiation.monochromator                    ? 
_diffrn_radiation.pdbx_diffrn_protocol             'SINGLE WAVELENGTH' 
_diffrn_radiation.pdbx_scattering_type             x-ray 
# 
_diffrn_radiation_wavelength.id           1 
_diffrn_radiation_wavelength.wavelength   0.97904 
_diffrn_radiation_wavelength.wt           1.0 
# 
_diffrn_source.diffrn_id                   1 
_diffrn_source.source                      SYNCHROTRON 
_diffrn_source.type                        'APS BEAMLINE 19-BM' 
_diffrn_source.pdbx_synchrotron_site       APS 
_diffrn_source.pdbx_synchrotron_beamline   19-BM 
_diffrn_source.pdbx_wavelength             ? 
_diffrn_source.pdbx_wavelength_list        0.97904 
# 
_reflns.entry_id                     2I9C 
_reflns.observed_criterion_sigma_F   0 
_reflns.observed_criterion_sigma_I   -3.0 
_reflns.d_resolution_high            2.00 
_reflns.d_resolution_low             67.57 
_reflns.number_all                   9484 
_reflns.number_obs                   9449 
_reflns.percent_possible_obs         99.7 
_reflns.pdbx_Rmerge_I_obs            0.066 
_reflns.pdbx_Rsym_value              0.057 
_reflns.pdbx_netI_over_sigmaI        ? 
_reflns.B_iso_Wilson_estimate        30.3 
_reflns.pdbx_redundancy              7.000 
_reflns.R_free_details               ? 
_reflns.limit_h_max                  ? 
_reflns.limit_h_min                  ? 
_reflns.limit_k_max                  ? 
_reflns.limit_k_min                  ? 
_reflns.limit_l_max                  ? 
_reflns.limit_l_min                  ? 
_reflns.observed_criterion_F_max     ? 
_reflns.observed_criterion_F_min     ? 
_reflns.pdbx_chi_squared             ? 
_reflns.pdbx_scaling_rejects         ? 
_reflns.pdbx_ordinal                 1 
_reflns.pdbx_diffrn_id               1 
# 
_reflns_shell.d_res_high             2.00 
_reflns_shell.d_res_low              2.02 
_reflns_shell.percent_possible_all   100.0 
_reflns_shell.Rmerge_I_obs           0.299 
_reflns_shell.pdbx_Rsym_value        0.298 
_reflns_shell.meanI_over_sigI_obs    6.83 
_reflns_shell.pdbx_redundancy        7.1 
_reflns_shell.percent_possible_obs   ? 
_reflns_shell.number_unique_all      206 
_reflns_shell.number_measured_all    ? 
_reflns_shell.number_measured_obs    ? 
_reflns_shell.number_unique_obs      ? 
_reflns_shell.pdbx_chi_squared       ? 
_reflns_shell.pdbx_ordinal           1 
_reflns_shell.pdbx_diffrn_id         1 
# 
_refine.entry_id                                 2I9C 
_refine.ls_number_reflns_obs                     8989 
_refine.ls_number_reflns_all                     9449 
_refine.pdbx_ls_sigma_I                          0 
_refine.pdbx_ls_sigma_F                          0 
_refine.pdbx_data_cutoff_high_absF               ? 
_refine.pdbx_data_cutoff_low_absF                ? 
_refine.pdbx_data_cutoff_high_rms_absF           ? 
_refine.ls_d_res_low                             33.79 
_refine.ls_d_res_high                            2.00 
_refine.ls_percent_reflns_obs                    99.73 
_refine.ls_R_factor_obs                          0.17603 
_refine.ls_R_factor_all                          ? 
_refine.ls_R_factor_R_work                       0.17472 
_refine.ls_R_factor_R_free                       0.20189 
_refine.ls_R_factor_R_free_error                 ? 
_refine.ls_R_factor_R_free_error_details         ? 
_refine.ls_percent_reflns_R_free                 4.8 
_refine.ls_number_reflns_R_free                  451 
_refine.ls_number_parameters                     ? 
_refine.ls_number_restraints                     ? 
_refine.occupancy_min                            ? 
_refine.occupancy_max                            ? 
_refine.correlation_coeff_Fo_to_Fc               0.960 
_refine.correlation_coeff_Fo_to_Fc_free          0.960 
_refine.B_iso_mean                               33.113 
_refine.aniso_B[1][1]                            0.86 
_refine.aniso_B[2][2]                            0.86 
_refine.aniso_B[3][3]                            -1.29 
_refine.aniso_B[1][2]                            0.43 
_refine.aniso_B[1][3]                            0.00 
_refine.aniso_B[2][3]                            0.00 
_refine.solvent_model_details                    MASK 
_refine.solvent_model_param_ksol                 ? 
_refine.solvent_model_param_bsol                 ? 
_refine.pdbx_solvent_vdw_probe_radii             1.20 
_refine.pdbx_solvent_ion_probe_radii             0.80 
_refine.pdbx_solvent_shrinkage_radii             0.80 
_refine.pdbx_ls_cross_valid_method               THROUGHOUT 
_refine.details                                  
'COOT HAS ALSO BEEN A SOFTWARE USED IN THE REFINEMENT. HYDROGENS HAVE BEEN ADDED IN THE RIDING POSITIONS' 
_refine.pdbx_starting_model                      ? 
_refine.pdbx_method_to_determine_struct          SAD 
_refine.pdbx_isotropic_thermal_model             ? 
_refine.pdbx_stereochemistry_target_values       'MAXIMUM LIKELIHOOD' 
_refine.pdbx_stereochem_target_val_spec_case     ? 
_refine.pdbx_R_Free_selection_details            RANDOM 
_refine.pdbx_overall_ESU_R                       0.168 
_refine.pdbx_overall_ESU_R_Free                  0.141 
_refine.overall_SU_ML                            0.100 
_refine.overall_SU_B                             6.984 
_refine.ls_redundancy_reflns_obs                 ? 
_refine.B_iso_min                                ? 
_refine.B_iso_max                                ? 
_refine.overall_SU_R_Cruickshank_DPI             ? 
_refine.overall_SU_R_free                        ? 
_refine.ls_wR_factor_R_free                      ? 
_refine.ls_wR_factor_R_work                      ? 
_refine.overall_FOM_free_R_set                   ? 
_refine.overall_FOM_work_R_set                   ? 
_refine.pdbx_refine_id                           'X-RAY DIFFRACTION' 
_refine.pdbx_TLS_residual_ADP_flag               'LIKELY RESIDUAL' 
_refine.pdbx_diffrn_id                           1 
_refine.pdbx_overall_phase_error                 ? 
_refine.pdbx_overall_SU_R_free_Cruickshank_DPI   ? 
_refine.pdbx_overall_SU_R_Blow_DPI               ? 
_refine.pdbx_overall_SU_R_free_Blow_DPI          ? 
# 
_refine_hist.pdbx_refine_id                   'X-RAY DIFFRACTION' 
_refine_hist.cycle_id                         LAST 
_refine_hist.pdbx_number_atoms_protein        929 
_refine_hist.pdbx_number_atoms_nucleic_acid   0 
_refine_hist.pdbx_number_atoms_ligand         8 
_refine_hist.number_atoms_solvent             92 
_refine_hist.number_atoms_total               1029 
_refine_hist.d_res_high                       2.00 
_refine_hist.d_res_low                        33.79 
# 
loop_
_refine_ls_restr.type 
_refine_ls_restr.dev_ideal 
_refine_ls_restr.dev_ideal_target 
_refine_ls_restr.weight 
_refine_ls_restr.number 
_refine_ls_restr.pdbx_refine_id 
_refine_ls_restr.pdbx_restraint_function 
r_bond_refined_d             0.020  0.022  ? 984  'X-RAY DIFFRACTION' ? 
r_bond_other_d               ?      ?      ? ?    'X-RAY DIFFRACTION' ? 
r_angle_refined_deg          1.605  1.982  ? 1339 'X-RAY DIFFRACTION' ? 
r_angle_other_deg            ?      ?      ? ?    'X-RAY DIFFRACTION' ? 
r_dihedral_angle_1_deg       6.365  5.000  ? 131  'X-RAY DIFFRACTION' ? 
r_dihedral_angle_2_deg       35.018 25.435 ? 46   'X-RAY DIFFRACTION' ? 
r_dihedral_angle_3_deg       13.601 15.000 ? 176  'X-RAY DIFFRACTION' ? 
r_dihedral_angle_4_deg       13.223 15.000 ? 6    'X-RAY DIFFRACTION' ? 
r_chiral_restr               0.101  0.200  ? 157  'X-RAY DIFFRACTION' ? 
r_gen_planes_refined         0.007  0.020  ? 748  'X-RAY DIFFRACTION' ? 
r_gen_planes_other           ?      ?      ? ?    'X-RAY DIFFRACTION' ? 
r_nbd_refined                0.202  0.200  ? 486  'X-RAY DIFFRACTION' ? 
r_nbd_other                  ?      ?      ? ?    'X-RAY DIFFRACTION' ? 
r_nbtor_refined              0.297  0.200  ? 689  'X-RAY DIFFRACTION' ? 
r_nbtor_other                ?      ?      ? ?    'X-RAY DIFFRACTION' ? 
r_xyhbond_nbd_refined        0.155  0.200  ? 60   'X-RAY DIFFRACTION' ? 
r_xyhbond_nbd_other          ?      ?      ? ?    'X-RAY DIFFRACTION' ? 
r_metal_ion_refined          ?      ?      ? ?    'X-RAY DIFFRACTION' ? 
r_metal_ion_other            ?      ?      ? ?    'X-RAY DIFFRACTION' ? 
r_symmetry_vdw_refined       0.214  0.200  ? 44   'X-RAY DIFFRACTION' ? 
r_symmetry_vdw_other         ?      ?      ? ?    'X-RAY DIFFRACTION' ? 
r_symmetry_hbond_refined     0.223  0.200  ? 18   'X-RAY DIFFRACTION' ? 
r_symmetry_hbond_other       ?      ?      ? ?    'X-RAY DIFFRACTION' ? 
r_symmetry_metal_ion_refined ?      ?      ? ?    'X-RAY DIFFRACTION' ? 
r_symmetry_metal_ion_other   ?      ?      ? ?    'X-RAY DIFFRACTION' ? 
r_mcbond_it                  1.254  1.500  ? 650  'X-RAY DIFFRACTION' ? 
r_mcbond_other               ?      ?      ? ?    'X-RAY DIFFRACTION' ? 
r_mcangle_it                 1.558  2.000  ? 999  'X-RAY DIFFRACTION' ? 
r_scbond_it                  3.622  3.000  ? 375  'X-RAY DIFFRACTION' ? 
r_scangle_it                 4.779  4.500  ? 334  'X-RAY DIFFRACTION' ? 
r_rigid_bond_restr           ?      ?      ? ?    'X-RAY DIFFRACTION' ? 
r_sphericity_free            ?      ?      ? ?    'X-RAY DIFFRACTION' ? 
r_sphericity_bonded          ?      ?      ? ?    'X-RAY DIFFRACTION' ? 
# 
_refine_ls_shell.pdbx_total_number_of_bins_used   20 
_refine_ls_shell.d_res_high                       2.00 
_refine_ls_shell.d_res_low                        2.05 
_refine_ls_shell.number_reflns_R_work             663 
_refine_ls_shell.R_factor_R_work                  0.197 
_refine_ls_shell.percent_reflns_obs               99.00 
_refine_ls_shell.R_factor_R_free                  0.265 
_refine_ls_shell.R_factor_R_free_error            ? 
_refine_ls_shell.percent_reflns_R_free            ? 
_refine_ls_shell.number_reflns_R_free             31 
_refine_ls_shell.number_reflns_all                ? 
_refine_ls_shell.R_factor_all                     ? 
_refine_ls_shell.number_reflns_obs                ? 
_refine_ls_shell.redundancy_reflns_obs            ? 
_refine_ls_shell.pdbx_refine_id                   'X-RAY DIFFRACTION' 
# 
_struct.entry_id                  2I9C 
_struct.title                     'Crystal Structure of the Protein RPA1889 from Rhodopseudomonas palustris CGA009' 
_struct.pdbx_model_details        ? 
_struct.pdbx_CASP_flag            Y 
_struct.pdbx_model_type_details   ? 
# 
_struct_keywords.entry_id        2I9C 
_struct_keywords.pdbx_keywords   'STRUCTURAL GENOMICS, UNKNOWN FUNCTION' 
_struct_keywords.text            
'Structural Genomics, SAD, PSI-2, Protein Structure Initiative, Midwest Center for Structural Genomics, MCSG, UNKNOWN FUNCTION' 
# 
loop_
_struct_asym.id 
_struct_asym.pdbx_blank_PDB_chainid_flag 
_struct_asym.pdbx_modified 
_struct_asym.entity_id 
_struct_asym.details 
A N N 1 ? 
B N N 2 ? 
C N N 2 ? 
D N N 3 ? 
# 
_struct_ref.id                         1 
_struct_ref.db_name                    UNP 
_struct_ref.db_code                    Q6N8L4_RHOPA 
_struct_ref.pdbx_db_accession          Q6N8L4 
_struct_ref.entity_id                  1 
_struct_ref.pdbx_align_begin           1 
_struct_ref.pdbx_seq_one_letter_code   ? 
_struct_ref.pdbx_db_isoform            ? 
# 
_struct_ref_seq.align_id                      1 
_struct_ref_seq.ref_id                        1 
_struct_ref_seq.pdbx_PDB_id_code              2I9C 
_struct_ref_seq.pdbx_strand_id                A 
_struct_ref_seq.seq_align_beg                 1 
_struct_ref_seq.pdbx_seq_align_beg_ins_code   ? 
_struct_ref_seq.seq_align_end                 123 
_struct_ref_seq.pdbx_seq_align_end_ins_code   ? 
_struct_ref_seq.pdbx_db_accession             Q6N8L4 
_struct_ref_seq.db_align_beg                  1 
_struct_ref_seq.pdbx_db_align_beg_ins_code    ? 
_struct_ref_seq.db_align_end                  123 
_struct_ref_seq.pdbx_db_align_end_ins_code    ? 
_struct_ref_seq.pdbx_auth_seq_align_beg       1 
_struct_ref_seq.pdbx_auth_seq_align_end       123 
# 
loop_
_struct_ref_seq_dif.align_id 
_struct_ref_seq_dif.pdbx_pdb_id_code 
_struct_ref_seq_dif.mon_id 
_struct_ref_seq_dif.pdbx_pdb_strand_id 
_struct_ref_seq_dif.seq_num 
_struct_ref_seq_dif.pdbx_pdb_ins_code 
_struct_ref_seq_dif.pdbx_seq_db_name 
_struct_ref_seq_dif.pdbx_seq_db_accession_code 
_struct_ref_seq_dif.db_mon_id 
_struct_ref_seq_dif.pdbx_seq_db_seq_num 
_struct_ref_seq_dif.details 
_struct_ref_seq_dif.pdbx_auth_seq_num 
_struct_ref_seq_dif.pdbx_ordinal 
1 2I9C MSE A 1   ? UNP Q6N8L4 MET 1   'modified residue' 1   1 
1 2I9C MSE A 9   ? UNP Q6N8L4 MET 9   'modified residue' 9   2 
1 2I9C MSE A 44  ? UNP Q6N8L4 MET 44  'modified residue' 44  3 
1 2I9C MSE A 71  ? UNP Q6N8L4 MET 71  'modified residue' 71  4 
1 2I9C MSE A 110 ? UNP Q6N8L4 MET 110 'modified residue' 110 5 
# 
_pdbx_struct_assembly.id                   1 
_pdbx_struct_assembly.details              author_defined_assembly 
_pdbx_struct_assembly.method_details       ? 
_pdbx_struct_assembly.oligomeric_details   monomeric 
_pdbx_struct_assembly.oligomeric_count     1 
# 
_pdbx_struct_assembly_gen.assembly_id       1 
_pdbx_struct_assembly_gen.oper_expression   1 
_pdbx_struct_assembly_gen.asym_id_list      A,B,C,D 
# 
_pdbx_struct_oper_list.id                   1 
_pdbx_struct_oper_list.type                 'identity operation' 
_pdbx_struct_oper_list.name                 1_555 
_pdbx_struct_oper_list.symmetry_operation   x,y,z 
_pdbx_struct_oper_list.matrix[1][1]         1.0000000000 
_pdbx_struct_oper_list.matrix[1][2]         0.0000000000 
_pdbx_struct_oper_list.matrix[1][3]         0.0000000000 
_pdbx_struct_oper_list.vector[1]            0.0000000000 
_pdbx_struct_oper_list.matrix[2][1]         0.0000000000 
_pdbx_struct_oper_list.matrix[2][2]         1.0000000000 
_pdbx_struct_oper_list.matrix[2][3]         0.0000000000 
_pdbx_struct_oper_list.vector[2]            0.0000000000 
_pdbx_struct_oper_list.matrix[3][1]         0.0000000000 
_pdbx_struct_oper_list.matrix[3][2]         0.0000000000 
_pdbx_struct_oper_list.matrix[3][3]         1.0000000000 
_pdbx_struct_oper_list.vector[3]            0.0000000000 
# 
_struct_biol.id        1 
_struct_biol.details   ? 
# 
loop_
_struct_conf.conf_type_id 
_struct_conf.id 
_struct_conf.pdbx_PDB_helix_id 
_struct_conf.beg_label_comp_id 
_struct_conf.beg_label_asym_id 
_struct_conf.beg_label_seq_id 
_struct_conf.pdbx_beg_PDB_ins_code 
_struct_conf.end_label_comp_id 
_struct_conf.end_label_asym_id 
_struct_conf.end_label_seq_id 
_struct_conf.pdbx_end_PDB_ins_code 
_struct_conf.beg_auth_comp_id 
_struct_conf.beg_auth_asym_id 
_struct_conf.beg_auth_seq_id 
_struct_conf.end_auth_comp_id 
_struct_conf.end_auth_asym_id 
_struct_conf.end_auth_seq_id 
_struct_conf.pdbx_PDB_helix_class 
_struct_conf.details 
_struct_conf.pdbx_PDB_helix_length 
HELX_P HELX_P1 1 THR A 10  ? GLY A 31  ? THR A 10  GLY A 31  1 ? 22 
HELX_P HELX_P2 2 GLN A 33  ? ARG A 54  ? GLN A 33  ARG A 54  1 ? 22 
HELX_P HELX_P3 3 ASP A 57  ? TYR A 68  ? ASP A 57  TYR A 68  5 ? 12 
HELX_P HELX_P4 4 ASN A 70  ? LEU A 80  ? ASN A 70  LEU A 80  1 ? 11 
HELX_P HELX_P5 5 ALA A 85  ? LYS A 100 ? ALA A 85  LYS A 100 1 ? 16 
HELX_P HELX_P6 6 PRO A 103 ? GLY A 118 ? PRO A 103 GLY A 118 1 ? 16 
# 
_struct_conf_type.id          HELX_P 
_struct_conf_type.criteria    ? 
_struct_conf_type.reference   ? 
# 
loop_
_struct_conn.id 
_struct_conn.conn_type_id 
_struct_conn.pdbx_leaving_atom_flag 
_struct_conn.pdbx_PDB_id 
_struct_conn.ptnr1_label_asym_id 
_struct_conn.ptnr1_label_comp_id 
_struct_conn.ptnr1_label_seq_id 
_struct_conn.ptnr1_label_atom_id 
_struct_conn.pdbx_ptnr1_label_alt_id 
_struct_conn.pdbx_ptnr1_PDB_ins_code 
_struct_conn.pdbx_ptnr1_standard_comp_id 
_struct_conn.ptnr1_symmetry 
_struct_conn.ptnr2_label_asym_id 
_struct_conn.ptnr2_label_comp_id 
_struct_conn.ptnr2_label_seq_id 
_struct_conn.ptnr2_label_atom_id 
_struct_conn.pdbx_ptnr2_label_alt_id 
_struct_conn.pdbx_ptnr2_PDB_ins_code 
_struct_conn.ptnr1_auth_asym_id 
_struct_conn.ptnr1_auth_comp_id 
_struct_conn.ptnr1_auth_seq_id 
_struct_conn.ptnr2_auth_asym_id 
_struct_conn.ptnr2_auth_comp_id 
_struct_conn.ptnr2_auth_seq_id 
_struct_conn.ptnr2_symmetry 
_struct_conn.pdbx_ptnr3_label_atom_id 
_struct_conn.pdbx_ptnr3_label_seq_id 
_struct_conn.pdbx_ptnr3_label_comp_id 
_struct_conn.pdbx_ptnr3_label_asym_id 
_struct_conn.pdbx_ptnr3_label_alt_id 
_struct_conn.pdbx_ptnr3_PDB_ins_code 
_struct_conn.details 
_struct_conn.pdbx_dist_value 
_struct_conn.pdbx_value_order 
_struct_conn.pdbx_role 
covale1 covale both ? A GLN 8   C ? ? ? 1_555 A MSE 9   N ? ? A GLN 8   A MSE 9   1_555 ? ? ? ? ? ? ? 1.327 ? ? 
covale2 covale both ? A MSE 9   C ? ? ? 1_555 A THR 10  N ? ? A MSE 9   A THR 10  1_555 ? ? ? ? ? ? ? 1.334 ? ? 
covale3 covale both ? A VAL 43  C ? ? ? 1_555 A MSE 44  N ? ? A VAL 43  A MSE 44  1_555 ? ? ? ? ? ? ? 1.342 ? ? 
covale4 covale both ? A MSE 44  C ? ? ? 1_555 A ALA 45  N ? ? A MSE 44  A ALA 45  1_555 ? ? ? ? ? ? ? 1.337 ? ? 
covale5 covale both ? A ASN 70  C ? ? ? 1_555 A MSE 71  N ? ? A ASN 70  A MSE 71  1_555 ? ? ? ? ? ? ? 1.315 ? ? 
covale6 covale both ? A MSE 71  C ? ? ? 1_555 A GLN 72  N ? ? A MSE 71  A GLN 72  1_555 ? ? ? ? ? ? ? 1.326 ? ? 
covale7 covale both ? A GLY 109 C ? ? ? 1_555 A MSE 110 N ? ? A GLY 109 A MSE 110 1_555 ? ? ? ? ? ? ? 1.341 ? ? 
covale8 covale both ? A MSE 110 C ? ? ? 1_555 A CYS 111 N ? ? A MSE 110 A CYS 111 1_555 ? ? ? ? ? ? ? 1.341 ? ? 
# 
_struct_conn_type.id          covale 
_struct_conn_type.criteria    ? 
_struct_conn_type.reference   ? 
# 
loop_
_pdbx_modification_feature.ordinal 
_pdbx_modification_feature.label_comp_id 
_pdbx_modification_feature.label_asym_id 
_pdbx_modification_feature.label_seq_id 
_pdbx_modification_feature.label_alt_id 
_pdbx_modification_feature.modified_residue_label_comp_id 
_pdbx_modification_feature.modified_residue_label_asym_id 
_pdbx_modification_feature.modified_residue_label_seq_id 
_pdbx_modification_feature.modified_residue_label_alt_id 
_pdbx_modification_feature.auth_comp_id 
_pdbx_modification_feature.auth_asym_id 
_pdbx_modification_feature.auth_seq_id 
_pdbx_modification_feature.PDB_ins_code 
_pdbx_modification_feature.symmetry 
_pdbx_modification_feature.modified_residue_auth_comp_id 
_pdbx_modification_feature.modified_residue_auth_asym_id 
_pdbx_modification_feature.modified_residue_auth_seq_id 
_pdbx_modification_feature.modified_residue_PDB_ins_code 
_pdbx_modification_feature.modified_residue_symmetry 
_pdbx_modification_feature.comp_id_linking_atom 
_pdbx_modification_feature.modified_residue_id_linking_atom 
_pdbx_modification_feature.modified_residue_id 
_pdbx_modification_feature.ref_pcm_id 
_pdbx_modification_feature.ref_comp_id 
_pdbx_modification_feature.type 
_pdbx_modification_feature.category 
1 MSE A 9   ? . . . . MSE A 9   ? 1_555 . . . . . . . MET 1 MSE Selenomethionine 'Named protein modification' 
2 MSE A 44  ? . . . . MSE A 44  ? 1_555 . . . . . . . MET 1 MSE Selenomethionine 'Named protein modification' 
3 MSE A 71  ? . . . . MSE A 71  ? 1_555 . . . . . . . MET 1 MSE Selenomethionine 'Named protein modification' 
4 MSE A 110 ? . . . . MSE A 110 ? 1_555 . . . . . . . MET 1 MSE Selenomethionine 'Named protein modification' 
# 
_struct_mon_prot_cis.pdbx_id                1 
_struct_mon_prot_cis.label_comp_id          PHE 
_struct_mon_prot_cis.label_seq_id           102 
_struct_mon_prot_cis.label_asym_id          A 
_struct_mon_prot_cis.label_alt_id           . 
_struct_mon_prot_cis.pdbx_PDB_ins_code      ? 
_struct_mon_prot_cis.auth_comp_id           PHE 
_struct_mon_prot_cis.auth_seq_id            102 
_struct_mon_prot_cis.auth_asym_id           A 
_struct_mon_prot_cis.pdbx_label_comp_id_2   PRO 
_struct_mon_prot_cis.pdbx_label_seq_id_2    103 
_struct_mon_prot_cis.pdbx_label_asym_id_2   A 
_struct_mon_prot_cis.pdbx_PDB_ins_code_2    ? 
_struct_mon_prot_cis.pdbx_auth_comp_id_2    PRO 
_struct_mon_prot_cis.pdbx_auth_seq_id_2     103 
_struct_mon_prot_cis.pdbx_auth_asym_id_2    A 
_struct_mon_prot_cis.pdbx_PDB_model_num     1 
_struct_mon_prot_cis.pdbx_omega_angle       8.28 
# 
loop_
_struct_site.id 
_struct_site.pdbx_evidence_code 
_struct_site.pdbx_auth_asym_id 
_struct_site.pdbx_auth_comp_id 
_struct_site.pdbx_auth_seq_id 
_struct_site.pdbx_auth_ins_code 
_struct_site.pdbx_num_residues 
_struct_site.details 
AC1 Software A ACT 124 ? 7 'BINDING SITE FOR RESIDUE ACT A 124' 
AC2 Software A ACT 125 ? 4 'BINDING SITE FOR RESIDUE ACT A 125' 
# 
loop_
_struct_site_gen.id 
_struct_site_gen.site_id 
_struct_site_gen.pdbx_num_res 
_struct_site_gen.label_comp_id 
_struct_site_gen.label_asym_id 
_struct_site_gen.label_seq_id 
_struct_site_gen.pdbx_auth_ins_code 
_struct_site_gen.auth_comp_id 
_struct_site_gen.auth_asym_id 
_struct_site_gen.auth_seq_id 
_struct_site_gen.label_atom_id 
_struct_site_gen.label_alt_id 
_struct_site_gen.symmetry 
_struct_site_gen.details 
1  AC1 7 MSE A 71 ? MSE A 71 . ? 1_555 ? 
2  AC1 7 ARG A 74 ? ARG A 74 . ? 1_555 ? 
3  AC1 7 GLN A 92 ? GLN A 92 . ? 1_555 ? 
4  AC1 7 ALA A 95 ? ALA A 95 . ? 1_555 ? 
5  AC1 7 ILE A 96 ? ILE A 96 . ? 1_555 ? 
6  AC1 7 SER A 99 ? SER A 99 . ? 1_555 ? 
7  AC1 7 SER A 99 ? SER A 99 . ? 6_555 ? 
8  AC2 4 ALA A 85 ? ALA A 85 . ? 1_555 ? 
9  AC2 4 PRO A 86 ? PRO A 86 . ? 1_555 ? 
10 AC2 4 VAL A 87 ? VAL A 87 . ? 1_555 ? 
11 AC2 4 LYS A 88 ? LYS A 88 . ? 1_555 ? 
# 
_pdbx_entry_details.entry_id                   2I9C 
_pdbx_entry_details.compound_details           ? 
_pdbx_entry_details.source_details             ? 
_pdbx_entry_details.nonpolymer_details         ? 
_pdbx_entry_details.sequence_details           ? 
_pdbx_entry_details.has_ligand_of_interest     ? 
_pdbx_entry_details.has_protein_modification   Y 
# 
loop_
_pdbx_validate_torsion.id 
_pdbx_validate_torsion.PDB_model_num 
_pdbx_validate_torsion.auth_comp_id 
_pdbx_validate_torsion.auth_asym_id 
_pdbx_validate_torsion.auth_seq_id 
_pdbx_validate_torsion.PDB_ins_code 
_pdbx_validate_torsion.label_alt_id 
_pdbx_validate_torsion.phi 
_pdbx_validate_torsion.psi 
1 1 ASP A 57 ? ? 63.49   91.44 
2 1 ALA A 85 ? ? -152.29 68.51 
# 
_pdbx_validate_peptide_omega.id               1 
_pdbx_validate_peptide_omega.PDB_model_num    1 
_pdbx_validate_peptide_omega.auth_comp_id_1   PRO 
_pdbx_validate_peptide_omega.auth_asym_id_1   A 
_pdbx_validate_peptide_omega.auth_seq_id_1    122 
_pdbx_validate_peptide_omega.PDB_ins_code_1   ? 
_pdbx_validate_peptide_omega.label_alt_id_1   ? 
_pdbx_validate_peptide_omega.auth_comp_id_2   LYS 
_pdbx_validate_peptide_omega.auth_asym_id_2   A 
_pdbx_validate_peptide_omega.auth_seq_id_2    123 
_pdbx_validate_peptide_omega.PDB_ins_code_2   ? 
_pdbx_validate_peptide_omega.label_alt_id_2   ? 
_pdbx_validate_peptide_omega.omega            89.76 
# 
_pdbx_SG_project.id                    1 
_pdbx_SG_project.project_name          'PSI, Protein Structure Initiative' 
_pdbx_SG_project.full_name_of_center   'Midwest Center for Structural Genomics' 
_pdbx_SG_project.initial_of_center     MCSG 
# 
loop_
_pdbx_struct_mod_residue.id 
_pdbx_struct_mod_residue.label_asym_id 
_pdbx_struct_mod_residue.label_comp_id 
_pdbx_struct_mod_residue.label_seq_id 
_pdbx_struct_mod_residue.auth_asym_id 
_pdbx_struct_mod_residue.auth_comp_id 
_pdbx_struct_mod_residue.auth_seq_id 
_pdbx_struct_mod_residue.PDB_ins_code 
_pdbx_struct_mod_residue.parent_comp_id 
_pdbx_struct_mod_residue.details 
1 A MSE 9   A MSE 9   ? MET SELENOMETHIONINE 
2 A MSE 44  A MSE 44  ? MET SELENOMETHIONINE 
3 A MSE 71  A MSE 71  ? MET SELENOMETHIONINE 
4 A MSE 110 A MSE 110 ? MET SELENOMETHIONINE 
# 
loop_
_pdbx_struct_special_symmetry.id 
_pdbx_struct_special_symmetry.PDB_model_num 
_pdbx_struct_special_symmetry.auth_asym_id 
_pdbx_struct_special_symmetry.auth_comp_id 
_pdbx_struct_special_symmetry.auth_seq_id 
_pdbx_struct_special_symmetry.PDB_ins_code 
_pdbx_struct_special_symmetry.label_asym_id 
_pdbx_struct_special_symmetry.label_comp_id 
_pdbx_struct_special_symmetry.label_seq_id 
1 1 A HOH 160 ? D HOH . 
2 1 A HOH 164 ? D HOH . 
3 1 A HOH 170 ? D HOH . 
# 
_pdbx_refine_tls.id               1 
_pdbx_refine_tls.details          ? 
_pdbx_refine_tls.method           refined 
_pdbx_refine_tls.origin_x         -0.0227 
_pdbx_refine_tls.origin_y         0.3407 
_pdbx_refine_tls.origin_z         -0.4379 
_pdbx_refine_tls.T[1][1]          -0.0788 
_pdbx_refine_tls.T[2][2]          -0.1430 
_pdbx_refine_tls.T[3][3]          -0.0608 
_pdbx_refine_tls.T[1][2]          -0.0846 
_pdbx_refine_tls.T[1][3]          0.0256 
_pdbx_refine_tls.T[2][3]          0.0122 
_pdbx_refine_tls.L[1][1]          1.3834 
_pdbx_refine_tls.L[2][2]          2.2719 
_pdbx_refine_tls.L[3][3]          3.6110 
_pdbx_refine_tls.L[1][2]          -0.5598 
_pdbx_refine_tls.L[1][3]          -1.0276 
_pdbx_refine_tls.L[2][3]          0.6814 
_pdbx_refine_tls.S[1][1]          -0.2050 
_pdbx_refine_tls.S[1][2]          0.1360 
_pdbx_refine_tls.S[1][3]          -0.1293 
_pdbx_refine_tls.S[2][1]          0.1865 
_pdbx_refine_tls.S[2][2]          -0.0865 
_pdbx_refine_tls.S[2][3]          -0.0277 
_pdbx_refine_tls.S[3][1]          0.4405 
_pdbx_refine_tls.S[3][2]          -0.1640 
_pdbx_refine_tls.S[3][3]          0.2915 
_pdbx_refine_tls.pdbx_refine_id   'X-RAY DIFFRACTION' 
# 
_pdbx_refine_tls_group.id                  1 
_pdbx_refine_tls_group.refine_tls_id       1 
_pdbx_refine_tls_group.beg_auth_asym_id    A 
_pdbx_refine_tls_group.beg_auth_seq_id     4 
_pdbx_refine_tls_group.beg_label_asym_id   A 
_pdbx_refine_tls_group.beg_label_seq_id    4 
_pdbx_refine_tls_group.end_auth_asym_id    A 
_pdbx_refine_tls_group.end_auth_seq_id     123 
_pdbx_refine_tls_group.end_label_asym_id   A 
_pdbx_refine_tls_group.end_label_seq_id    123 
_pdbx_refine_tls_group.selection           ? 
_pdbx_refine_tls_group.pdbx_refine_id      'X-RAY DIFFRACTION' 
_pdbx_refine_tls_group.selection_details   ? 
# 
loop_
_pdbx_unobs_or_zero_occ_residues.id 
_pdbx_unobs_or_zero_occ_residues.PDB_model_num 
_pdbx_unobs_or_zero_occ_residues.polymer_flag 
_pdbx_unobs_or_zero_occ_residues.occupancy_flag 
_pdbx_unobs_or_zero_occ_residues.auth_asym_id 
_pdbx_unobs_or_zero_occ_residues.auth_comp_id 
_pdbx_unobs_or_zero_occ_residues.auth_seq_id 
_pdbx_unobs_or_zero_occ_residues.PDB_ins_code 
_pdbx_unobs_or_zero_occ_residues.label_asym_id 
_pdbx_unobs_or_zero_occ_residues.label_comp_id 
_pdbx_unobs_or_zero_occ_residues.label_seq_id 
1 1 Y 1 A MSE 1 ? A MSE 1 
2 1 Y 1 A SER 2 ? A SER 2 
# 
loop_
_chem_comp_atom.comp_id 
_chem_comp_atom.atom_id 
_chem_comp_atom.type_symbol 
_chem_comp_atom.pdbx_aromatic_flag 
_chem_comp_atom.pdbx_stereo_config 
_chem_comp_atom.pdbx_ordinal 
ACT C    C  N N 1   
ACT O    O  N N 2   
ACT OXT  O  N N 3   
ACT CH3  C  N N 4   
ACT H1   H  N N 5   
ACT H2   H  N N 6   
ACT H3   H  N N 7   
ALA N    N  N N 8   
ALA CA   C  N S 9   
ALA C    C  N N 10  
ALA O    O  N N 11  
ALA CB   C  N N 12  
ALA OXT  O  N N 13  
ALA H    H  N N 14  
ALA H2   H  N N 15  
ALA HA   H  N N 16  
ALA HB1  H  N N 17  
ALA HB2  H  N N 18  
ALA HB3  H  N N 19  
ALA HXT  H  N N 20  
ARG N    N  N N 21  
ARG CA   C  N S 22  
ARG C    C  N N 23  
ARG O    O  N N 24  
ARG CB   C  N N 25  
ARG CG   C  N N 26  
ARG CD   C  N N 27  
ARG NE   N  N N 28  
ARG CZ   C  N N 29  
ARG NH1  N  N N 30  
ARG NH2  N  N N 31  
ARG OXT  O  N N 32  
ARG H    H  N N 33  
ARG H2   H  N N 34  
ARG HA   H  N N 35  
ARG HB2  H  N N 36  
ARG HB3  H  N N 37  
ARG HG2  H  N N 38  
ARG HG3  H  N N 39  
ARG HD2  H  N N 40  
ARG HD3  H  N N 41  
ARG HE   H  N N 42  
ARG HH11 H  N N 43  
ARG HH12 H  N N 44  
ARG HH21 H  N N 45  
ARG HH22 H  N N 46  
ARG HXT  H  N N 47  
ASN N    N  N N 48  
ASN CA   C  N S 49  
ASN C    C  N N 50  
ASN O    O  N N 51  
ASN CB   C  N N 52  
ASN CG   C  N N 53  
ASN OD1  O  N N 54  
ASN ND2  N  N N 55  
ASN OXT  O  N N 56  
ASN H    H  N N 57  
ASN H2   H  N N 58  
ASN HA   H  N N 59  
ASN HB2  H  N N 60  
ASN HB3  H  N N 61  
ASN HD21 H  N N 62  
ASN HD22 H  N N 63  
ASN HXT  H  N N 64  
ASP N    N  N N 65  
ASP CA   C  N S 66  
ASP C    C  N N 67  
ASP O    O  N N 68  
ASP CB   C  N N 69  
ASP CG   C  N N 70  
ASP OD1  O  N N 71  
ASP OD2  O  N N 72  
ASP OXT  O  N N 73  
ASP H    H  N N 74  
ASP H2   H  N N 75  
ASP HA   H  N N 76  
ASP HB2  H  N N 77  
ASP HB3  H  N N 78  
ASP HD2  H  N N 79  
ASP HXT  H  N N 80  
CYS N    N  N N 81  
CYS CA   C  N R 82  
CYS C    C  N N 83  
CYS O    O  N N 84  
CYS CB   C  N N 85  
CYS SG   S  N N 86  
CYS OXT  O  N N 87  
CYS H    H  N N 88  
CYS H2   H  N N 89  
CYS HA   H  N N 90  
CYS HB2  H  N N 91  
CYS HB3  H  N N 92  
CYS HG   H  N N 93  
CYS HXT  H  N N 94  
GLN N    N  N N 95  
GLN CA   C  N S 96  
GLN C    C  N N 97  
GLN O    O  N N 98  
GLN CB   C  N N 99  
GLN CG   C  N N 100 
GLN CD   C  N N 101 
GLN OE1  O  N N 102 
GLN NE2  N  N N 103 
GLN OXT  O  N N 104 
GLN H    H  N N 105 
GLN H2   H  N N 106 
GLN HA   H  N N 107 
GLN HB2  H  N N 108 
GLN HB3  H  N N 109 
GLN HG2  H  N N 110 
GLN HG3  H  N N 111 
GLN HE21 H  N N 112 
GLN HE22 H  N N 113 
GLN HXT  H  N N 114 
GLU N    N  N N 115 
GLU CA   C  N S 116 
GLU C    C  N N 117 
GLU O    O  N N 118 
GLU CB   C  N N 119 
GLU CG   C  N N 120 
GLU CD   C  N N 121 
GLU OE1  O  N N 122 
GLU OE2  O  N N 123 
GLU OXT  O  N N 124 
GLU H    H  N N 125 
GLU H2   H  N N 126 
GLU HA   H  N N 127 
GLU HB2  H  N N 128 
GLU HB3  H  N N 129 
GLU HG2  H  N N 130 
GLU HG3  H  N N 131 
GLU HE2  H  N N 132 
GLU HXT  H  N N 133 
GLY N    N  N N 134 
GLY CA   C  N N 135 
GLY C    C  N N 136 
GLY O    O  N N 137 
GLY OXT  O  N N 138 
GLY H    H  N N 139 
GLY H2   H  N N 140 
GLY HA2  H  N N 141 
GLY HA3  H  N N 142 
GLY HXT  H  N N 143 
HIS N    N  N N 144 
HIS CA   C  N S 145 
HIS C    C  N N 146 
HIS O    O  N N 147 
HIS CB   C  N N 148 
HIS CG   C  Y N 149 
HIS ND1  N  Y N 150 
HIS CD2  C  Y N 151 
HIS CE1  C  Y N 152 
HIS NE2  N  Y N 153 
HIS OXT  O  N N 154 
HIS H    H  N N 155 
HIS H2   H  N N 156 
HIS HA   H  N N 157 
HIS HB2  H  N N 158 
HIS HB3  H  N N 159 
HIS HD1  H  N N 160 
HIS HD2  H  N N 161 
HIS HE1  H  N N 162 
HIS HE2  H  N N 163 
HIS HXT  H  N N 164 
HOH O    O  N N 165 
HOH H1   H  N N 166 
HOH H2   H  N N 167 
ILE N    N  N N 168 
ILE CA   C  N S 169 
ILE C    C  N N 170 
ILE O    O  N N 171 
ILE CB   C  N S 172 
ILE CG1  C  N N 173 
ILE CG2  C  N N 174 
ILE CD1  C  N N 175 
ILE OXT  O  N N 176 
ILE H    H  N N 177 
ILE H2   H  N N 178 
ILE HA   H  N N 179 
ILE HB   H  N N 180 
ILE HG12 H  N N 181 
ILE HG13 H  N N 182 
ILE HG21 H  N N 183 
ILE HG22 H  N N 184 
ILE HG23 H  N N 185 
ILE HD11 H  N N 186 
ILE HD12 H  N N 187 
ILE HD13 H  N N 188 
ILE HXT  H  N N 189 
LEU N    N  N N 190 
LEU CA   C  N S 191 
LEU C    C  N N 192 
LEU O    O  N N 193 
LEU CB   C  N N 194 
LEU CG   C  N N 195 
LEU CD1  C  N N 196 
LEU CD2  C  N N 197 
LEU OXT  O  N N 198 
LEU H    H  N N 199 
LEU H2   H  N N 200 
LEU HA   H  N N 201 
LEU HB2  H  N N 202 
LEU HB3  H  N N 203 
LEU HG   H  N N 204 
LEU HD11 H  N N 205 
LEU HD12 H  N N 206 
LEU HD13 H  N N 207 
LEU HD21 H  N N 208 
LEU HD22 H  N N 209 
LEU HD23 H  N N 210 
LEU HXT  H  N N 211 
LYS N    N  N N 212 
LYS CA   C  N S 213 
LYS C    C  N N 214 
LYS O    O  N N 215 
LYS CB   C  N N 216 
LYS CG   C  N N 217 
LYS CD   C  N N 218 
LYS CE   C  N N 219 
LYS NZ   N  N N 220 
LYS OXT  O  N N 221 
LYS H    H  N N 222 
LYS H2   H  N N 223 
LYS HA   H  N N 224 
LYS HB2  H  N N 225 
LYS HB3  H  N N 226 
LYS HG2  H  N N 227 
LYS HG3  H  N N 228 
LYS HD2  H  N N 229 
LYS HD3  H  N N 230 
LYS HE2  H  N N 231 
LYS HE3  H  N N 232 
LYS HZ1  H  N N 233 
LYS HZ2  H  N N 234 
LYS HZ3  H  N N 235 
LYS HXT  H  N N 236 
MET N    N  N N 237 
MET CA   C  N S 238 
MET C    C  N N 239 
MET O    O  N N 240 
MET CB   C  N N 241 
MET CG   C  N N 242 
MET SD   S  N N 243 
MET CE   C  N N 244 
MET OXT  O  N N 245 
MET H    H  N N 246 
MET H2   H  N N 247 
MET HA   H  N N 248 
MET HB2  H  N N 249 
MET HB3  H  N N 250 
MET HG2  H  N N 251 
MET HG3  H  N N 252 
MET HE1  H  N N 253 
MET HE2  H  N N 254 
MET HE3  H  N N 255 
MET HXT  H  N N 256 
MSE N    N  N N 257 
MSE CA   C  N S 258 
MSE C    C  N N 259 
MSE O    O  N N 260 
MSE OXT  O  N N 261 
MSE CB   C  N N 262 
MSE CG   C  N N 263 
MSE SE   SE N N 264 
MSE CE   C  N N 265 
MSE H    H  N N 266 
MSE H2   H  N N 267 
MSE HA   H  N N 268 
MSE HXT  H  N N 269 
MSE HB2  H  N N 270 
MSE HB3  H  N N 271 
MSE HG2  H  N N 272 
MSE HG3  H  N N 273 
MSE HE1  H  N N 274 
MSE HE2  H  N N 275 
MSE HE3  H  N N 276 
PHE N    N  N N 277 
PHE CA   C  N S 278 
PHE C    C  N N 279 
PHE O    O  N N 280 
PHE CB   C  N N 281 
PHE CG   C  Y N 282 
PHE CD1  C  Y N 283 
PHE CD2  C  Y N 284 
PHE CE1  C  Y N 285 
PHE CE2  C  Y N 286 
PHE CZ   C  Y N 287 
PHE OXT  O  N N 288 
PHE H    H  N N 289 
PHE H2   H  N N 290 
PHE HA   H  N N 291 
PHE HB2  H  N N 292 
PHE HB3  H  N N 293 
PHE HD1  H  N N 294 
PHE HD2  H  N N 295 
PHE HE1  H  N N 296 
PHE HE2  H  N N 297 
PHE HZ   H  N N 298 
PHE HXT  H  N N 299 
PRO N    N  N N 300 
PRO CA   C  N S 301 
PRO C    C  N N 302 
PRO O    O  N N 303 
PRO CB   C  N N 304 
PRO CG   C  N N 305 
PRO CD   C  N N 306 
PRO OXT  O  N N 307 
PRO H    H  N N 308 
PRO HA   H  N N 309 
PRO HB2  H  N N 310 
PRO HB3  H  N N 311 
PRO HG2  H  N N 312 
PRO HG3  H  N N 313 
PRO HD2  H  N N 314 
PRO HD3  H  N N 315 
PRO HXT  H  N N 316 
SER N    N  N N 317 
SER CA   C  N S 318 
SER C    C  N N 319 
SER O    O  N N 320 
SER CB   C  N N 321 
SER OG   O  N N 322 
SER OXT  O  N N 323 
SER H    H  N N 324 
SER H2   H  N N 325 
SER HA   H  N N 326 
SER HB2  H  N N 327 
SER HB3  H  N N 328 
SER HG   H  N N 329 
SER HXT  H  N N 330 
THR N    N  N N 331 
THR CA   C  N S 332 
THR C    C  N N 333 
THR O    O  N N 334 
THR CB   C  N R 335 
THR OG1  O  N N 336 
THR CG2  C  N N 337 
THR OXT  O  N N 338 
THR H    H  N N 339 
THR H2   H  N N 340 
THR HA   H  N N 341 
THR HB   H  N N 342 
THR HG1  H  N N 343 
THR HG21 H  N N 344 
THR HG22 H  N N 345 
THR HG23 H  N N 346 
THR HXT  H  N N 347 
TRP N    N  N N 348 
TRP CA   C  N S 349 
TRP C    C  N N 350 
TRP O    O  N N 351 
TRP CB   C  N N 352 
TRP CG   C  Y N 353 
TRP CD1  C  Y N 354 
TRP CD2  C  Y N 355 
TRP NE1  N  Y N 356 
TRP CE2  C  Y N 357 
TRP CE3  C  Y N 358 
TRP CZ2  C  Y N 359 
TRP CZ3  C  Y N 360 
TRP CH2  C  Y N 361 
TRP OXT  O  N N 362 
TRP H    H  N N 363 
TRP H2   H  N N 364 
TRP HA   H  N N 365 
TRP HB2  H  N N 366 
TRP HB3  H  N N 367 
TRP HD1  H  N N 368 
TRP HE1  H  N N 369 
TRP HE3  H  N N 370 
TRP HZ2  H  N N 371 
TRP HZ3  H  N N 372 
TRP HH2  H  N N 373 
TRP HXT  H  N N 374 
TYR N    N  N N 375 
TYR CA   C  N S 376 
TYR C    C  N N 377 
TYR O    O  N N 378 
TYR CB   C  N N 379 
TYR CG   C  Y N 380 
TYR CD1  C  Y N 381 
TYR CD2  C  Y N 382 
TYR CE1  C  Y N 383 
TYR CE2  C  Y N 384 
TYR CZ   C  Y N 385 
TYR OH   O  N N 386 
TYR OXT  O  N N 387 
TYR H    H  N N 388 
TYR H2   H  N N 389 
TYR HA   H  N N 390 
TYR HB2  H  N N 391 
TYR HB3  H  N N 392 
TYR HD1  H  N N 393 
TYR HD2  H  N N 394 
TYR HE1  H  N N 395 
TYR HE2  H  N N 396 
TYR HH   H  N N 397 
TYR HXT  H  N N 398 
VAL N    N  N N 399 
VAL CA   C  N S 400 
VAL C    C  N N 401 
VAL O    O  N N 402 
VAL CB   C  N N 403 
VAL CG1  C  N N 404 
VAL CG2  C  N N 405 
VAL OXT  O  N N 406 
VAL H    H  N N 407 
VAL H2   H  N N 408 
VAL HA   H  N N 409 
VAL HB   H  N N 410 
VAL HG11 H  N N 411 
VAL HG12 H  N N 412 
VAL HG13 H  N N 413 
VAL HG21 H  N N 414 
VAL HG22 H  N N 415 
VAL HG23 H  N N 416 
VAL HXT  H  N N 417 
# 
loop_
_chem_comp_bond.comp_id 
_chem_comp_bond.atom_id_1 
_chem_comp_bond.atom_id_2 
_chem_comp_bond.value_order 
_chem_comp_bond.pdbx_aromatic_flag 
_chem_comp_bond.pdbx_stereo_config 
_chem_comp_bond.pdbx_ordinal 
ACT C   O    doub N N 1   
ACT C   OXT  sing N N 2   
ACT C   CH3  sing N N 3   
ACT CH3 H1   sing N N 4   
ACT CH3 H2   sing N N 5   
ACT CH3 H3   sing N N 6   
ALA N   CA   sing N N 7   
ALA N   H    sing N N 8   
ALA N   H2   sing N N 9   
ALA CA  C    sing N N 10  
ALA CA  CB   sing N N 11  
ALA CA  HA   sing N N 12  
ALA C   O    doub N N 13  
ALA C   OXT  sing N N 14  
ALA CB  HB1  sing N N 15  
ALA CB  HB2  sing N N 16  
ALA CB  HB3  sing N N 17  
ALA OXT HXT  sing N N 18  
ARG N   CA   sing N N 19  
ARG N   H    sing N N 20  
ARG N   H2   sing N N 21  
ARG CA  C    sing N N 22  
ARG CA  CB   sing N N 23  
ARG CA  HA   sing N N 24  
ARG C   O    doub N N 25  
ARG C   OXT  sing N N 26  
ARG CB  CG   sing N N 27  
ARG CB  HB2  sing N N 28  
ARG CB  HB3  sing N N 29  
ARG CG  CD   sing N N 30  
ARG CG  HG2  sing N N 31  
ARG CG  HG3  sing N N 32  
ARG CD  NE   sing N N 33  
ARG CD  HD2  sing N N 34  
ARG CD  HD3  sing N N 35  
ARG NE  CZ   sing N N 36  
ARG NE  HE   sing N N 37  
ARG CZ  NH1  sing N N 38  
ARG CZ  NH2  doub N N 39  
ARG NH1 HH11 sing N N 40  
ARG NH1 HH12 sing N N 41  
ARG NH2 HH21 sing N N 42  
ARG NH2 HH22 sing N N 43  
ARG OXT HXT  sing N N 44  
ASN N   CA   sing N N 45  
ASN N   H    sing N N 46  
ASN N   H2   sing N N 47  
ASN CA  C    sing N N 48  
ASN CA  CB   sing N N 49  
ASN CA  HA   sing N N 50  
ASN C   O    doub N N 51  
ASN C   OXT  sing N N 52  
ASN CB  CG   sing N N 53  
ASN CB  HB2  sing N N 54  
ASN CB  HB3  sing N N 55  
ASN CG  OD1  doub N N 56  
ASN CG  ND2  sing N N 57  
ASN ND2 HD21 sing N N 58  
ASN ND2 HD22 sing N N 59  
ASN OXT HXT  sing N N 60  
ASP N   CA   sing N N 61  
ASP N   H    sing N N 62  
ASP N   H2   sing N N 63  
ASP CA  C    sing N N 64  
ASP CA  CB   sing N N 65  
ASP CA  HA   sing N N 66  
ASP C   O    doub N N 67  
ASP C   OXT  sing N N 68  
ASP CB  CG   sing N N 69  
ASP CB  HB2  sing N N 70  
ASP CB  HB3  sing N N 71  
ASP CG  OD1  doub N N 72  
ASP CG  OD2  sing N N 73  
ASP OD2 HD2  sing N N 74  
ASP OXT HXT  sing N N 75  
CYS N   CA   sing N N 76  
CYS N   H    sing N N 77  
CYS N   H2   sing N N 78  
CYS CA  C    sing N N 79  
CYS CA  CB   sing N N 80  
CYS CA  HA   sing N N 81  
CYS C   O    doub N N 82  
CYS C   OXT  sing N N 83  
CYS CB  SG   sing N N 84  
CYS CB  HB2  sing N N 85  
CYS CB  HB3  sing N N 86  
CYS SG  HG   sing N N 87  
CYS OXT HXT  sing N N 88  
GLN N   CA   sing N N 89  
GLN N   H    sing N N 90  
GLN N   H2   sing N N 91  
GLN CA  C    sing N N 92  
GLN CA  CB   sing N N 93  
GLN CA  HA   sing N N 94  
GLN C   O    doub N N 95  
GLN C   OXT  sing N N 96  
GLN CB  CG   sing N N 97  
GLN CB  HB2  sing N N 98  
GLN CB  HB3  sing N N 99  
GLN CG  CD   sing N N 100 
GLN CG  HG2  sing N N 101 
GLN CG  HG3  sing N N 102 
GLN CD  OE1  doub N N 103 
GLN CD  NE2  sing N N 104 
GLN NE2 HE21 sing N N 105 
GLN NE2 HE22 sing N N 106 
GLN OXT HXT  sing N N 107 
GLU N   CA   sing N N 108 
GLU N   H    sing N N 109 
GLU N   H2   sing N N 110 
GLU CA  C    sing N N 111 
GLU CA  CB   sing N N 112 
GLU CA  HA   sing N N 113 
GLU C   O    doub N N 114 
GLU C   OXT  sing N N 115 
GLU CB  CG   sing N N 116 
GLU CB  HB2  sing N N 117 
GLU CB  HB3  sing N N 118 
GLU CG  CD   sing N N 119 
GLU CG  HG2  sing N N 120 
GLU CG  HG3  sing N N 121 
GLU CD  OE1  doub N N 122 
GLU CD  OE2  sing N N 123 
GLU OE2 HE2  sing N N 124 
GLU OXT HXT  sing N N 125 
GLY N   CA   sing N N 126 
GLY N   H    sing N N 127 
GLY N   H2   sing N N 128 
GLY CA  C    sing N N 129 
GLY CA  HA2  sing N N 130 
GLY CA  HA3  sing N N 131 
GLY C   O    doub N N 132 
GLY C   OXT  sing N N 133 
GLY OXT HXT  sing N N 134 
HIS N   CA   sing N N 135 
HIS N   H    sing N N 136 
HIS N   H2   sing N N 137 
HIS CA  C    sing N N 138 
HIS CA  CB   sing N N 139 
HIS CA  HA   sing N N 140 
HIS C   O    doub N N 141 
HIS C   OXT  sing N N 142 
HIS CB  CG   sing N N 143 
HIS CB  HB2  sing N N 144 
HIS CB  HB3  sing N N 145 
HIS CG  ND1  sing Y N 146 
HIS CG  CD2  doub Y N 147 
HIS ND1 CE1  doub Y N 148 
HIS ND1 HD1  sing N N 149 
HIS CD2 NE2  sing Y N 150 
HIS CD2 HD2  sing N N 151 
HIS CE1 NE2  sing Y N 152 
HIS CE1 HE1  sing N N 153 
HIS NE2 HE2  sing N N 154 
HIS OXT HXT  sing N N 155 
HOH O   H1   sing N N 156 
HOH O   H2   sing N N 157 
ILE N   CA   sing N N 158 
ILE N   H    sing N N 159 
ILE N   H2   sing N N 160 
ILE CA  C    sing N N 161 
ILE CA  CB   sing N N 162 
ILE CA  HA   sing N N 163 
ILE C   O    doub N N 164 
ILE C   OXT  sing N N 165 
ILE CB  CG1  sing N N 166 
ILE CB  CG2  sing N N 167 
ILE CB  HB   sing N N 168 
ILE CG1 CD1  sing N N 169 
ILE CG1 HG12 sing N N 170 
ILE CG1 HG13 sing N N 171 
ILE CG2 HG21 sing N N 172 
ILE CG2 HG22 sing N N 173 
ILE CG2 HG23 sing N N 174 
ILE CD1 HD11 sing N N 175 
ILE CD1 HD12 sing N N 176 
ILE CD1 HD13 sing N N 177 
ILE OXT HXT  sing N N 178 
LEU N   CA   sing N N 179 
LEU N   H    sing N N 180 
LEU N   H2   sing N N 181 
LEU CA  C    sing N N 182 
LEU CA  CB   sing N N 183 
LEU CA  HA   sing N N 184 
LEU C   O    doub N N 185 
LEU C   OXT  sing N N 186 
LEU CB  CG   sing N N 187 
LEU CB  HB2  sing N N 188 
LEU CB  HB3  sing N N 189 
LEU CG  CD1  sing N N 190 
LEU CG  CD2  sing N N 191 
LEU CG  HG   sing N N 192 
LEU CD1 HD11 sing N N 193 
LEU CD1 HD12 sing N N 194 
LEU CD1 HD13 sing N N 195 
LEU CD2 HD21 sing N N 196 
LEU CD2 HD22 sing N N 197 
LEU CD2 HD23 sing N N 198 
LEU OXT HXT  sing N N 199 
LYS N   CA   sing N N 200 
LYS N   H    sing N N 201 
LYS N   H2   sing N N 202 
LYS CA  C    sing N N 203 
LYS CA  CB   sing N N 204 
LYS CA  HA   sing N N 205 
LYS C   O    doub N N 206 
LYS C   OXT  sing N N 207 
LYS CB  CG   sing N N 208 
LYS CB  HB2  sing N N 209 
LYS CB  HB3  sing N N 210 
LYS CG  CD   sing N N 211 
LYS CG  HG2  sing N N 212 
LYS CG  HG3  sing N N 213 
LYS CD  CE   sing N N 214 
LYS CD  HD2  sing N N 215 
LYS CD  HD3  sing N N 216 
LYS CE  NZ   sing N N 217 
LYS CE  HE2  sing N N 218 
LYS CE  HE3  sing N N 219 
LYS NZ  HZ1  sing N N 220 
LYS NZ  HZ2  sing N N 221 
LYS NZ  HZ3  sing N N 222 
LYS OXT HXT  sing N N 223 
MET N   CA   sing N N 224 
MET N   H    sing N N 225 
MET N   H2   sing N N 226 
MET CA  C    sing N N 227 
MET CA  CB   sing N N 228 
MET CA  HA   sing N N 229 
MET C   O    doub N N 230 
MET C   OXT  sing N N 231 
MET CB  CG   sing N N 232 
MET CB  HB2  sing N N 233 
MET CB  HB3  sing N N 234 
MET CG  SD   sing N N 235 
MET CG  HG2  sing N N 236 
MET CG  HG3  sing N N 237 
MET SD  CE   sing N N 238 
MET CE  HE1  sing N N 239 
MET CE  HE2  sing N N 240 
MET CE  HE3  sing N N 241 
MET OXT HXT  sing N N 242 
MSE N   CA   sing N N 243 
MSE N   H    sing N N 244 
MSE N   H2   sing N N 245 
MSE CA  C    sing N N 246 
MSE CA  CB   sing N N 247 
MSE CA  HA   sing N N 248 
MSE C   O    doub N N 249 
MSE C   OXT  sing N N 250 
MSE OXT HXT  sing N N 251 
MSE CB  CG   sing N N 252 
MSE CB  HB2  sing N N 253 
MSE CB  HB3  sing N N 254 
MSE CG  SE   sing N N 255 
MSE CG  HG2  sing N N 256 
MSE CG  HG3  sing N N 257 
MSE SE  CE   sing N N 258 
MSE CE  HE1  sing N N 259 
MSE CE  HE2  sing N N 260 
MSE CE  HE3  sing N N 261 
PHE N   CA   sing N N 262 
PHE N   H    sing N N 263 
PHE N   H2   sing N N 264 
PHE CA  C    sing N N 265 
PHE CA  CB   sing N N 266 
PHE CA  HA   sing N N 267 
PHE C   O    doub N N 268 
PHE C   OXT  sing N N 269 
PHE CB  CG   sing N N 270 
PHE CB  HB2  sing N N 271 
PHE CB  HB3  sing N N 272 
PHE CG  CD1  doub Y N 273 
PHE CG  CD2  sing Y N 274 
PHE CD1 CE1  sing Y N 275 
PHE CD1 HD1  sing N N 276 
PHE CD2 CE2  doub Y N 277 
PHE CD2 HD2  sing N N 278 
PHE CE1 CZ   doub Y N 279 
PHE CE1 HE1  sing N N 280 
PHE CE2 CZ   sing Y N 281 
PHE CE2 HE2  sing N N 282 
PHE CZ  HZ   sing N N 283 
PHE OXT HXT  sing N N 284 
PRO N   CA   sing N N 285 
PRO N   CD   sing N N 286 
PRO N   H    sing N N 287 
PRO CA  C    sing N N 288 
PRO CA  CB   sing N N 289 
PRO CA  HA   sing N N 290 
PRO C   O    doub N N 291 
PRO C   OXT  sing N N 292 
PRO CB  CG   sing N N 293 
PRO CB  HB2  sing N N 294 
PRO CB  HB3  sing N N 295 
PRO CG  CD   sing N N 296 
PRO CG  HG2  sing N N 297 
PRO CG  HG3  sing N N 298 
PRO CD  HD2  sing N N 299 
PRO CD  HD3  sing N N 300 
PRO OXT HXT  sing N N 301 
SER N   CA   sing N N 302 
SER N   H    sing N N 303 
SER N   H2   sing N N 304 
SER CA  C    sing N N 305 
SER CA  CB   sing N N 306 
SER CA  HA   sing N N 307 
SER C   O    doub N N 308 
SER C   OXT  sing N N 309 
SER CB  OG   sing N N 310 
SER CB  HB2  sing N N 311 
SER CB  HB3  sing N N 312 
SER OG  HG   sing N N 313 
SER OXT HXT  sing N N 314 
THR N   CA   sing N N 315 
THR N   H    sing N N 316 
THR N   H2   sing N N 317 
THR CA  C    sing N N 318 
THR CA  CB   sing N N 319 
THR CA  HA   sing N N 320 
THR C   O    doub N N 321 
THR C   OXT  sing N N 322 
THR CB  OG1  sing N N 323 
THR CB  CG2  sing N N 324 
THR CB  HB   sing N N 325 
THR OG1 HG1  sing N N 326 
THR CG2 HG21 sing N N 327 
THR CG2 HG22 sing N N 328 
THR CG2 HG23 sing N N 329 
THR OXT HXT  sing N N 330 
TRP N   CA   sing N N 331 
TRP N   H    sing N N 332 
TRP N   H2   sing N N 333 
TRP CA  C    sing N N 334 
TRP CA  CB   sing N N 335 
TRP CA  HA   sing N N 336 
TRP C   O    doub N N 337 
TRP C   OXT  sing N N 338 
TRP CB  CG   sing N N 339 
TRP CB  HB2  sing N N 340 
TRP CB  HB3  sing N N 341 
TRP CG  CD1  doub Y N 342 
TRP CG  CD2  sing Y N 343 
TRP CD1 NE1  sing Y N 344 
TRP CD1 HD1  sing N N 345 
TRP CD2 CE2  doub Y N 346 
TRP CD2 CE3  sing Y N 347 
TRP NE1 CE2  sing Y N 348 
TRP NE1 HE1  sing N N 349 
TRP CE2 CZ2  sing Y N 350 
TRP CE3 CZ3  doub Y N 351 
TRP CE3 HE3  sing N N 352 
TRP CZ2 CH2  doub Y N 353 
TRP CZ2 HZ2  sing N N 354 
TRP CZ3 CH2  sing Y N 355 
TRP CZ3 HZ3  sing N N 356 
TRP CH2 HH2  sing N N 357 
TRP OXT HXT  sing N N 358 
TYR N   CA   sing N N 359 
TYR N   H    sing N N 360 
TYR N   H2   sing N N 361 
TYR CA  C    sing N N 362 
TYR CA  CB   sing N N 363 
TYR CA  HA   sing N N 364 
TYR C   O    doub N N 365 
TYR C   OXT  sing N N 366 
TYR CB  CG   sing N N 367 
TYR CB  HB2  sing N N 368 
TYR CB  HB3  sing N N 369 
TYR CG  CD1  doub Y N 370 
TYR CG  CD2  sing Y N 371 
TYR CD1 CE1  sing Y N 372 
TYR CD1 HD1  sing N N 373 
TYR CD2 CE2  doub Y N 374 
TYR CD2 HD2  sing N N 375 
TYR CE1 CZ   doub Y N 376 
TYR CE1 HE1  sing N N 377 
TYR CE2 CZ   sing Y N 378 
TYR CE2 HE2  sing N N 379 
TYR CZ  OH   sing N N 380 
TYR OH  HH   sing N N 381 
TYR OXT HXT  sing N N 382 
VAL N   CA   sing N N 383 
VAL N   H    sing N N 384 
VAL N   H2   sing N N 385 
VAL CA  C    sing N N 386 
VAL CA  CB   sing N N 387 
VAL CA  HA   sing N N 388 
VAL C   O    doub N N 389 
VAL C   OXT  sing N N 390 
VAL CB  CG1  sing N N 391 
VAL CB  CG2  sing N N 392 
VAL CB  HB   sing N N 393 
VAL CG1 HG11 sing N N 394 
VAL CG1 HG12 sing N N 395 
VAL CG1 HG13 sing N N 396 
VAL CG2 HG21 sing N N 397 
VAL CG2 HG22 sing N N 398 
VAL CG2 HG23 sing N N 399 
VAL OXT HXT  sing N N 400 
# 
_atom_sites.entry_id                    2I9C 
_atom_sites.fract_transf_matrix[1][1]   -0.00756437 
_atom_sites.fract_transf_matrix[1][2]   -0.01208272 
_atom_sites.fract_transf_matrix[1][3]   0.00397790 
_atom_sites.fract_transf_matrix[2][1]   0.00577261 
_atom_sites.fract_transf_matrix[2][2]   -0.00944335 
_atom_sites.fract_transf_matrix[2][3]   0.00982548 
_atom_sites.fract_transf_matrix[3][1]   -0.01097572 
_atom_sites.fract_transf_matrix[3][2]   0.01315759 
_atom_sites.fract_transf_matrix[3][3]   0.01909425 
_atom_sites.fract_transf_vector[1]      0.160758 
_atom_sites.fract_transf_vector[2]      0.680977 
_atom_sites.fract_transf_vector[3]      0.078284 
# 
loop_
_atom_type.symbol 
C  
N  
O  
S  
SE 
# 
loop_
_atom_site.group_PDB 
_atom_site.id 
_atom_site.type_symbol 
_atom_site.label_atom_id 
_atom_site.label_alt_id 
_atom_site.label_comp_id 
_atom_site.label_asym_id 
_atom_site.label_entity_id 
_atom_site.label_seq_id 
_atom_site.pdbx_PDB_ins_code 
_atom_site.Cartn_x 
_atom_site.Cartn_y 
_atom_site.Cartn_z 
_atom_site.occupancy 
_atom_site.B_iso_or_equiv 
_atom_site.pdbx_formal_charge 
_atom_site.auth_seq_id 
_atom_site.auth_comp_id 
_atom_site.auth_asym_id 
_atom_site.auth_atom_id 
_atom_site.pdbx_PDB_model_num 
ATOM   1    N  N   . LYS A 1 3   ? -12.218 -5.753  -11.668 1.00 58.27 ? 3   LYS A N   1 
ATOM   2    C  CA  . LYS A 1 3   ? -11.754 -7.081  -12.187 1.00 57.48 ? 3   LYS A CA  1 
ATOM   3    C  C   . LYS A 1 3   ? -11.013 -6.882  -13.514 1.00 56.92 ? 3   LYS A C   1 
ATOM   4    O  O   . LYS A 1 3   ? -11.595 -7.046  -14.578 1.00 57.48 ? 3   LYS A O   1 
ATOM   5    C  CB  . LYS A 1 3   ? -12.963 -7.997  -12.346 1.00 57.94 ? 3   LYS A CB  1 
ATOM   6    N  N   . LEU A 1 4   ? -9.728  -6.513  -13.447 1.00 56.12 ? 4   LEU A N   1 
ATOM   7    C  CA  . LEU A 1 4   ? -8.977  -5.968  -14.609 1.00 55.14 ? 4   LEU A CA  1 
ATOM   8    C  C   . LEU A 1 4   ? -7.864  -6.862  -15.150 1.00 54.64 ? 4   LEU A C   1 
ATOM   9    O  O   . LEU A 1 4   ? -7.159  -7.519  -14.378 1.00 55.08 ? 4   LEU A O   1 
ATOM   10   C  CB  . LEU A 1 4   ? -8.309  -4.637  -14.233 1.00 54.94 ? 4   LEU A CB  1 
ATOM   11   C  CG  . LEU A 1 4   ? -9.111  -3.394  -13.867 1.00 55.05 ? 4   LEU A CG  1 
ATOM   12   C  CD1 . LEU A 1 4   ? -8.221  -2.482  -13.053 1.00 53.09 ? 4   LEU A CD1 1 
ATOM   13   C  CD2 . LEU A 1 4   ? -9.650  -2.686  -15.124 1.00 55.11 ? 4   LEU A CD2 1 
ATOM   14   N  N   . ASP A 1 5   ? -7.675  -6.839  -16.466 1.00 53.36 ? 5   ASP A N   1 
ATOM   15   C  CA  . ASP A 1 5   ? -6.456  -7.393  -17.075 1.00 52.43 ? 5   ASP A CA  1 
ATOM   16   C  C   . ASP A 1 5   ? -5.327  -6.330  -17.142 1.00 50.76 ? 5   ASP A C   1 
ATOM   17   O  O   . ASP A 1 5   ? -5.384  -5.365  -17.925 1.00 50.59 ? 5   ASP A O   1 
ATOM   18   C  CB  . ASP A 1 5   ? -6.764  -7.994  -18.464 1.00 52.96 ? 5   ASP A CB  1 
ATOM   19   C  CG  . ASP A 1 5   ? -5.499  -8.404  -19.241 1.00 55.54 ? 5   ASP A CG  1 
ATOM   20   O  OD1 . ASP A 1 5   ? -4.396  -8.450  -18.639 1.00 56.05 ? 5   ASP A OD1 1 
ATOM   21   O  OD2 . ASP A 1 5   ? -5.610  -8.677  -20.468 1.00 57.86 ? 5   ASP A OD2 1 
ATOM   22   N  N   . LEU A 1 6   ? -4.295  -6.530  -16.319 1.00 48.56 ? 6   LEU A N   1 
ATOM   23   C  CA  . LEU A 1 6   ? -3.187  -5.571  -16.165 1.00 45.67 ? 6   LEU A CA  1 
ATOM   24   C  C   . LEU A 1 6   ? -1.908  -6.204  -16.655 1.00 45.00 ? 6   LEU A C   1 
ATOM   25   O  O   . LEU A 1 6   ? -0.829  -5.622  -16.584 1.00 43.14 ? 6   LEU A O   1 
ATOM   26   C  CB  . LEU A 1 6   ? -3.038  -5.207  -14.694 1.00 44.79 ? 6   LEU A CB  1 
ATOM   27   C  CG  . LEU A 1 6   ? -4.266  -4.498  -14.167 1.00 43.73 ? 6   LEU A CG  1 
ATOM   28   C  CD1 . LEU A 1 6   ? -4.238  -4.445  -12.658 1.00 43.15 ? 6   LEU A CD1 1 
ATOM   29   C  CD2 . LEU A 1 6   ? -4.367  -3.118  -14.792 1.00 41.06 ? 6   LEU A CD2 1 
ATOM   30   N  N   . HIS A 1 7   ? -2.068  -7.412  -17.182 1.00 44.23 ? 7   HIS A N   1 
ATOM   31   C  CA  . HIS A 1 7   ? -0.983  -8.274  -17.598 1.00 44.34 ? 7   HIS A CA  1 
ATOM   32   C  C   . HIS A 1 7   ? -0.145  -7.646  -18.696 1.00 43.29 ? 7   HIS A C   1 
ATOM   33   O  O   . HIS A 1 7   ? 1.016   -8.010  -18.875 1.00 42.48 ? 7   HIS A O   1 
ATOM   34   C  CB  . HIS A 1 7   ? -1.585  -9.612  -18.083 1.00 45.21 ? 7   HIS A CB  1 
ATOM   35   C  CG  . HIS A 1 7   ? -0.592  -10.719 -18.192 1.00 48.98 ? 7   HIS A CG  1 
ATOM   36   N  ND1 . HIS A 1 7   ? -0.508  -11.733 -17.262 1.00 53.33 ? 7   HIS A ND1 1 
ATOM   37   C  CD2 . HIS A 1 7   ? 0.366   -10.971 -19.118 1.00 53.29 ? 7   HIS A CD2 1 
ATOM   38   C  CE1 . HIS A 1 7   ? 0.446   -12.574 -17.619 1.00 55.12 ? 7   HIS A CE1 1 
ATOM   39   N  NE2 . HIS A 1 7   ? 1.001   -12.129 -18.737 1.00 56.62 ? 7   HIS A NE2 1 
ATOM   40   N  N   . GLN A 1 8   ? -0.742  -6.704  -19.428 1.00 43.10 ? 8   GLN A N   1 
ATOM   41   C  CA  . GLN A 1 8   ? -0.084  -6.067  -20.576 1.00 43.31 ? 8   GLN A CA  1 
ATOM   42   C  C   . GLN A 1 8   ? 0.644   -4.769  -20.217 1.00 42.75 ? 8   GLN A C   1 
ATOM   43   O  O   . GLN A 1 8   ? 1.322   -4.172  -21.046 1.00 41.74 ? 8   GLN A O   1 
ATOM   44   C  CB  . GLN A 1 8   ? -1.083  -5.835  -21.734 1.00 43.62 ? 8   GLN A CB  1 
ATOM   45   C  CG  . GLN A 1 8   ? -1.622  -7.116  -22.326 1.00 45.86 ? 8   GLN A CG  1 
ATOM   46   C  CD  . GLN A 1 8   ? -0.516  -8.138  -22.517 1.00 49.05 ? 8   GLN A CD  1 
ATOM   47   O  OE1 . GLN A 1 8   ? 0.524   -7.853  -23.138 1.00 50.65 ? 8   GLN A OE1 1 
ATOM   48   N  NE2 . GLN A 1 8   ? -0.725  -9.333  -21.965 1.00 49.50 ? 8   GLN A NE2 1 
HETATM 49   N  N   . MSE A 1 9   ? 0.486   -4.340  -18.971 1.00 42.05 ? 9   MSE A N   1 
HETATM 50   C  CA  . MSE A 1 9   ? 1.091   -3.100  -18.516 1.00 43.26 ? 9   MSE A CA  1 
HETATM 51   C  C   . MSE A 1 9   ? 2.513   -3.312  -18.063 1.00 38.60 ? 9   MSE A C   1 
HETATM 52   O  O   . MSE A 1 9   ? 2.822   -4.360  -17.491 1.00 37.87 ? 9   MSE A O   1 
HETATM 53   C  CB  . MSE A 1 9   ? 0.265   -2.509  -17.385 1.00 42.01 ? 9   MSE A CB  1 
HETATM 54   C  CG  . MSE A 1 9   ? -0.879  -1.658  -17.894 1.00 43.62 ? 9   MSE A CG  1 
HETATM 55   SE SE  . MSE A 1 9   ? -1.847  -0.774  -16.402 1.00 58.74 ? 9   MSE A SE  1 
HETATM 56   C  CE  . MSE A 1 9   ? -0.485  0.026   -15.550 1.00 24.25 ? 9   MSE A CE  1 
ATOM   57   N  N   . THR A 1 10  ? 3.380   -2.335  -18.332 1.00 35.94 ? 10  THR A N   1 
ATOM   58   C  CA  . THR A 1 10  ? 4.765   -2.412  -17.868 1.00 32.38 ? 10  THR A CA  1 
ATOM   59   C  C   . THR A 1 10  ? 4.793   -2.238  -16.357 1.00 31.91 ? 10  THR A C   1 
ATOM   60   O  O   . THR A 1 10  ? 3.919   -1.641  -15.782 1.00 31.01 ? 10  THR A O   1 
ATOM   61   C  CB  . THR A 1 10  ? 5.733   -1.376  -18.507 1.00 32.55 ? 10  THR A CB  1 
ATOM   62   O  OG1 . THR A 1 10  ? 5.387   -0.060  -18.098 1.00 29.27 ? 10  THR A OG1 1 
ATOM   63   C  CG2 . THR A 1 10  ? 5.779   -1.472  -20.053 1.00 30.88 ? 10  THR A CG2 1 
ATOM   64   N  N   . THR A 1 11  ? 5.798   -2.806  -15.721 1.00 31.58 ? 11  THR A N   1 
ATOM   65   C  CA  . THR A 1 11  ? 6.005   -2.653  -14.284 1.00 31.64 ? 11  THR A CA  1 
ATOM   66   C  C   . THR A 1 11  ? 6.093   -1.182  -13.844 1.00 30.41 ? 11  THR A C   1 
ATOM   67   O  O   . THR A 1 11  ? 5.457   -0.803  -12.856 1.00 30.12 ? 11  THR A O   1 
ATOM   68   C  CB  . THR A 1 11  ? 7.233   -3.512  -13.847 1.00 31.44 ? 11  THR A CB  1 
ATOM   69   O  OG1 . THR A 1 11  ? 6.854   -4.900  -13.992 1.00 35.10 ? 11  THR A OG1 1 
ATOM   70   C  CG2 . THR A 1 11  ? 7.657   -3.176  -12.418 1.00 30.34 ? 11  THR A CG2 1 
ATOM   71   N  N   . GLN A 1 12  ? 6.788   -0.328  -14.594 1.00 29.81 ? 12  GLN A N   1 
ATOM   72   C  CA  . GLN A 1 12  ? 6.800   1.098   -14.257 1.00 29.61 ? 12  GLN A CA  1 
ATOM   73   C  C   . GLN A 1 12  ? 5.451   1.768   -14.313 1.00 28.97 ? 12  GLN A C   1 
ATOM   74   O  O   . GLN A 1 12  ? 5.144   2.651   -13.477 1.00 28.94 ? 12  GLN A O   1 
ATOM   75   C  CB  . GLN A 1 12  ? 7.758   1.919   -15.139 1.00 30.86 ? 12  GLN A CB  1 
ATOM   76   C  CG  . GLN A 1 12  ? 9.186   1.837   -14.752 1.00 35.81 ? 12  GLN A CG  1 
ATOM   77   C  CD  . GLN A 1 12  ? 9.479   2.294   -13.310 1.00 34.61 ? 12  GLN A CD  1 
ATOM   78   O  OE1 . GLN A 1 12  ? 8.873   3.227   -12.776 1.00 37.28 ? 12  GLN A OE1 1 
ATOM   79   N  NE2 . GLN A 1 12  ? 10.428  1.611   -12.680 1.00 43.03 ? 12  GLN A NE2 1 
ATOM   80   N  N   . ASP A 1 13  ? 4.673   1.409   -15.335 1.00 27.98 ? 13  ASP A N   1 
ATOM   81   C  CA  . ASP A 1 13  ? 3.306   1.944   -15.480 1.00 28.94 ? 13  ASP A CA  1 
ATOM   82   C  C   . ASP A 1 13  ? 2.407   1.499   -14.329 1.00 29.17 ? 13  ASP A C   1 
ATOM   83   O  O   . ASP A 1 13  ? 1.578   2.280   -13.862 1.00 30.15 ? 13  ASP A O   1 
ATOM   84   C  CB  . ASP A 1 13  ? 2.652   1.517   -16.815 1.00 27.23 ? 13  ASP A CB  1 
ATOM   85   C  CG  . ASP A 1 13  ? 3.117   2.366   -18.015 1.00 31.24 ? 13  ASP A CG  1 
ATOM   86   O  OD1 . ASP A 1 13  ? 3.745   3.437   -17.807 1.00 30.18 ? 13  ASP A OD1 1 
ATOM   87   O  OD2 . ASP A 1 13  ? 2.851   1.952   -19.190 1.00 29.99 ? 13  ASP A OD2 1 
ATOM   88   N  N   . LEU A 1 14  ? 2.557   0.244   -13.903 1.00 28.94 ? 14  LEU A N   1 
ATOM   89   C  CA  . LEU A 1 14  ? 1.865   -0.275  -12.695 1.00 28.36 ? 14  LEU A CA  1 
ATOM   90   C  C   . LEU A 1 14  ? 2.199   0.528   -11.414 1.00 28.19 ? 14  LEU A C   1 
ATOM   91   O  O   . LEU A 1 14  ? 1.294   0.856   -10.605 1.00 28.28 ? 14  LEU A O   1 
ATOM   92   C  CB  . LEU A 1 14  ? 2.164   -1.777  -12.512 1.00 27.17 ? 14  LEU A CB  1 
ATOM   93   C  CG  . LEU A 1 14  ? 1.487   -2.695  -13.565 1.00 27.87 ? 14  LEU A CG  1 
ATOM   94   C  CD1 . LEU A 1 14  ? 2.113   -4.035  -13.556 1.00 26.92 ? 14  LEU A CD1 1 
ATOM   95   C  CD2 . LEU A 1 14  ? -0.041  -2.819  -13.316 1.00 26.80 ? 14  LEU A CD2 1 
ATOM   96   N  N   . VAL A 1 15  ? 3.479   0.814   -11.203 1.00 27.45 ? 15  VAL A N   1 
ATOM   97   C  CA  . VAL A 1 15  ? 3.874   1.656   -10.053 1.00 27.69 ? 15  VAL A CA  1 
ATOM   98   C  C   . VAL A 1 15  ? 3.229   3.048   -10.112 1.00 26.74 ? 15  VAL A C   1 
ATOM   99   O  O   . VAL A 1 15  ? 2.711   3.549   -9.105  1.00 26.34 ? 15  VAL A O   1 
ATOM   100  C  CB  . VAL A 1 15  ? 5.419   1.747   -9.872  1.00 28.28 ? 15  VAL A CB  1 
ATOM   101  C  CG1 . VAL A 1 15  ? 5.776   2.655   -8.689  1.00 28.52 ? 15  VAL A CG1 1 
ATOM   102  C  CG2 . VAL A 1 15  ? 5.978   0.367   -9.558  1.00 29.26 ? 15  VAL A CG2 1 
ATOM   103  N  N   . ALA A 1 16  ? 3.270   3.671   -11.299 1.00 26.57 ? 16  ALA A N   1 
ATOM   104  C  CA  . ALA A 1 16  ? 2.719   5.010   -11.465 1.00 26.60 ? 16  ALA A CA  1 
ATOM   105  C  C   . ALA A 1 16  ? 1.212   4.908   -11.220 1.00 26.99 ? 16  ALA A C   1 
ATOM   106  O  O   . ALA A 1 16  ? 0.634   5.779   -10.597 1.00 26.14 ? 16  ALA A O   1 
ATOM   107  C  CB  . ALA A 1 16  ? 3.022   5.597   -12.890 1.00 25.59 ? 16  ALA A CB  1 
ATOM   108  N  N   . LEU A 1 17  ? 0.556   3.863   -11.755 1.00 27.73 ? 17  LEU A N   1 
ATOM   109  C  CA  . LEU A 1 17  ? -0.906  3.776   -11.570 1.00 27.54 ? 17  LEU A CA  1 
ATOM   110  C  C   . LEU A 1 17  ? -1.254  3.470   -10.096 1.00 27.22 ? 17  LEU A C   1 
ATOM   111  O  O   . LEU A 1 17  ? -2.219  3.994   -9.560  1.00 26.07 ? 17  LEU A O   1 
ATOM   112  C  CB  . LEU A 1 17  ? -1.522  2.726   -12.505 1.00 27.40 ? 17  LEU A CB  1 
ATOM   113  C  CG  . LEU A 1 17  ? -3.048  2.611   -12.459 1.00 26.09 ? 17  LEU A CG  1 
ATOM   114  C  CD1 . LEU A 1 17  ? -3.723  3.939   -13.024 1.00 27.21 ? 17  LEU A CD1 1 
ATOM   115  C  CD2 . LEU A 1 17  ? -3.484  1.345   -13.287 1.00 27.94 ? 17  LEU A CD2 1 
ATOM   116  N  N   . PHE A 1 18  ? -0.460  2.622   -9.455  1.00 27.38 ? 18  PHE A N   1 
ATOM   117  C  CA  . PHE A 1 18  ? -0.627  2.368   -8.023  1.00 28.15 ? 18  PHE A CA  1 
ATOM   118  C  C   . PHE A 1 18  ? -0.640  3.723   -7.262  1.00 28.21 ? 18  PHE A C   1 
ATOM   119  O  O   . PHE A 1 18  ? -1.498  3.954   -6.405  1.00 27.99 ? 18  PHE A O   1 
ATOM   120  C  CB  . PHE A 1 18  ? 0.514   1.469   -7.511  1.00 27.65 ? 18  PHE A CB  1 
ATOM   121  C  CG  . PHE A 1 18  ? 0.396   1.083   -6.030  1.00 29.25 ? 18  PHE A CG  1 
ATOM   122  C  CD1 . PHE A 1 18  ? -0.088  -0.174  -5.651  1.00 29.84 ? 18  PHE A CD1 1 
ATOM   123  C  CD2 . PHE A 1 18  ? 0.778   1.979   -5.038  1.00 31.73 ? 18  PHE A CD2 1 
ATOM   124  C  CE1 . PHE A 1 18  ? -0.167  -0.533  -4.297  1.00 28.50 ? 18  PHE A CE1 1 
ATOM   125  C  CE2 . PHE A 1 18  ? 0.697   1.654   -3.691  1.00 27.28 ? 18  PHE A CE2 1 
ATOM   126  C  CZ  . PHE A 1 18  ? 0.229   0.393   -3.320  1.00 29.06 ? 18  PHE A CZ  1 
ATOM   127  N  N   . ALA A 1 19  ? 0.331   4.597   -7.524  1.00 26.82 ? 19  ALA A N   1 
ATOM   128  C  CA  . ALA A 1 19  ? 0.361   5.866   -6.799  1.00 27.27 ? 19  ALA A CA  1 
ATOM   129  C  C   . ALA A 1 19  ? -0.866  6.758   -7.117  1.00 27.72 ? 19  ALA A C   1 
ATOM   130  O  O   . ALA A 1 19  ? -1.429  7.395   -6.219  1.00 26.22 ? 19  ALA A O   1 
ATOM   131  C  CB  . ALA A 1 19  ? 1.690   6.649   -7.085  1.00 26.69 ? 19  ALA A CB  1 
ATOM   132  N  N   . LYS A 1 20  ? -1.257  6.807   -8.395  1.00 28.40 ? 20  LYS A N   1 
ATOM   133  C  CA  A LYS A 1 20  ? -2.414  7.624   -8.809  0.50 28.63 ? 20  LYS A CA  1 
ATOM   134  C  CA  B LYS A 1 20  ? -2.424  7.589   -8.821  0.50 28.98 ? 20  LYS A CA  1 
ATOM   135  C  C   . LYS A 1 20  ? -3.687  7.145   -8.119  1.00 28.18 ? 20  LYS A C   1 
ATOM   136  O  O   . LYS A 1 20  ? -4.445  7.957   -7.616  1.00 27.73 ? 20  LYS A O   1 
ATOM   137  C  CB  A LYS A 1 20  ? -2.590  7.651   -10.346 0.50 28.77 ? 20  LYS A CB  1 
ATOM   138  C  CB  B LYS A 1 20  ? -2.641  7.430   -10.319 0.50 29.44 ? 20  LYS A CB  1 
ATOM   139  C  CG  A LYS A 1 20  ? -3.680  8.628   -10.863 0.50 28.16 ? 20  LYS A CG  1 
ATOM   140  C  CG  B LYS A 1 20  ? -1.952  8.450   -11.145 0.50 30.73 ? 20  LYS A CG  1 
ATOM   141  C  CD  A LYS A 1 20  ? -3.963  8.473   -12.356 0.50 28.92 ? 20  LYS A CD  1 
ATOM   142  C  CD  B LYS A 1 20  ? -2.065  8.063   -12.586 0.50 34.88 ? 20  LYS A CD  1 
ATOM   143  C  CE  A LYS A 1 20  ? -4.368  9.821   -12.964 0.50 32.52 ? 20  LYS A CE  1 
ATOM   144  C  CE  B LYS A 1 20  ? -0.711  7.629   -13.099 0.50 36.98 ? 20  LYS A CE  1 
ATOM   145  N  NZ  A LYS A 1 20  ? -5.690  9.749   -13.645 0.50 32.61 ? 20  LYS A NZ  1 
ATOM   146  N  NZ  B LYS A 1 20  ? -0.952  6.693   -14.186 0.50 35.81 ? 20  LYS A NZ  1 
ATOM   147  N  N   . VAL A 1 21  ? -3.927  5.833   -8.099  1.00 28.95 ? 21  VAL A N   1 
ATOM   148  C  CA  . VAL A 1 21  ? -5.177  5.342   -7.487  1.00 29.14 ? 21  VAL A CA  1 
ATOM   149  C  C   . VAL A 1 21  ? -5.203  5.472   -5.952  1.00 27.59 ? 21  VAL A C   1 
ATOM   150  O  O   . VAL A 1 21  ? -6.252  5.641   -5.352  1.00 27.97 ? 21  VAL A O   1 
ATOM   151  C  CB  . VAL A 1 21  ? -5.613  3.880   -7.967  1.00 29.27 ? 21  VAL A CB  1 
ATOM   152  C  CG1 . VAL A 1 21  ? -5.530  3.756   -9.426  1.00 29.86 ? 21  VAL A CG1 1 
ATOM   153  C  CG2 . VAL A 1 21  ? -4.768  2.831   -7.332  1.00 30.85 ? 21  VAL A CG2 1 
ATOM   154  N  N   . THR A 1 22  ? -4.050  5.391   -5.318  1.00 28.91 ? 22  THR A N   1 
ATOM   155  C  CA  A THR A 1 22  ? -3.961  5.531   -3.886  0.50 28.67 ? 22  THR A CA  1 
ATOM   156  C  CA  B THR A 1 22  ? -3.967  5.553   -3.854  0.50 28.51 ? 22  THR A CA  1 
ATOM   157  C  C   . THR A 1 22  ? -4.017  7.010   -3.420  1.00 29.68 ? 22  THR A C   1 
ATOM   158  O  O   . THR A 1 22  ? -4.573  7.324   -2.349  1.00 30.81 ? 22  THR A O   1 
ATOM   159  C  CB  A THR A 1 22  ? -2.739  4.745   -3.452  0.50 28.85 ? 22  THR A CB  1 
ATOM   160  C  CB  B THR A 1 22  ? -2.764  4.825   -3.137  0.50 28.46 ? 22  THR A CB  1 
ATOM   161  O  OG1 A THR A 1 22  ? -2.841  3.445   -4.067  0.50 27.82 ? 22  THR A OG1 1 
ATOM   162  O  OG1 B THR A 1 22  ? -1.522  5.074   -3.795  0.50 27.74 ? 22  THR A OG1 1 
ATOM   163  C  CG2 A THR A 1 22  ? -2.675  4.591   -1.958  0.50 29.02 ? 22  THR A CG2 1 
ATOM   164  C  CG2 B THR A 1 22  ? -2.981  3.326   -3.064  0.50 28.11 ? 22  THR A CG2 1 
ATOM   165  N  N   . VAL A 1 23  ? -3.481  7.925   -4.234  1.00 29.26 ? 23  VAL A N   1 
ATOM   166  C  CA  . VAL A 1 23  ? -3.771  9.376   -4.027  1.00 28.69 ? 23  VAL A CA  1 
ATOM   167  C  C   . VAL A 1 23  ? -5.292  9.600   -4.089  1.00 29.77 ? 23  VAL A C   1 
ATOM   168  O  O   . VAL A 1 23  ? -5.885  10.265  -3.244  1.00 29.03 ? 23  VAL A O   1 
ATOM   169  C  CB  . VAL A 1 23  ? -3.057  10.225  -5.109  1.00 29.83 ? 23  VAL A CB  1 
ATOM   170  C  CG1 . VAL A 1 23  ? -3.673  11.625  -5.241  1.00 29.24 ? 23  VAL A CG1 1 
ATOM   171  C  CG2 . VAL A 1 23  ? -1.549  10.337  -4.766  1.00 26.56 ? 23  VAL A CG2 1 
ATOM   172  N  N   . GLU A 1 24  ? -5.935  9.050   -5.115  1.00 30.74 ? 24  GLU A N   1 
ATOM   173  C  CA  . GLU A 1 24  ? -7.369  9.177   -5.224  1.00 32.44 ? 24  GLU A CA  1 
ATOM   174  C  C   . GLU A 1 24  ? -8.125  8.484   -4.087  1.00 30.76 ? 24  GLU A C   1 
ATOM   175  O  O   . GLU A 1 24  ? -9.175  8.973   -3.695  1.00 31.04 ? 24  GLU A O   1 
ATOM   176  C  CB  . GLU A 1 24  ? -7.850  8.719   -6.590  1.00 33.14 ? 24  GLU A CB  1 
ATOM   177  C  CG  . GLU A 1 24  ? -7.372  9.674   -7.712  1.00 35.89 ? 24  GLU A CG  1 
ATOM   178  C  CD  . GLU A 1 24  ? -7.819  9.220   -9.110  1.00 38.77 ? 24  GLU A CD  1 
ATOM   179  O  OE1 . GLU A 1 24  ? -8.897  8.575   -9.222  1.00 42.27 ? 24  GLU A OE1 1 
ATOM   180  O  OE2 . GLU A 1 24  ? -7.078  9.510   -10.094 1.00 43.68 ? 24  GLU A OE2 1 
ATOM   181  N  N   . GLN A 1 25  ? -7.599  7.383   -3.543  1.00 30.57 ? 25  GLN A N   1 
ATOM   182  C  CA  . GLN A 1 25  ? -8.125  6.820   -2.264  1.00 30.33 ? 25  GLN A CA  1 
ATOM   183  C  C   . GLN A 1 25  ? -8.142  7.848   -1.147  1.00 30.56 ? 25  GLN A C   1 
ATOM   184  O  O   . GLN A 1 25  ? -9.174  8.077   -0.500  1.00 31.21 ? 25  GLN A O   1 
ATOM   185  C  CB  . GLN A 1 25  ? -7.345  5.587   -1.792  1.00 29.64 ? 25  GLN A CB  1 
ATOM   186  C  CG  . GLN A 1 25  ? -7.616  4.289   -2.609  1.00 28.50 ? 25  GLN A CG  1 
ATOM   187  C  CD  . GLN A 1 25  ? -6.633  3.214   -2.218  1.00 30.71 ? 25  GLN A CD  1 
ATOM   188  O  OE1 . GLN A 1 25  ? -6.122  3.234   -1.115  1.00 33.90 ? 25  GLN A OE1 1 
ATOM   189  N  NE2 . GLN A 1 25  ? -6.315  2.311   -3.124  1.00 31.72 ? 25  GLN A NE2 1 
ATOM   190  N  N   . ASP A 1 26  ? -7.013  8.503   -0.954  1.00 31.31 ? 26  ASP A N   1 
ATOM   191  C  CA  . ASP A 1 26  ? -6.883  9.543   0.039   1.00 32.12 ? 26  ASP A CA  1 
ATOM   192  C  C   . ASP A 1 26  ? -7.935  10.621  -0.215  1.00 31.88 ? 26  ASP A C   1 
ATOM   193  O  O   . ASP A 1 26  ? -8.662  10.983  0.695   1.00 33.18 ? 26  ASP A O   1 
ATOM   194  C  CB  . ASP A 1 26  ? -5.475  10.162  -0.023  1.00 30.99 ? 26  ASP A CB  1 
ATOM   195  C  CG  . ASP A 1 26  ? -5.153  10.977  1.200   1.00 34.82 ? 26  ASP A CG  1 
ATOM   196  O  OD1 . ASP A 1 26  ? -5.512  10.516  2.314   1.00 36.57 ? 26  ASP A OD1 1 
ATOM   197  O  OD2 . ASP A 1 26  ? -4.525  12.067  1.061   1.00 36.26 ? 26  ASP A OD2 1 
ATOM   198  N  N   . ASP A 1 27  ? -8.027  11.108  -1.448  1.00 32.89 ? 27  ASP A N   1 
ATOM   199  C  CA  . ASP A 1 27  ? -9.020  12.131  -1.831  1.00 33.69 ? 27  ASP A CA  1 
ATOM   200  C  C   . ASP A 1 27  ? -10.431 11.660  -1.477  1.00 34.79 ? 27  ASP A C   1 
ATOM   201  O  O   . ASP A 1 27  ? -11.249 12.425  -0.929  1.00 33.60 ? 27  ASP A O   1 
ATOM   202  C  CB  . ASP A 1 27  ? -8.986  12.388  -3.349  1.00 34.09 ? 27  ASP A CB  1 
ATOM   203  C  CG  . ASP A 1 27  ? -7.727  13.148  -3.839  1.00 37.86 ? 27  ASP A CG  1 
ATOM   204  O  OD1 . ASP A 1 27  ? -6.999  13.688  -2.977  1.00 38.46 ? 27  ASP A OD1 1 
ATOM   205  O  OD2 . ASP A 1 27  ? -7.524  13.218  -5.105  1.00 38.34 ? 27  ASP A OD2 1 
ATOM   206  N  N   . ALA A 1 28  ? -10.729 10.409  -1.834  1.00 35.10 ? 28  ALA A N   1 
ATOM   207  C  CA  . ALA A 1 28  ? -12.066 9.822   -1.622  1.00 35.42 ? 28  ALA A CA  1 
ATOM   208  C  C   . ALA A 1 28  ? -12.482 9.798   -0.139  1.00 36.34 ? 28  ALA A C   1 
ATOM   209  O  O   . ALA A 1 28  ? -13.590 10.259  0.231   1.00 36.23 ? 28  ALA A O   1 
ATOM   210  C  CB  . ALA A 1 28  ? -12.126 8.396   -2.232  1.00 34.67 ? 28  ALA A CB  1 
ATOM   211  N  N   . LEU A 1 29  ? -11.614 9.249   0.695   1.00 36.63 ? 29  LEU A N   1 
ATOM   212  C  CA  . LEU A 1 29  ? -11.786 9.250   2.147   1.00 38.35 ? 29  LEU A CA  1 
ATOM   213  C  C   . LEU A 1 29  ? -12.099 10.642  2.719   1.00 38.58 ? 29  LEU A C   1 
ATOM   214  O  O   . LEU A 1 29  ? -13.035 10.793  3.516   1.00 38.41 ? 29  LEU A O   1 
ATOM   215  C  CB  . LEU A 1 29  ? -10.523 8.714   2.822   1.00 38.26 ? 29  LEU A CB  1 
ATOM   216  C  CG  . LEU A 1 29  ? -10.202 7.210   2.750   1.00 41.60 ? 29  LEU A CG  1 
ATOM   217  C  CD1 . LEU A 1 29  ? -8.795  6.893   3.277   1.00 43.01 ? 29  LEU A CD1 1 
ATOM   218  C  CD2 . LEU A 1 29  ? -11.271 6.333   3.497   1.00 44.52 ? 29  LEU A CD2 1 
ATOM   219  N  N   . LEU A 1 30  ? -11.307 11.643  2.320   1.00 38.35 ? 30  LEU A N   1 
ATOM   220  C  CA  . LEU A 1 30  ? -11.501 13.030  2.783   1.00 38.93 ? 30  LEU A CA  1 
ATOM   221  C  C   . LEU A 1 30  ? -12.849 13.618  2.359   1.00 39.01 ? 30  LEU A C   1 
ATOM   222  O  O   . LEU A 1 30  ? -13.447 14.402  3.118   1.00 39.18 ? 30  LEU A O   1 
ATOM   223  C  CB  . LEU A 1 30  ? -10.360 13.936  2.304   1.00 38.88 ? 30  LEU A CB  1 
ATOM   224  C  CG  . LEU A 1 30  ? -8.999  13.673  2.977   1.00 41.84 ? 30  LEU A CG  1 
ATOM   225  C  CD1 . LEU A 1 30  ? -7.887  14.390  2.248   1.00 43.38 ? 30  LEU A CD1 1 
ATOM   226  C  CD2 . LEU A 1 30  ? -9.021  14.062  4.459   1.00 44.16 ? 30  LEU A CD2 1 
ATOM   227  N  N   . GLY A 1 31  ? -13.321 13.231  1.165   1.00 38.06 ? 31  GLY A N   1 
ATOM   228  C  CA  . GLY A 1 31  ? -14.587 13.722  0.586   1.00 37.73 ? 31  GLY A CA  1 
ATOM   229  C  C   . GLY A 1 31  ? -15.807 12.884  0.906   1.00 37.20 ? 31  GLY A C   1 
ATOM   230  O  O   . GLY A 1 31  ? -16.912 13.171  0.402   1.00 37.33 ? 31  GLY A O   1 
ATOM   231  N  N   . ASN A 1 32  ? -15.617 11.876  1.764   1.00 36.79 ? 32  ASN A N   1 
ATOM   232  C  CA  . ASN A 1 32  ? -16.636 10.856  2.120   1.00 36.79 ? 32  ASN A CA  1 
ATOM   233  C  C   . ASN A 1 32  ? -17.192 10.110  0.902   1.00 36.77 ? 32  ASN A C   1 
ATOM   234  O  O   . ASN A 1 32  ? -18.379 9.762   0.895   1.00 36.13 ? 32  ASN A O   1 
ATOM   235  C  CB  . ASN A 1 32  ? -17.821 11.462  2.961   1.00 36.89 ? 32  ASN A CB  1 
ATOM   236  C  CG  . ASN A 1 32  ? -18.548 10.411  3.875   1.00 37.31 ? 32  ASN A CG  1 
ATOM   237  O  OD1 . ASN A 1 32  ? -17.965 9.372   4.281   1.00 36.36 ? 32  ASN A OD1 1 
ATOM   238  N  ND2 . ASN A 1 32  ? -19.824 10.699  4.210   1.00 35.83 ? 32  ASN A ND2 1 
ATOM   239  N  N   . GLN A 1 33  ? -16.371 9.909   -0.139  1.00 36.77 ? 33  GLN A N   1 
ATOM   240  C  CA  . GLN A 1 33  ? -16.835 9.242   -1.380  1.00 36.63 ? 33  GLN A CA  1 
ATOM   241  C  C   . GLN A 1 33  ? -16.457 7.784   -1.211  1.00 36.41 ? 33  GLN A C   1 
ATOM   242  O  O   . GLN A 1 33  ? -15.466 7.297   -1.783  1.00 36.73 ? 33  GLN A O   1 
ATOM   243  C  CB  . GLN A 1 33  ? -16.181 9.841   -2.642  1.00 36.92 ? 33  GLN A CB  1 
ATOM   244  C  CG  . GLN A 1 33  ? -16.487 11.333  -2.947  1.00 39.57 ? 33  GLN A CG  1 
ATOM   245  C  CD  . GLN A 1 33  ? -17.990 11.709  -2.941  1.00 43.57 ? 33  GLN A CD  1 
ATOM   246  O  OE1 . GLN A 1 33  ? -18.662 11.683  -3.989  1.00 42.42 ? 33  GLN A OE1 1 
ATOM   247  N  NE2 . GLN A 1 33  ? -18.508 12.110  -1.754  1.00 42.43 ? 33  GLN A NE2 1 
ATOM   248  N  N   . ILE A 1 34  ? -17.224 7.088   -0.378  1.00 36.06 ? 34  ILE A N   1 
ATOM   249  C  CA  . ILE A 1 34  ? -16.855 5.734   0.064   1.00 34.79 ? 34  ILE A CA  1 
ATOM   250  C  C   . ILE A 1 34  ? -16.952 4.690   -1.069  1.00 33.92 ? 34  ILE A C   1 
ATOM   251  O  O   . ILE A 1 34  ? -16.082 3.845   -1.156  1.00 33.26 ? 34  ILE A O   1 
ATOM   252  C  CB  . ILE A 1 34  ? -17.635 5.306   1.353   1.00 35.15 ? 34  ILE A CB  1 
ATOM   253  C  CG1 . ILE A 1 34  ? -17.315 6.251   2.561   1.00 34.83 ? 34  ILE A CG1 1 
ATOM   254  C  CG2 . ILE A 1 34  ? -17.446 3.807   1.694   1.00 34.77 ? 34  ILE A CG2 1 
ATOM   255  C  CD1 . ILE A 1 34  ? -15.962 6.931   2.589   1.00 35.94 ? 34  ILE A CD1 1 
ATOM   256  N  N   . SER A 1 35  ? -17.972 4.763   -1.934  1.00 33.61 ? 35  SER A N   1 
ATOM   257  C  CA  . SER A 1 35  ? -18.042 3.823   -3.077  1.00 32.24 ? 35  SER A CA  1 
ATOM   258  C  C   . SER A 1 35  ? -16.797 3.937   -3.977  1.00 31.48 ? 35  SER A C   1 
ATOM   259  O  O   . SER A 1 35  ? -16.243 2.926   -4.374  1.00 29.49 ? 35  SER A O   1 
ATOM   260  C  CB  . SER A 1 35  ? -19.351 3.903   -3.877  1.00 33.22 ? 35  SER A CB  1 
ATOM   261  O  OG  . SER A 1 35  ? -19.436 5.066   -4.682  1.00 35.17 ? 35  SER A OG  1 
ATOM   262  N  N   . ARG A 1 36  ? -16.350 5.169   -4.232  1.00 31.94 ? 36  ARG A N   1 
ATOM   263  C  CA  . ARG A 1 36  ? -15.155 5.443   -5.023  1.00 32.63 ? 36  ARG A CA  1 
ATOM   264  C  C   . ARG A 1 36  ? -13.888 4.914   -4.320  1.00 32.71 ? 36  ARG A C   1 
ATOM   265  O  O   . ARG A 1 36  ? -13.020 4.315   -4.967  1.00 31.84 ? 36  ARG A O   1 
ATOM   266  C  CB  . ARG A 1 36  ? -15.047 6.956   -5.332  1.00 33.48 ? 36  ARG A CB  1 
ATOM   267  C  CG  . ARG A 1 36  ? -13.823 7.406   -6.141  1.00 34.44 ? 36  ARG A CG  1 
ATOM   268  C  CD  . ARG A 1 36  ? -14.036 6.996   -7.581  1.00 43.32 ? 36  ARG A CD  1 
ATOM   269  N  NE  . ARG A 1 36  ? -12.970 7.402   -8.505  1.00 45.67 ? 36  ARG A NE  1 
ATOM   270  C  CZ  . ARG A 1 36  ? -13.060 7.268   -9.832  1.00 48.39 ? 36  ARG A CZ  1 
ATOM   271  N  NH1 . ARG A 1 36  ? -14.152 6.725   -10.373 1.00 44.55 ? 36  ARG A NH1 1 
ATOM   272  N  NH2 . ARG A 1 36  ? -12.054 7.658   -10.618 1.00 50.04 ? 36  ARG A NH2 1 
ATOM   273  N  N   . PHE A 1 37  ? -13.779 5.143   -3.007  1.00 32.66 ? 37  PHE A N   1 
ATOM   274  C  CA  . PHE A 1 37  ? -12.672 4.587   -2.226  1.00 32.75 ? 37  PHE A CA  1 
ATOM   275  C  C   . PHE A 1 37  ? -12.550 3.069   -2.381  1.00 32.15 ? 37  PHE A C   1 
ATOM   276  O  O   . PHE A 1 37  ? -11.465 2.560   -2.615  1.00 31.01 ? 37  PHE A O   1 
ATOM   277  C  CB  . PHE A 1 37  ? -12.806 4.899   -0.716  1.00 33.79 ? 37  PHE A CB  1 
ATOM   278  C  CG  . PHE A 1 37  ? -11.743 4.219   0.098   1.00 33.23 ? 37  PHE A CG  1 
ATOM   279  C  CD1 . PHE A 1 37  ? -10.452 4.746   0.148   1.00 33.66 ? 37  PHE A CD1 1 
ATOM   280  C  CD2 . PHE A 1 37  ? -11.996 2.991   0.699   1.00 36.06 ? 37  PHE A CD2 1 
ATOM   281  C  CE1 . PHE A 1 37  ? -9.426  4.097   0.857   1.00 35.45 ? 37  PHE A CE1 1 
ATOM   282  C  CE2 . PHE A 1 37  ? -10.979 2.327   1.406   1.00 36.14 ? 37  PHE A CE2 1 
ATOM   283  C  CZ  . PHE A 1 37  ? -9.700  2.877   1.484   1.00 37.08 ? 37  PHE A CZ  1 
ATOM   284  N  N   . ASN A 1 38  ? -13.684 2.365   -2.246  1.00 30.94 ? 38  ASN A N   1 
ATOM   285  C  CA  . ASN A 1 38  ? -13.730 0.909   -2.339  1.00 30.65 ? 38  ASN A CA  1 
ATOM   286  C  C   . ASN A 1 38  ? -13.299 0.409   -3.724  1.00 30.35 ? 38  ASN A C   1 
ATOM   287  O  O   . ASN A 1 38  ? -12.545 -0.558  -3.839  1.00 30.92 ? 38  ASN A O   1 
ATOM   288  C  CB  . ASN A 1 38  ? -15.165 0.400   -1.994  1.00 31.41 ? 38  ASN A CB  1 
ATOM   289  C  CG  . ASN A 1 38  ? -15.509 0.603   -0.538  1.00 34.89 ? 38  ASN A CG  1 
ATOM   290  O  OD1 . ASN A 1 38  ? -14.613 0.635   0.339   1.00 36.19 ? 38  ASN A OD1 1 
ATOM   291  N  ND2 . ASN A 1 38  ? -16.806 0.735   -0.258  1.00 34.86 ? 38  ASN A ND2 1 
ATOM   292  N  N   . ARG A 1 39  ? -13.755 1.078   -4.779  1.00 29.28 ? 39  ARG A N   1 
ATOM   293  C  CA  . ARG A 1 39  ? -13.352 0.666   -6.126  1.00 28.78 ? 39  ARG A CA  1 
ATOM   294  C  C   . ARG A 1 39  ? -11.871 0.934   -6.378  1.00 29.17 ? 39  ARG A C   1 
ATOM   295  O  O   . ARG A 1 39  ? -11.186 0.095   -6.932  1.00 29.36 ? 39  ARG A O   1 
ATOM   296  C  CB  . ARG A 1 39  ? -14.231 1.275   -7.205  1.00 27.89 ? 39  ARG A CB  1 
ATOM   297  C  CG  . ARG A 1 39  ? -15.692 0.860   -7.098  1.00 26.34 ? 39  ARG A CG  1 
ATOM   298  C  CD  . ARG A 1 39  ? -16.447 1.114   -8.399  1.00 20.23 ? 39  ARG A CD  1 
ATOM   299  N  NE  . ARG A 1 39  ? -17.726 0.457   -8.368  1.00 21.46 ? 39  ARG A NE  1 
ATOM   300  C  CZ  . ARG A 1 39  ? -17.920 -0.808  -8.732  1.00 20.06 ? 39  ARG A CZ  1 
ATOM   301  N  NH1 . ARG A 1 39  ? -16.900 -1.552  -9.141  1.00 21.32 ? 39  ARG A NH1 1 
ATOM   302  N  NH2 . ARG A 1 39  ? -19.107 -1.337  -8.638  1.00 17.79 ? 39  ARG A NH2 1 
ATOM   303  N  N   . LEU A 1 40  ? -11.380 2.100   -5.971  1.00 29.10 ? 40  LEU A N   1 
ATOM   304  C  CA  . LEU A 1 40  ? -9.944  2.403   -6.015  1.00 30.49 ? 40  LEU A CA  1 
ATOM   305  C  C   . LEU A 1 40  ? -9.094  1.421   -5.217  1.00 30.96 ? 40  LEU A C   1 
ATOM   306  O  O   . LEU A 1 40  ? -7.991  1.049   -5.648  1.00 30.71 ? 40  LEU A O   1 
ATOM   307  C  CB  . LEU A 1 40  ? -9.710  3.835   -5.541  1.00 30.26 ? 40  LEU A CB  1 
ATOM   308  C  CG  . LEU A 1 40  ? -10.270 4.907   -6.476  1.00 29.63 ? 40  LEU A CG  1 
ATOM   309  C  CD1 . LEU A 1 40  ? -10.262 6.193   -5.698  1.00 32.43 ? 40  LEU A CD1 1 
ATOM   310  C  CD2 . LEU A 1 40  ? -9.472  5.040   -7.761  1.00 30.66 ? 40  LEU A CD2 1 
ATOM   311  N  N   . PHE A 1 41  ? -9.600  0.979   -4.067  1.00 31.61 ? 41  PHE A N   1 
ATOM   312  C  CA  . PHE A 1 41  ? -8.909  -0.067  -3.309  1.00 32.57 ? 41  PHE A CA  1 
ATOM   313  C  C   . PHE A 1 41  ? -8.784  -1.366  -4.096  1.00 32.15 ? 41  PHE A C   1 
ATOM   314  O  O   . PHE A 1 41  ? -7.699  -1.946  -4.132  1.00 31.79 ? 41  PHE A O   1 
ATOM   315  C  CB  . PHE A 1 41  ? -9.578  -0.338  -1.940  1.00 34.40 ? 41  PHE A CB  1 
ATOM   316  C  CG  . PHE A 1 41  ? -8.773  -1.257  -1.045  1.00 37.69 ? 41  PHE A CG  1 
ATOM   317  C  CD1 . PHE A 1 41  ? -7.773  -0.730  -0.220  1.00 43.16 ? 41  PHE A CD1 1 
ATOM   318  C  CD2 . PHE A 1 41  ? -8.976  -2.636  -1.060  1.00 42.90 ? 41  PHE A CD2 1 
ATOM   319  C  CE1 . PHE A 1 41  ? -7.012  -1.569  0.604   1.00 43.68 ? 41  PHE A CE1 1 
ATOM   320  C  CE2 . PHE A 1 41  ? -8.223  -3.492  -0.240  1.00 43.93 ? 41  PHE A CE2 1 
ATOM   321  C  CZ  . PHE A 1 41  ? -7.233  -2.944  0.602   1.00 41.04 ? 41  PHE A CZ  1 
ATOM   322  N  N   . GLY A 1 42  ? -9.894  -1.832  -4.699  1.00 30.40 ? 42  GLY A N   1 
ATOM   323  C  CA  . GLY A 1 42  ? -9.872  -3.026  -5.569  1.00 30.83 ? 42  GLY A CA  1 
ATOM   324  C  C   . GLY A 1 42  ? -8.863  -2.903  -6.713  1.00 30.25 ? 42  GLY A C   1 
ATOM   325  O  O   . GLY A 1 42  ? -8.112  -3.846  -7.004  1.00 30.00 ? 42  GLY A O   1 
ATOM   326  N  N   . VAL A 1 43  ? -8.853  -1.757  -7.378  1.00 29.23 ? 43  VAL A N   1 
ATOM   327  C  CA  . VAL A 1 43  ? -7.871  -1.524  -8.450  1.00 29.54 ? 43  VAL A CA  1 
ATOM   328  C  C   . VAL A 1 43  ? -6.441  -1.653  -7.930  1.00 30.73 ? 43  VAL A C   1 
ATOM   329  O  O   . VAL A 1 43  ? -5.581  -2.313  -8.561  1.00 30.42 ? 43  VAL A O   1 
ATOM   330  C  CB  . VAL A 1 43  ? -8.074  -0.144  -9.140  1.00 27.86 ? 43  VAL A CB  1 
ATOM   331  C  CG1 . VAL A 1 43  ? -6.991  0.079   -10.163 1.00 28.22 ? 43  VAL A CG1 1 
ATOM   332  C  CG2 . VAL A 1 43  ? -9.412  -0.120  -9.848  1.00 28.94 ? 43  VAL A CG2 1 
HETATM 333  N  N   . MSE A 1 44  ? -6.179  -1.006  -6.784  1.00 30.11 ? 44  MSE A N   1 
HETATM 334  C  CA  . MSE A 1 44  ? -4.872  -1.045  -6.170  1.00 32.88 ? 44  MSE A CA  1 
HETATM 335  C  C   . MSE A 1 44  ? -4.421  -2.479  -5.908  1.00 30.04 ? 44  MSE A C   1 
HETATM 336  O  O   . MSE A 1 44  ? -3.268  -2.828  -6.178  1.00 28.99 ? 44  MSE A O   1 
HETATM 337  C  CB  . MSE A 1 44  ? -4.907  -0.264  -4.837  1.00 31.34 ? 44  MSE A CB  1 
HETATM 338  C  CG  . MSE A 1 44  ? -3.516  -0.114  -4.174  1.00 37.73 ? 44  MSE A CG  1 
HETATM 339  SE SE  . MSE A 1 44  ? -3.756  -0.073  -2.201  1.00 44.67 ? 44  MSE A SE  1 
HETATM 340  C  CE  . MSE A 1 44  ? -4.492  -1.766  -1.918  1.00 41.85 ? 44  MSE A CE  1 
ATOM   341  N  N   . ALA A 1 45  ? -5.322  -3.277  -5.325  1.00 29.48 ? 45  ALA A N   1 
ATOM   342  C  CA  . ALA A 1 45  ? -5.075  -4.693  -5.030  1.00 30.52 ? 45  ALA A CA  1 
ATOM   343  C  C   . ALA A 1 45  ? -4.769  -5.508  -6.264  1.00 30.43 ? 45  ALA A C   1 
ATOM   344  O  O   . ALA A 1 45  ? -3.870  -6.366  -6.239  1.00 30.49 ? 45  ALA A O   1 
ATOM   345  C  CB  . ALA A 1 45  ? -6.306  -5.335  -4.261  1.00 30.67 ? 45  ALA A CB  1 
ATOM   346  N  N   . GLU A 1 46  ? -5.524  -5.269  -7.345  1.00 30.09 ? 46  GLU A N   1 
ATOM   347  C  CA  . GLU A 1 46  ? -5.209  -5.883  -8.630  1.00 30.53 ? 46  GLU A CA  1 
ATOM   348  C  C   . GLU A 1 46  ? -3.823  -5.534  -9.132  1.00 29.79 ? 46  GLU A C   1 
ATOM   349  O  O   . GLU A 1 46  ? -3.103  -6.397  -9.646  1.00 27.85 ? 46  GLU A O   1 
ATOM   350  C  CB  . GLU A 1 46  ? -6.224  -5.494  -9.684  1.00 31.28 ? 46  GLU A CB  1 
ATOM   351  C  CG  . GLU A 1 46  ? -7.576  -6.009  -9.311  1.00 40.03 ? 46  GLU A CG  1 
ATOM   352  C  CD  . GLU A 1 46  ? -8.564  -5.802  -10.396 1.00 47.75 ? 46  GLU A CD  1 
ATOM   353  O  OE1 . GLU A 1 46  ? -8.279  -6.300  -11.506 1.00 54.64 ? 46  GLU A OE1 1 
ATOM   354  O  OE2 . GLU A 1 46  ? -9.607  -5.150  -10.141 1.00 52.06 ? 46  GLU A OE2 1 
ATOM   355  N  N   . ILE A 1 47  ? -3.431  -4.275  -8.957  1.00 28.75 ? 47  ILE A N   1 
ATOM   356  C  CA  . ILE A 1 47  ? -2.068  -3.859  -9.334  1.00 28.68 ? 47  ILE A CA  1 
ATOM   357  C  C   . ILE A 1 47  ? -1.003  -4.623  -8.542  1.00 30.10 ? 47  ILE A C   1 
ATOM   358  O  O   . ILE A 1 47  ? -0.045  -5.122  -9.133  1.00 31.04 ? 47  ILE A O   1 
ATOM   359  C  CB  . ILE A 1 47  ? -1.857  -2.322  -9.206  1.00 28.03 ? 47  ILE A CB  1 
ATOM   360  C  CG1 . ILE A 1 47  ? -2.754  -1.564  -10.214 1.00 27.80 ? 47  ILE A CG1 1 
ATOM   361  C  CG2 . ILE A 1 47  ? -0.393  -1.948  -9.474  1.00 27.06 ? 47  ILE A CG2 1 
ATOM   362  C  CD1 . ILE A 1 47  ? -3.014  -0.086  -9.814  1.00 28.75 ? 47  ILE A CD1 1 
ATOM   363  N  N   . ALA A 1 48  ? -1.179  -4.723  -7.225  1.00 30.03 ? 48  ALA A N   1 
ATOM   364  C  CA  . ALA A 1 48  ? -0.220  -5.409  -6.364  1.00 31.58 ? 48  ALA A CA  1 
ATOM   365  C  C   . ALA A 1 48  ? -0.143  -6.881  -6.697  1.00 30.69 ? 48  ALA A C   1 
ATOM   366  O  O   . ALA A 1 48  ? 0.959   -7.429  -6.722  1.00 31.17 ? 48  ALA A O   1 
ATOM   367  C  CB  . ALA A 1 48  ? -0.567  -5.226  -4.911  1.00 31.69 ? 48  ALA A CB  1 
ATOM   368  N  N   . ASP A 1 49  ? -1.293  -7.516  -6.979  1.00 31.88 ? 49  ASP A N   1 
ATOM   369  C  CA  . ASP A 1 49  ? -1.325  -8.943  -7.404  1.00 31.48 ? 49  ASP A CA  1 
ATOM   370  C  C   . ASP A 1 49  ? -0.623  -9.186  -8.716  1.00 30.92 ? 49  ASP A C   1 
ATOM   371  O  O   . ASP A 1 49  ? 0.074   -10.188 -8.882  1.00 29.49 ? 49  ASP A O   1 
ATOM   372  C  CB  . ASP A 1 49  ? -2.758  -9.481  -7.500  1.00 32.74 ? 49  ASP A CB  1 
ATOM   373  C  CG  . ASP A 1 49  ? -3.339  -9.819  -6.128  1.00 36.47 ? 49  ASP A CG  1 
ATOM   374  O  OD1 . ASP A 1 49  ? -2.622  -9.653  -5.100  1.00 40.43 ? 49  ASP A OD1 1 
ATOM   375  O  OD2 . ASP A 1 49  ? -4.515  -10.203 -6.083  1.00 41.56 ? 49  ASP A OD2 1 
ATOM   376  N  N   . GLU A 1 50  ? -0.800  -8.263  -9.659  1.00 30.35 ? 50  GLU A N   1 
ATOM   377  C  CA  . GLU A 1 50  ? -0.092  -8.369  -10.932 1.00 30.31 ? 50  GLU A CA  1 
ATOM   378  C  C   . GLU A 1 50  ? 1.445   -8.240  -10.719 1.00 29.77 ? 50  GLU A C   1 
ATOM   379  O  O   . GLU A 1 50  ? 2.223   -8.987  -11.292 1.00 28.60 ? 50  GLU A O   1 
ATOM   380  C  CB  . GLU A 1 50  ? -0.606  -7.321  -11.942 1.00 30.57 ? 50  GLU A CB  1 
ATOM   381  C  CG  . GLU A 1 50  ? 0.175   -7.292  -13.272 1.00 29.60 ? 50  GLU A CG  1 
ATOM   382  C  CD  . GLU A 1 50  ? 0.056   -8.577  -14.094 1.00 31.76 ? 50  GLU A CD  1 
ATOM   383  O  OE1 . GLU A 1 50  ? -0.911  -9.383  -13.931 1.00 32.91 ? 50  GLU A OE1 1 
ATOM   384  O  OE2 . GLU A 1 50  ? 0.948   -8.805  -14.915 1.00 30.09 ? 50  GLU A OE2 1 
ATOM   385  N  N   . LEU A 1 51  ? 1.863   -7.275  -9.907  1.00 29.25 ? 51  LEU A N   1 
ATOM   386  C  CA  . LEU A 1 51  ? 3.288   -7.058  -9.676  1.00 29.07 ? 51  LEU A CA  1 
ATOM   387  C  C   . LEU A 1 51  ? 3.856   -8.303  -8.972  1.00 28.93 ? 51  LEU A C   1 
ATOM   388  O  O   . LEU A 1 51  ? 4.922   -8.783  -9.322  1.00 29.00 ? 51  LEU A O   1 
ATOM   389  C  CB  . LEU A 1 51  ? 3.506   -5.818  -8.800  1.00 27.77 ? 51  LEU A CB  1 
ATOM   390  C  CG  . LEU A 1 51  ? 3.353   -4.468  -9.486  1.00 28.98 ? 51  LEU A CG  1 
ATOM   391  C  CD1 . LEU A 1 51  ? 3.211   -3.370  -8.439  1.00 27.35 ? 51  LEU A CD1 1 
ATOM   392  C  CD2 . LEU A 1 51  ? 4.582   -4.207  -10.347 1.00 27.82 ? 51  LEU A CD2 1 
ATOM   393  N  N   . LYS A 1 52  ? 3.144   -8.798  -7.967  1.00 29.80 ? 52  LYS A N   1 
ATOM   394  C  CA  . LYS A 1 52  ? 3.540   -10.040 -7.284  1.00 31.19 ? 52  LYS A CA  1 
ATOM   395  C  C   . LYS A 1 52  ? 3.706   -11.211 -8.282  1.00 31.38 ? 52  LYS A C   1 
ATOM   396  O  O   . LYS A 1 52  ? 4.694   -11.915 -8.201  1.00 31.83 ? 52  LYS A O   1 
ATOM   397  C  CB  . LYS A 1 52  ? 2.553   -10.399 -6.152  1.00 31.18 ? 52  LYS A CB  1 
ATOM   398  C  CG  . LYS A 1 52  ? 2.850   -11.777 -5.505  1.00 32.72 ? 52  LYS A CG  1 
ATOM   399  C  CD  . LYS A 1 52  ? 1.810   -12.207 -4.466  1.00 33.62 ? 52  LYS A CD  1 
ATOM   400  C  CE  . LYS A 1 52  ? 0.436   -12.363 -5.083  1.00 38.13 ? 52  LYS A CE  1 
ATOM   401  N  NZ  . LYS A 1 52  ? -0.418  -13.364 -4.367  1.00 42.51 ? 52  LYS A NZ  1 
ATOM   402  N  N   . ALA A 1 53  ? 2.792   -11.371 -9.247  1.00 31.47 ? 53  ALA A N   1 
ATOM   403  C  CA  . ALA A 1 53  ? 2.864   -12.472 -10.238 1.00 32.01 ? 53  ALA A CA  1 
ATOM   404  C  C   . ALA A 1 53  ? 4.026   -12.435 -11.215 1.00 32.60 ? 53  ALA A C   1 
ATOM   405  O  O   . ALA A 1 53  ? 4.264   -13.412 -11.937 1.00 32.91 ? 53  ALA A O   1 
ATOM   406  C  CB  . ALA A 1 53  ? 1.541   -12.621 -11.013 1.00 32.32 ? 53  ALA A CB  1 
ATOM   407  N  N   . ARG A 1 54  ? 4.750   -11.320 -11.250 1.00 31.91 ? 54  ARG A N   1 
ATOM   408  C  CA  . ARG A 1 54  ? 5.839   -11.162 -12.178 1.00 31.19 ? 54  ARG A CA  1 
ATOM   409  C  C   . ARG A 1 54  ? 7.107   -11.722 -11.590 1.00 30.84 ? 54  ARG A C   1 
ATOM   410  O  O   . ARG A 1 54  ? 7.267   -11.735 -10.358 1.00 29.98 ? 54  ARG A O   1 
ATOM   411  C  CB  . ARG A 1 54  ? 5.992   -9.675  -12.518 1.00 31.80 ? 54  ARG A CB  1 
ATOM   412  C  CG  . ARG A 1 54  ? 4.882   -9.281  -13.428 1.00 34.08 ? 54  ARG A CG  1 
ATOM   413  C  CD  . ARG A 1 54  ? 4.886   -7.843  -13.835 1.00 33.98 ? 54  ARG A CD  1 
ATOM   414  N  NE  . ARG A 1 54  ? 3.675   -7.648  -14.621 1.00 33.30 ? 54  ARG A NE  1 
ATOM   415  C  CZ  . ARG A 1 54  ? 3.505   -6.683  -15.511 1.00 32.82 ? 54  ARG A CZ  1 
ATOM   416  N  NH1 . ARG A 1 54  ? 4.476   -5.792  -15.729 1.00 29.18 ? 54  ARG A NH1 1 
ATOM   417  N  NH2 . ARG A 1 54  ? 2.370   -6.620  -16.185 1.00 29.23 ? 54  ARG A NH2 1 
ATOM   418  N  N   . ASP A 1 55  ? 8.010   -12.177 -12.466 1.00 30.03 ? 55  ASP A N   1 
ATOM   419  C  CA  . ASP A 1 55  ? 9.307   -12.713 -12.050 1.00 30.22 ? 55  ASP A CA  1 
ATOM   420  C  C   . ASP A 1 55  ? 9.979   -11.838 -11.008 1.00 31.25 ? 55  ASP A C   1 
ATOM   421  O  O   . ASP A 1 55  ? 10.104  -10.623 -11.190 1.00 30.57 ? 55  ASP A O   1 
ATOM   422  C  CB  . ASP A 1 55  ? 10.244  -12.861 -13.252 1.00 29.82 ? 55  ASP A CB  1 
ATOM   423  C  CG  . ASP A 1 55  ? 9.781   -13.896 -14.223 1.00 28.87 ? 55  ASP A CG  1 
ATOM   424  O  OD1 . ASP A 1 55  ? 9.474   -15.048 -13.804 1.00 29.04 ? 55  ASP A OD1 1 
ATOM   425  O  OD2 . ASP A 1 55  ? 9.730   -13.556 -15.421 1.00 29.03 ? 55  ASP A OD2 1 
ATOM   426  N  N   . GLY A 1 56  ? 10.395  -12.476 -9.911  1.00 32.21 ? 56  GLY A N   1 
ATOM   427  C  CA  . GLY A 1 56  ? 11.154  -11.825 -8.845  1.00 33.01 ? 56  GLY A CA  1 
ATOM   428  C  C   . GLY A 1 56  ? 10.278  -11.259 -7.727  1.00 34.18 ? 56  GLY A C   1 
ATOM   429  O  O   . GLY A 1 56  ? 10.804  -10.864 -6.678  1.00 34.52 ? 56  GLY A O   1 
ATOM   430  N  N   . ASP A 1 57  ? 8.948   -11.281 -7.931  1.00 33.21 ? 57  ASP A N   1 
ATOM   431  C  CA  . ASP A 1 57  ? 7.982   -10.554 -7.116  1.00 32.47 ? 57  ASP A CA  1 
ATOM   432  C  C   . ASP A 1 57  ? 8.210   -9.031  -7.240  1.00 31.37 ? 57  ASP A C   1 
ATOM   433  O  O   . ASP A 1 57  ? 9.015   -8.436  -6.491  1.00 30.10 ? 57  ASP A O   1 
ATOM   434  C  CB  . ASP A 1 57  ? 8.031   -11.029 -5.654  1.00 33.55 ? 57  ASP A CB  1 
ATOM   435  C  CG  . ASP A 1 57  ? 6.838   -10.588 -4.861  1.00 32.35 ? 57  ASP A CG  1 
ATOM   436  O  OD1 . ASP A 1 57  ? 6.236   -9.562  -5.200  1.00 29.23 ? 57  ASP A OD1 1 
ATOM   437  O  OD2 . ASP A 1 57  ? 6.524   -11.267 -3.862  1.00 32.86 ? 57  ASP A OD2 1 
ATOM   438  N  N   . GLN A 1 58  ? 7.514   -8.412  -8.201  1.00 29.90 ? 58  GLN A N   1 
ATOM   439  C  CA  . GLN A 1 58  ? 7.801   -7.011  -8.542  1.00 29.38 ? 58  GLN A CA  1 
ATOM   440  C  C   . GLN A 1 58  ? 7.075   -6.052  -7.592  1.00 29.56 ? 58  GLN A C   1 
ATOM   441  O  O   . GLN A 1 58  ? 7.143   -4.866  -7.770  1.00 28.10 ? 58  GLN A O   1 
ATOM   442  C  CB  . GLN A 1 58  ? 7.446   -6.684  -10.004 1.00 29.78 ? 58  GLN A CB  1 
ATOM   443  C  CG  . GLN A 1 58  ? 8.409   -7.267  -11.034 1.00 33.33 ? 58  GLN A CG  1 
ATOM   444  C  CD  . GLN A 1 58  ? 9.834   -6.847  -10.775 1.00 41.45 ? 58  GLN A CD  1 
ATOM   445  O  OE1 . GLN A 1 58  ? 10.146  -5.636  -10.627 1.00 44.81 ? 58  GLN A OE1 1 
ATOM   446  N  NE2 . GLN A 1 58  ? 10.726  -7.843  -10.698 1.00 44.00 ? 58  GLN A NE2 1 
ATOM   447  N  N   . ARG A 1 59  ? 6.436   -6.567  -6.537  1.00 29.42 ? 59  ARG A N   1 
ATOM   448  C  CA  . ARG A 1 59  ? 6.014   -5.657  -5.449  1.00 29.86 ? 59  ARG A CA  1 
ATOM   449  C  C   . ARG A 1 59  ? 7.202   -4.847  -4.902  1.00 29.52 ? 59  ARG A C   1 
ATOM   450  O  O   . ARG A 1 59  ? 7.020   -3.776  -4.323  1.00 29.80 ? 59  ARG A O   1 
ATOM   451  C  CB  . ARG A 1 59  ? 5.326   -6.432  -4.309  1.00 29.81 ? 59  ARG A CB  1 
ATOM   452  C  CG  . ARG A 1 59  ? 3.939   -6.942  -4.660  1.00 31.61 ? 59  ARG A CG  1 
ATOM   453  C  CD  . ARG A 1 59  ? 3.320   -7.787  -3.519  1.00 29.41 ? 59  ARG A CD  1 
ATOM   454  N  NE  . ARG A 1 59  ? 4.074   -9.018  -3.222  1.00 29.13 ? 59  ARG A NE  1 
ATOM   455  C  CZ  . ARG A 1 59  ? 3.732   -9.901  -2.277  1.00 28.21 ? 59  ARG A CZ  1 
ATOM   456  N  NH1 . ARG A 1 59  ? 2.629   -9.723  -1.596  1.00 30.39 ? 59  ARG A NH1 1 
ATOM   457  N  NH2 . ARG A 1 59  ? 4.464   -10.975 -2.051  1.00 28.65 ? 59  ARG A NH2 1 
ATOM   458  N  N   . THR A 1 60  ? 8.409   -5.386  -5.048  1.00 28.33 ? 60  THR A N   1 
ATOM   459  C  CA  . THR A 1 60  ? 9.636   -4.692  -4.719  1.00 28.78 ? 60  THR A CA  1 
ATOM   460  C  C   . THR A 1 60  ? 9.711   -3.297  -5.381  1.00 28.87 ? 60  THR A C   1 
ATOM   461  O  O   . THR A 1 60  ? 10.272  -2.348  -4.822  1.00 27.36 ? 60  THR A O   1 
ATOM   462  C  CB  . THR A 1 60  ? 10.865  -5.563  -5.131  1.00 28.74 ? 60  THR A CB  1 
ATOM   463  O  OG1 . THR A 1 60  ? 10.919  -6.695  -4.257  1.00 31.83 ? 60  THR A OG1 1 
ATOM   464  C  CG2 . THR A 1 60  ? 12.138  -4.813  -4.922  1.00 31.94 ? 60  THR A CG2 1 
ATOM   465  N  N   . ALA A 1 61  ? 9.096   -3.155  -6.547  1.00 28.39 ? 61  ALA A N   1 
ATOM   466  C  CA  . ALA A 1 61  ? 9.138   -1.884  -7.216  1.00 28.33 ? 61  ALA A CA  1 
ATOM   467  C  C   . ALA A 1 61  ? 8.333   -0.794  -6.472  1.00 29.24 ? 61  ALA A C   1 
ATOM   468  O  O   . ALA A 1 61  ? 8.571   0.395   -6.721  1.00 27.74 ? 61  ALA A O   1 
ATOM   469  C  CB  . ALA A 1 61  ? 8.644   -2.048  -8.684  1.00 28.42 ? 61  ALA A CB  1 
ATOM   470  N  N   . LEU A 1 62  ? 7.412   -1.186  -5.560  1.00 27.33 ? 62  LEU A N   1 
ATOM   471  C  CA  . LEU A 1 62  ? 6.621   -0.195  -4.788  1.00 28.04 ? 62  LEU A CA  1 
ATOM   472  C  C   . LEU A 1 62  ? 7.418   0.512   -3.693  1.00 28.42 ? 62  LEU A C   1 
ATOM   473  O  O   . LEU A 1 62  ? 6.972   1.520   -3.123  1.00 27.75 ? 62  LEU A O   1 
ATOM   474  C  CB  . LEU A 1 62  ? 5.367   -0.853  -4.151  1.00 26.43 ? 62  LEU A CB  1 
ATOM   475  C  CG  . LEU A 1 62  ? 4.408   -1.490  -5.159  1.00 27.79 ? 62  LEU A CG  1 
ATOM   476  C  CD1 . LEU A 1 62  ? 3.379   -2.379  -4.392  1.00 27.08 ? 62  LEU A CD1 1 
ATOM   477  C  CD2 . LEU A 1 62  ? 3.756   -0.377  -6.014  1.00 27.14 ? 62  LEU A CD2 1 
ATOM   478  N  N   . LEU A 1 63  ? 8.583   -0.041  -3.366  1.00 28.34 ? 63  LEU A N   1 
ATOM   479  C  CA  . LEU A 1 63  ? 9.467   0.589   -2.416  1.00 30.44 ? 63  LEU A CA  1 
ATOM   480  C  C   . LEU A 1 63  ? 9.800   2.059   -2.808  1.00 31.47 ? 63  LEU A C   1 
ATOM   481  O  O   . LEU A 1 63  ? 9.991   2.890   -1.918  1.00 32.72 ? 63  LEU A O   1 
ATOM   482  C  CB  . LEU A 1 63  ? 10.744  -0.258  -2.235  1.00 30.75 ? 63  LEU A CB  1 
ATOM   483  C  CG  . LEU A 1 63  ? 10.716  -1.615  -1.492  1.00 29.15 ? 63  LEU A CG  1 
ATOM   484  C  CD1 . LEU A 1 63  ? 12.101  -2.269  -1.560  1.00 30.38 ? 63  LEU A CD1 1 
ATOM   485  C  CD2 . LEU A 1 63  ? 10.357  -1.424  0.004   1.00 26.07 ? 63  LEU A CD2 1 
ATOM   486  N  N   . SER A 1 64  ? 9.859   2.372   -4.112  1.00 31.68 ? 64  SER A N   1 
ATOM   487  C  CA  . SER A 1 64  ? 10.085  3.761   -4.611  1.00 33.49 ? 64  SER A CA  1 
ATOM   488  C  C   . SER A 1 64  ? 9.039   4.755   -4.122  1.00 33.29 ? 64  SER A C   1 
ATOM   489  O  O   . SER A 1 64  ? 9.261   5.968   -4.135  1.00 35.63 ? 64  SER A O   1 
ATOM   490  C  CB  . SER A 1 64  ? 10.007  3.783   -6.122  1.00 34.44 ? 64  SER A CB  1 
ATOM   491  O  OG  . SER A 1 64  ? 11.173  3.209   -6.682  1.00 41.35 ? 64  SER A OG  1 
ATOM   492  N  N   . LEU A 1 65  ? 7.884   4.245   -3.716  1.00 31.56 ? 65  LEU A N   1 
ATOM   493  C  CA  . LEU A 1 65  ? 6.816   5.089   -3.279  1.00 30.75 ? 65  LEU A CA  1 
ATOM   494  C  C   . LEU A 1 65  ? 6.854   5.505   -1.820  1.00 30.93 ? 65  LEU A C   1 
ATOM   495  O  O   . LEU A 1 65  ? 5.968   6.223   -1.392  1.00 32.31 ? 65  LEU A O   1 
ATOM   496  C  CB  . LEU A 1 65  ? 5.492   4.389   -3.556  1.00 29.20 ? 65  LEU A CB  1 
ATOM   497  C  CG  . LEU A 1 65  ? 5.213   4.068   -5.023  1.00 29.17 ? 65  LEU A CG  1 
ATOM   498  C  CD1 . LEU A 1 65  ? 3.767   3.443   -5.099  1.00 28.28 ? 65  LEU A CD1 1 
ATOM   499  C  CD2 . LEU A 1 65  ? 5.309   5.296   -5.954  1.00 27.49 ? 65  LEU A CD2 1 
ATOM   500  N  N   . PHE A 1 66  ? 7.827   5.013   -1.038  1.00 31.21 ? 66  PHE A N   1 
ATOM   501  C  CA  . PHE A 1 66  ? 7.909   5.355   0.407   1.00 30.29 ? 66  PHE A CA  1 
ATOM   502  C  C   . PHE A 1 66  ? 8.169   6.851   0.613   1.00 29.48 ? 66  PHE A C   1 
ATOM   503  O  O   . PHE A 1 66  ? 7.890   7.353   1.702   1.00 30.25 ? 66  PHE A O   1 
ATOM   504  C  CB  . PHE A 1 66  ? 9.039   4.586   1.092   1.00 29.25 ? 66  PHE A CB  1 
ATOM   505  C  CG  . PHE A 1 66  ? 8.712   3.127   1.434   1.00 28.25 ? 66  PHE A CG  1 
ATOM   506  C  CD1 . PHE A 1 66  ? 7.617   2.469   0.882   1.00 26.70 ? 66  PHE A CD1 1 
ATOM   507  C  CD2 . PHE A 1 66  ? 9.581   2.393   2.273   1.00 27.97 ? 66  PHE A CD2 1 
ATOM   508  C  CE1 . PHE A 1 66  ? 7.393   1.131   1.156   1.00 28.00 ? 66  PHE A CE1 1 
ATOM   509  C  CE2 . PHE A 1 66  ? 9.317   1.034   2.601   1.00 28.98 ? 66  PHE A CE2 1 
ATOM   510  C  CZ  . PHE A 1 66  ? 8.233   0.404   2.045   1.00 25.73 ? 66  PHE A CZ  1 
ATOM   511  N  N   . GLU A 1 67  ? 8.776   7.530   -0.374  1.00 28.02 ? 67  GLU A N   1 
ATOM   512  C  CA  . GLU A 1 67  ? 8.986   8.990   -0.308  1.00 28.55 ? 67  GLU A CA  1 
ATOM   513  C  C   . GLU A 1 67  ? 7.876   9.789   -1.036  1.00 27.43 ? 67  GLU A C   1 
ATOM   514  O  O   . GLU A 1 67  ? 7.871   11.009  -1.019  1.00 26.73 ? 67  GLU A O   1 
ATOM   515  C  CB  . GLU A 1 67  ? 10.382  9.393   -0.809  1.00 29.55 ? 67  GLU A CB  1 
ATOM   516  C  CG  . GLU A 1 67  ? 11.488  8.728   -0.020  1.00 33.01 ? 67  GLU A CG  1 
ATOM   517  C  CD  . GLU A 1 67  ? 12.850  9.132   -0.507  1.00 37.31 ? 67  GLU A CD  1 
ATOM   518  O  OE1 . GLU A 1 67  ? 12.909  10.035  -1.347  1.00 39.39 ? 67  GLU A OE1 1 
ATOM   519  O  OE2 . GLU A 1 67  ? 13.849  8.539   -0.071  1.00 39.53 ? 67  GLU A OE2 1 
ATOM   520  N  N   . TYR A 1 68  ? 6.916   9.089   -1.626  1.00 27.32 ? 68  TYR A N   1 
ATOM   521  C  CA  . TYR A 1 68  ? 5.796   9.746   -2.349  1.00 27.25 ? 68  TYR A CA  1 
ATOM   522  C  C   . TYR A 1 68  ? 5.053   10.741  -1.388  1.00 26.84 ? 68  TYR A C   1 
ATOM   523  O  O   . TYR A 1 68  ? 4.736   10.360  -0.281  1.00 26.45 ? 68  TYR A O   1 
ATOM   524  C  CB  . TYR A 1 68  ? 4.828   8.687   -2.950  1.00 27.21 ? 68  TYR A CB  1 
ATOM   525  C  CG  . TYR A 1 68  ? 3.870   9.316   -3.935  1.00 26.87 ? 68  TYR A CG  1 
ATOM   526  C  CD1 . TYR A 1 68  ? 4.153   9.294   -5.316  1.00 28.05 ? 68  TYR A CD1 1 
ATOM   527  C  CD2 . TYR A 1 68  ? 2.754   10.043  -3.489  1.00 24.78 ? 68  TYR A CD2 1 
ATOM   528  C  CE1 . TYR A 1 68  ? 3.345   9.945   -6.229  1.00 26.30 ? 68  TYR A CE1 1 
ATOM   529  C  CE2 . TYR A 1 68  ? 1.936   10.729  -4.400  1.00 26.48 ? 68  TYR A CE2 1 
ATOM   530  C  CZ  . TYR A 1 68  ? 2.228   10.639  -5.758  1.00 29.33 ? 68  TYR A CZ  1 
ATOM   531  O  OH  . TYR A 1 68  ? 1.428   11.253  -6.637  1.00 30.02 ? 68  TYR A OH  1 
ATOM   532  N  N   . PRO A 1 69  ? 4.793   12.009  -1.827  1.00 27.49 ? 69  PRO A N   1 
ATOM   533  C  CA  . PRO A 1 69  ? 4.163   12.990  -0.929  1.00 26.30 ? 69  PRO A CA  1 
ATOM   534  C  C   . PRO A 1 69  ? 2.641   12.759  -0.753  1.00 26.80 ? 69  PRO A C   1 
ATOM   535  O  O   . PRO A 1 69  ? 1.805   13.608  -1.125  1.00 27.18 ? 69  PRO A O   1 
ATOM   536  C  CB  . PRO A 1 69  ? 4.466   14.332  -1.625  1.00 26.43 ? 69  PRO A CB  1 
ATOM   537  C  CG  . PRO A 1 69  ? 4.423   13.989  -3.106  1.00 27.64 ? 69  PRO A CG  1 
ATOM   538  C  CD  . PRO A 1 69  ? 5.116   12.610  -3.158  1.00 26.08 ? 69  PRO A CD  1 
ATOM   539  N  N   . ASN A 1 70  ? 2.270   11.617  -0.187  1.00 25.53 ? 70  ASN A N   1 
ATOM   540  C  CA  . ASN A 1 70  ? 0.885   11.349  0.139   1.00 26.29 ? 70  ASN A CA  1 
ATOM   541  C  C   . ASN A 1 70  ? 0.906   10.205  1.148   1.00 25.84 ? 70  ASN A C   1 
ATOM   542  O  O   . ASN A 1 70  ? 1.592   9.211   0.940   1.00 27.21 ? 70  ASN A O   1 
ATOM   543  C  CB  . ASN A 1 70  ? 0.036   11.008  -1.096  1.00 24.97 ? 70  ASN A CB  1 
ATOM   544  C  CG  . ASN A 1 70  ? -1.429  10.782  -0.742  1.00 26.74 ? 70  ASN A CG  1 
ATOM   545  O  OD1 . ASN A 1 70  ? -1.783  9.742   -0.190  1.00 26.53 ? 70  ASN A OD1 1 
ATOM   546  N  ND2 . ASN A 1 70  ? -2.298  11.728  -1.111  1.00 25.17 ? 70  ASN A ND2 1 
HETATM 547  N  N   . MSE A 1 71  ? 0.218   10.369  2.257   1.00 24.90 ? 71  MSE A N   1 
HETATM 548  C  CA  . MSE A 1 71  ? 0.385   9.414   3.369   1.00 26.72 ? 71  MSE A CA  1 
HETATM 549  C  C   . MSE A 1 71  ? -0.335  8.109   3.063   1.00 26.64 ? 71  MSE A C   1 
HETATM 550  O  O   . MSE A 1 71  ? 0.102   7.017   3.499   1.00 27.98 ? 71  MSE A O   1 
HETATM 551  C  CB  . MSE A 1 71  ? -0.153  9.997   4.684   1.00 26.46 ? 71  MSE A CB  1 
HETATM 552  C  CG  . MSE A 1 71  ? 0.332   9.235   5.942   1.00 26.38 ? 71  MSE A CG  1 
HETATM 553  SE SE  . MSE A 1 71  ? 2.372   9.349   6.055   1.00 37.21 ? 71  MSE A SE  1 
HETATM 554  C  CE  . MSE A 1 71  ? 2.625   11.176  6.774   1.00 24.50 ? 71  MSE A CE  1 
ATOM   555  N  N   . GLN A 1 72  ? -1.439  8.198   2.334   1.00 26.83 ? 72  GLN A N   1 
ATOM   556  C  CA  . GLN A 1 72  ? -2.110  6.980   1.904   1.00 27.18 ? 72  GLN A CA  1 
ATOM   557  C  C   . GLN A 1 72  ? -1.223  6.133   0.972   1.00 27.72 ? 72  GLN A C   1 
ATOM   558  O  O   . GLN A 1 72  ? -1.220  4.902   1.063   1.00 28.03 ? 72  GLN A O   1 
ATOM   559  C  CB  . GLN A 1 72  ? -3.471  7.303   1.250   1.00 27.79 ? 72  GLN A CB  1 
ATOM   560  C  CG  . GLN A 1 72  ? -4.355  6.028   0.899   1.00 27.15 ? 72  GLN A CG  1 
ATOM   561  C  CD  . GLN A 1 72  ? -4.941  5.349   2.132   1.00 30.97 ? 72  GLN A CD  1 
ATOM   562  O  OE1 . GLN A 1 72  ? -4.781  5.838   3.252   1.00 31.85 ? 72  GLN A OE1 1 
ATOM   563  N  NE2 . GLN A 1 72  ? -5.667  4.235   1.918   1.00 30.20 ? 72  GLN A NE2 1 
ATOM   564  N  N   . VAL A 1 73  ? -0.508  6.791   0.045   1.00 27.06 ? 73  VAL A N   1 
ATOM   565  C  CA  . VAL A 1 73  ? 0.402   6.097   -0.863  1.00 26.70 ? 73  VAL A CA  1 
ATOM   566  C  C   . VAL A 1 73  ? 1.481   5.397   -0.020  1.00 26.38 ? 73  VAL A C   1 
ATOM   567  O  O   . VAL A 1 73  ? 1.743   4.218   -0.214  1.00 26.08 ? 73  VAL A O   1 
ATOM   568  C  CB  . VAL A 1 73  ? 1.024   7.067   -1.926  1.00 26.55 ? 73  VAL A CB  1 
ATOM   569  C  CG1 . VAL A 1 73  ? 1.994   6.345   -2.862  1.00 27.68 ? 73  VAL A CG1 1 
ATOM   570  C  CG2 . VAL A 1 73  ? -0.111  7.656   -2.794  1.00 22.79 ? 73  VAL A CG2 1 
ATOM   571  N  N   . ARG A 1 74  ? 2.099   6.137   0.895   1.00 25.56 ? 74  ARG A N   1 
ATOM   572  C  CA  . ARG A 1 74  ? 3.165   5.585   1.708   1.00 25.82 ? 74  ARG A CA  1 
ATOM   573  C  C   . ARG A 1 74  ? 2.685   4.385   2.522   1.00 25.02 ? 74  ARG A C   1 
ATOM   574  O  O   . ARG A 1 74  ? 3.409   3.387   2.617   1.00 25.68 ? 74  ARG A O   1 
ATOM   575  C  CB  . ARG A 1 74  ? 3.722   6.664   2.651   1.00 24.00 ? 74  ARG A CB  1 
ATOM   576  C  CG  . ARG A 1 74  ? 4.445   7.803   1.911   1.00 25.34 ? 74  ARG A CG  1 
ATOM   577  C  CD  . ARG A 1 74  ? 5.207   8.708   2.912   1.00 25.34 ? 74  ARG A CD  1 
ATOM   578  N  NE  . ARG A 1 74  ? 5.924   9.778   2.194   1.00 25.23 ? 74  ARG A NE  1 
ATOM   579  C  CZ  . ARG A 1 74  ? 6.897   10.524  2.696   1.00 27.10 ? 74  ARG A CZ  1 
ATOM   580  N  NH1 . ARG A 1 74  ? 7.323   10.342  3.934   1.00 26.22 ? 74  ARG A NH1 1 
ATOM   581  N  NH2 . ARG A 1 74  ? 7.469   11.472  1.947   1.00 26.11 ? 74  ARG A NH2 1 
ATOM   582  N  N   . LEU A 1 75  ? 1.508   4.523   3.154   1.00 25.01 ? 75  LEU A N   1 
ATOM   583  C  CA  . LEU A 1 75  ? 0.898   3.460   3.972   1.00 25.27 ? 75  LEU A CA  1 
ATOM   584  C  C   . LEU A 1 75  ? 0.661   2.190   3.166   1.00 25.81 ? 75  LEU A C   1 
ATOM   585  O  O   . LEU A 1 75  ? 1.054   1.086   3.549   1.00 25.44 ? 75  LEU A O   1 
ATOM   586  C  CB  . LEU A 1 75  ? -0.453  3.915   4.588   1.00 25.67 ? 75  LEU A CB  1 
ATOM   587  C  CG  . LEU A 1 75  ? -1.271  2.812   5.290   1.00 26.20 ? 75  LEU A CG  1 
ATOM   588  C  CD1 . LEU A 1 75  ? -0.606  2.345   6.550   1.00 22.98 ? 75  LEU A CD1 1 
ATOM   589  C  CD2 . LEU A 1 75  ? -2.642  3.416   5.631   1.00 27.58 ? 75  LEU A CD2 1 
ATOM   590  N  N   . GLN A 1 76  ? 0.003   2.346   2.036   1.00 26.25 ? 76  GLN A N   1 
ATOM   591  C  CA  A GLN A 1 76  ? -0.352  1.200   1.225   0.50 26.54 ? 76  GLN A CA  1 
ATOM   592  C  CA  B GLN A 1 76  ? -0.359  1.183   1.250   0.50 26.69 ? 76  GLN A CA  1 
ATOM   593  C  C   . GLN A 1 76  ? 0.884   0.527   0.640   1.00 26.93 ? 76  GLN A C   1 
ATOM   594  O  O   . GLN A 1 76  ? 0.929   -0.674  0.546   1.00 26.75 ? 76  GLN A O   1 
ATOM   595  C  CB  A GLN A 1 76  ? -1.353  1.587   0.129   0.50 26.90 ? 76  GLN A CB  1 
ATOM   596  C  CB  B GLN A 1 76  ? -1.420  1.515   0.187   0.50 27.33 ? 76  GLN A CB  1 
ATOM   597  C  CG  A GLN A 1 76  ? -2.776  1.850   0.698   0.50 27.83 ? 76  GLN A CG  1 
ATOM   598  C  CG  B GLN A 1 76  ? -2.740  2.135   0.776   0.50 28.65 ? 76  GLN A CG  1 
ATOM   599  C  CD  A GLN A 1 76  ? -3.225  0.758   1.642   0.50 28.07 ? 76  GLN A CD  1 
ATOM   600  C  CD  B GLN A 1 76  ? -3.702  1.125   1.402   0.50 30.73 ? 76  GLN A CD  1 
ATOM   601  O  OE1 A GLN A 1 76  ? -3.277  -0.402  1.268   0.50 28.75 ? 76  GLN A OE1 1 
ATOM   602  O  OE1 B GLN A 1 76  ? -4.922  1.188   1.173   0.50 31.27 ? 76  GLN A OE1 1 
ATOM   603  N  NE2 A GLN A 1 76  ? -3.547  1.127   2.878   0.50 25.46 ? 76  GLN A NE2 1 
ATOM   604  N  NE2 B GLN A 1 76  ? -3.176  0.234   2.237   0.50 27.69 ? 76  GLN A NE2 1 
ATOM   605  N  N   . ALA A 1 77  ? 1.861   1.327   0.241   1.00 25.65 ? 77  ALA A N   1 
ATOM   606  C  CA  . ALA A 1 77  ? 3.120   0.798   -0.297  1.00 27.11 ? 77  ALA A CA  1 
ATOM   607  C  C   . ALA A 1 77  ? 3.884   -0.012  0.775   1.00 27.89 ? 77  ALA A C   1 
ATOM   608  O  O   . ALA A 1 77  ? 4.404   -1.091  0.476   1.00 28.06 ? 77  ALA A O   1 
ATOM   609  C  CB  . ALA A 1 77  ? 4.030   1.949   -0.876  1.00 26.33 ? 77  ALA A CB  1 
ATOM   610  N  N   . ALA A 1 78  ? 3.893   0.474   2.010   1.00 27.96 ? 78  ALA A N   1 
ATOM   611  C  CA  . ALA A 1 78  ? 4.538   -0.234  3.095   1.00 28.91 ? 78  ALA A CA  1 
ATOM   612  C  C   . ALA A 1 78  ? 3.763   -1.490  3.455   1.00 29.00 ? 78  ALA A C   1 
ATOM   613  O  O   . ALA A 1 78  ? 4.346   -2.566  3.641   1.00 27.40 ? 78  ALA A O   1 
ATOM   614  C  CB  . ALA A 1 78  ? 4.707   0.686   4.319   1.00 28.56 ? 78  ALA A CB  1 
ATOM   615  N  N   . LYS A 1 79  ? 2.433   -1.392  3.520   1.00 29.94 ? 79  LYS A N   1 
ATOM   616  C  CA  . LYS A 1 79  ? 1.637   -2.614  3.782   1.00 30.30 ? 79  LYS A CA  1 
ATOM   617  C  C   . LYS A 1 79  ? 1.849   -3.706  2.736   1.00 31.08 ? 79  LYS A C   1 
ATOM   618  O  O   . LYS A 1 79  ? 1.954   -4.870  3.068   1.00 29.90 ? 79  LYS A O   1 
ATOM   619  C  CB  . LYS A 1 79  ? 0.140   -2.303  3.916   1.00 31.68 ? 79  LYS A CB  1 
ATOM   620  C  CG  . LYS A 1 79  ? -0.196  -1.646  5.240   1.00 33.69 ? 79  LYS A CG  1 
ATOM   621  C  CD  . LYS A 1 79  ? -1.567  -1.043  5.281   1.00 38.92 ? 79  LYS A CD  1 
ATOM   622  C  CE  . LYS A 1 79  ? -2.674  -2.060  5.415   1.00 44.67 ? 79  LYS A CE  1 
ATOM   623  N  NZ  . LYS A 1 79  ? -3.998  -1.316  5.246   1.00 51.86 ? 79  LYS A NZ  1 
ATOM   624  N  N   . LEU A 1 80  ? 1.949   -3.319  1.483   1.00 32.02 ? 80  LEU A N   1 
ATOM   625  C  CA  . LEU A 1 80  ? 2.049   -4.294  0.380   1.00 32.87 ? 80  LEU A CA  1 
ATOM   626  C  C   . LEU A 1 80  ? 3.483   -4.732  0.077   1.00 32.73 ? 80  LEU A C   1 
ATOM   627  O  O   . LEU A 1 80  ? 3.712   -5.564  -0.815  1.00 33.69 ? 80  LEU A O   1 
ATOM   628  C  CB  . LEU A 1 80  ? 1.393   -3.715  -0.910  1.00 32.47 ? 80  LEU A CB  1 
ATOM   629  C  CG  . LEU A 1 80  ? -0.150  -3.754  -0.842  1.00 34.50 ? 80  LEU A CG  1 
ATOM   630  C  CD1 . LEU A 1 80  ? -0.812  -2.943  -1.964  1.00 36.75 ? 80  LEU A CD1 1 
ATOM   631  C  CD2 . LEU A 1 80  ? -0.615  -5.186  -0.932  1.00 39.81 ? 80  LEU A CD2 1 
ATOM   632  N  N   . THR A 1 81  ? 4.459   -4.172  0.792   1.00 31.79 ? 81  THR A N   1 
ATOM   633  C  CA  . THR A 1 81  ? 5.827   -4.661  0.654   1.00 30.83 ? 81  THR A CA  1 
ATOM   634  C  C   . THR A 1 81  ? 6.337   -5.407  1.883   1.00 31.19 ? 81  THR A C   1 
ATOM   635  O  O   . THR A 1 81  ? 7.527   -5.765  1.934   1.00 32.14 ? 81  THR A O   1 
ATOM   636  C  CB  . THR A 1 81  ? 6.821   -3.546  0.246   1.00 31.18 ? 81  THR A CB  1 
ATOM   637  O  OG1 . THR A 1 81  ? 6.735   -2.435  1.148   1.00 30.22 ? 81  THR A OG1 1 
ATOM   638  C  CG2 . THR A 1 81  ? 6.515   -3.046  -1.135  1.00 29.98 ? 81  THR A CG2 1 
ATOM   639  N  N   . LEU A 1 82  ? 5.485   -5.639  2.880   1.00 30.05 ? 82  LEU A N   1 
ATOM   640  C  CA  . LEU A 1 82  ? 5.942   -6.385  4.073   1.00 30.75 ? 82  LEU A CA  1 
ATOM   641  C  C   . LEU A 1 82  ? 6.494   -7.771  3.714   1.00 30.96 ? 82  LEU A C   1 
ATOM   642  O  O   . LEU A 1 82  ? 7.405   -8.242  4.359   1.00 30.72 ? 82  LEU A O   1 
ATOM   643  C  CB  . LEU A 1 82  ? 4.841   -6.533  5.127   1.00 31.13 ? 82  LEU A CB  1 
ATOM   644  C  CG  . LEU A 1 82  ? 4.551   -5.281  5.967   1.00 32.17 ? 82  LEU A CG  1 
ATOM   645  C  CD1 . LEU A 1 82  ? 3.080   -5.325  6.468   1.00 32.56 ? 82  LEU A CD1 1 
ATOM   646  C  CD2 . LEU A 1 82  ? 5.517   -5.240  7.139   1.00 31.54 ? 82  LEU A CD2 1 
ATOM   647  N  N   . ALA A 1 83  ? 5.960   -8.403  2.671   1.00 31.57 ? 83  ALA A N   1 
ATOM   648  C  CA  . ALA A 1 83  ? 6.424   -9.735  2.320   1.00 31.96 ? 83  ALA A CA  1 
ATOM   649  C  C   . ALA A 1 83  ? 7.776   -9.689  1.639   1.00 32.14 ? 83  ALA A C   1 
ATOM   650  O  O   . ALA A 1 83  ? 8.622   -10.527 1.918   1.00 32.20 ? 83  ALA A O   1 
ATOM   651  C  CB  . ALA A 1 83  ? 5.406   -10.468 1.447   1.00 32.02 ? 83  ALA A CB  1 
ATOM   652  N  N   . VAL A 1 84  ? 7.986   -8.722  0.747   1.00 31.27 ? 84  VAL A N   1 
ATOM   653  C  CA  . VAL A 1 84  ? 9.214   -8.698  -0.048  1.00 30.99 ? 84  VAL A CA  1 
ATOM   654  C  C   . VAL A 1 84  ? 10.348  -7.937  0.633   1.00 31.95 ? 84  VAL A C   1 
ATOM   655  O  O   . VAL A 1 84  ? 11.508  -8.089  0.250   1.00 32.23 ? 84  VAL A O   1 
ATOM   656  C  CB  . VAL A 1 84  ? 8.993   -8.155  -1.488  1.00 31.35 ? 84  VAL A CB  1 
ATOM   657  C  CG1 . VAL A 1 84  ? 8.037   -9.050  -2.254  1.00 30.67 ? 84  VAL A CG1 1 
ATOM   658  C  CG2 . VAL A 1 84  ? 8.494   -6.668  -1.486  1.00 29.88 ? 84  VAL A CG2 1 
ATOM   659  N  N   . ALA A 1 85  ? 10.020  -7.099  1.619   1.00 31.20 ? 85  ALA A N   1 
ATOM   660  C  CA  . ALA A 1 85  ? 11.022  -6.239  2.272   1.00 31.43 ? 85  ALA A CA  1 
ATOM   661  C  C   . ALA A 1 85  ? 10.563  -5.958  3.697   1.00 31.83 ? 85  ALA A C   1 
ATOM   662  O  O   . ALA A 1 85  ? 10.160  -4.822  4.009   1.00 31.48 ? 85  ALA A O   1 
ATOM   663  C  CB  . ALA A 1 85  ? 11.198  -4.937  1.497   1.00 31.07 ? 85  ALA A CB  1 
ATOM   664  N  N   . PRO A 1 86  ? 10.567  -7.002  4.556   1.00 32.15 ? 86  PRO A N   1 
ATOM   665  C  CA  . PRO A 1 86  ? 9.917   -6.828  5.862   1.00 31.88 ? 86  PRO A CA  1 
ATOM   666  C  C   . PRO A 1 86  ? 10.540  -5.742  6.714   1.00 32.38 ? 86  PRO A C   1 
ATOM   667  O  O   . PRO A 1 86  ? 9.799   -4.999  7.370   1.00 31.96 ? 86  PRO A O   1 
ATOM   668  C  CB  . PRO A 1 86  ? 10.051  -8.213  6.536   1.00 31.51 ? 86  PRO A CB  1 
ATOM   669  C  CG  . PRO A 1 86  ? 11.115  -8.919  5.802   1.00 31.45 ? 86  PRO A CG  1 
ATOM   670  C  CD  . PRO A 1 86  ? 11.109  -8.371  4.387   1.00 31.71 ? 86  PRO A CD  1 
ATOM   671  N  N   . VAL A 1 87  ? 11.875  -5.645  6.696   1.00 32.06 ? 87  VAL A N   1 
ATOM   672  C  CA  . VAL A 1 87  ? 12.606  -4.643  7.487   1.00 32.38 ? 87  VAL A CA  1 
ATOM   673  C  C   . VAL A 1 87  ? 12.277  -3.197  7.035   1.00 32.69 ? 87  VAL A C   1 
ATOM   674  O  O   . VAL A 1 87  ? 11.848  -2.367  7.856   1.00 32.76 ? 87  VAL A O   1 
ATOM   675  C  CB  . VAL A 1 87  ? 14.144  -4.889  7.477   1.00 32.37 ? 87  VAL A CB  1 
ATOM   676  C  CG1 . VAL A 1 87  ? 14.906  -3.657  8.008   1.00 31.80 ? 87  VAL A CG1 1 
ATOM   677  C  CG2 . VAL A 1 87  ? 14.498  -6.143  8.288   1.00 31.35 ? 87  VAL A CG2 1 
ATOM   678  N  N   . LYS A 1 88  ? 12.488  -2.908  5.749   1.00 32.31 ? 88  LYS A N   1 
ATOM   679  C  CA  . LYS A 1 88  ? 12.141  -1.606  5.148   1.00 32.49 ? 88  LYS A CA  1 
ATOM   680  C  C   . LYS A 1 88  ? 10.659  -1.233  5.332   1.00 31.01 ? 88  LYS A C   1 
ATOM   681  O  O   . LYS A 1 88  ? 10.330  -0.081  5.672   1.00 31.53 ? 88  LYS A O   1 
ATOM   682  C  CB  . LYS A 1 88  ? 12.501  -1.584  3.656   1.00 32.07 ? 88  LYS A CB  1 
ATOM   683  C  CG  . LYS A 1 88  ? 13.996  -1.399  3.332   1.00 34.72 ? 88  LYS A CG  1 
ATOM   684  C  CD  . LYS A 1 88  ? 14.242  -1.555  1.822   1.00 35.19 ? 88  LYS A CD  1 
ATOM   685  C  CE  . LYS A 1 88  ? 15.676  -2.052  1.520   1.00 44.23 ? 88  LYS A CE  1 
ATOM   686  N  NZ  . LYS A 1 88  ? 15.801  -2.609  0.112   1.00 47.38 ? 88  LYS A NZ  1 
ATOM   687  N  N   . ALA A 1 89  ? 9.771   -2.175  5.046   1.00 29.99 ? 89  ALA A N   1 
ATOM   688  C  CA  . ALA A 1 89  ? 8.330   -1.942  5.195   1.00 30.34 ? 89  ALA A CA  1 
ATOM   689  C  C   . ALA A 1 89  ? 7.957   -1.631  6.647   1.00 30.06 ? 89  ALA A C   1 
ATOM   690  O  O   . ALA A 1 89  ? 7.205   -0.680  6.903   1.00 30.05 ? 89  ALA A O   1 
ATOM   691  C  CB  . ALA A 1 89  ? 7.497   -3.117  4.647   1.00 29.70 ? 89  ALA A CB  1 
ATOM   692  N  N   . ARG A 1 90  ? 8.483   -2.413  7.585   1.00 30.20 ? 90  ARG A N   1 
ATOM   693  C  CA  . ARG A 1 90  ? 8.213   -2.214  9.012   1.00 31.29 ? 90  ARG A CA  1 
ATOM   694  C  C   . ARG A 1 90  ? 8.706   -0.802  9.456   1.00 31.02 ? 90  ARG A C   1 
ATOM   695  O  O   . ARG A 1 90  ? 8.007   -0.082  10.166  1.00 29.38 ? 90  ARG A O   1 
ATOM   696  C  CB  . ARG A 1 90  ? 8.850   -3.334  9.876   1.00 30.69 ? 90  ARG A CB  1 
ATOM   697  C  CG  . ARG A 1 90  ? 8.663   -3.071  11.360  1.00 32.94 ? 90  ARG A CG  1 
ATOM   698  C  CD  . ARG A 1 90  ? 9.154   -4.160  12.341  1.00 34.36 ? 90  ARG A CD  1 
ATOM   699  N  NE  . ARG A 1 90  ? 8.455   -3.893  13.610  1.00 42.85 ? 90  ARG A NE  1 
ATOM   700  C  CZ  . ARG A 1 90  ? 7.408   -4.576  14.081  1.00 44.06 ? 90  ARG A CZ  1 
ATOM   701  N  NH1 . ARG A 1 90  ? 6.935   -5.641  13.426  1.00 43.16 ? 90  ARG A NH1 1 
ATOM   702  N  NH2 . ARG A 1 90  ? 6.851   -4.196  15.231  1.00 45.62 ? 90  ARG A NH2 1 
ATOM   703  N  N   . GLU A 1 91  ? 9.913   -0.436  9.023   1.00 31.74 ? 91  GLU A N   1 
ATOM   704  C  CA  . GLU A 1 91  ? 10.484  0.892   9.290   1.00 33.41 ? 91  GLU A CA  1 
ATOM   705  C  C   . GLU A 1 91  ? 9.578   2.041   8.804   1.00 31.15 ? 91  GLU A C   1 
ATOM   706  O  O   . GLU A 1 91  ? 9.393   3.048   9.510   1.00 30.96 ? 91  GLU A O   1 
ATOM   707  C  CB  . GLU A 1 91  ? 11.874  0.986   8.658   1.00 33.81 ? 91  GLU A CB  1 
ATOM   708  C  CG  . GLU A 1 91  ? 12.611  2.335   8.874   1.00 38.89 ? 91  GLU A CG  1 
ATOM   709  C  CD  . GLU A 1 91  ? 13.954  2.454   8.094   1.00 39.03 ? 91  GLU A CD  1 
ATOM   710  O  OE1 . GLU A 1 91  ? 13.999  2.144   6.864   1.00 42.10 ? 91  GLU A OE1 1 
ATOM   711  O  OE2 . GLU A 1 91  ? 14.963  2.889   8.728   1.00 45.14 ? 91  GLU A OE2 1 
ATOM   712  N  N   . GLN A 1 92  ? 9.042   1.911   7.599   1.00 29.06 ? 92  GLN A N   1 
ATOM   713  C  CA  . GLN A 1 92  ? 8.107   2.907   7.081   1.00 28.48 ? 92  GLN A CA  1 
ATOM   714  C  C   . GLN A 1 92  ? 6.807   2.925   7.898   1.00 28.13 ? 92  GLN A C   1 
ATOM   715  O  O   . GLN A 1 92  ? 6.346   3.980   8.270   1.00 28.62 ? 92  GLN A O   1 
ATOM   716  C  CB  . GLN A 1 92  ? 7.817   2.707   5.589   1.00 28.27 ? 92  GLN A CB  1 
ATOM   717  C  CG  . GLN A 1 92  ? 6.788   3.700   4.983   1.00 27.58 ? 92  GLN A CG  1 
ATOM   718  C  CD  . GLN A 1 92  ? 7.154   5.159   5.126   1.00 29.74 ? 92  GLN A CD  1 
ATOM   719  O  OE1 . GLN A 1 92  ? 8.348   5.538   5.163   1.00 32.67 ? 92  GLN A OE1 1 
ATOM   720  N  NE2 . GLN A 1 92  ? 6.131   6.002   5.222   1.00 24.75 ? 92  GLN A NE2 1 
ATOM   721  N  N   . LEU A 1 93  ? 6.274   1.770   8.256   1.00 27.01 ? 93  LEU A N   1 
ATOM   722  C  CA  . LEU A 1 93  ? 5.066   1.779   9.058   1.00 27.81 ? 93  LEU A CA  1 
ATOM   723  C  C   . LEU A 1 93  ? 5.316   2.467   10.380  1.00 27.49 ? 93  LEU A C   1 
ATOM   724  O  O   . LEU A 1 93  ? 4.437   3.154   10.872  1.00 27.93 ? 93  LEU A O   1 
ATOM   725  C  CB  . LEU A 1 93  ? 4.535   0.356   9.268   1.00 27.31 ? 93  LEU A CB  1 
ATOM   726  C  CG  . LEU A 1 93  ? 3.992   -0.404  8.057   1.00 29.27 ? 93  LEU A CG  1 
ATOM   727  C  CD1 . LEU A 1 93  ? 3.641   -1.843  8.476   1.00 26.42 ? 93  LEU A CD1 1 
ATOM   728  C  CD2 . LEU A 1 93  ? 2.725   0.324   7.504   1.00 29.81 ? 93  LEU A CD2 1 
ATOM   729  N  N   . GLU A 1 94  ? 6.502   2.242   10.967  1.00 28.37 ? 94  GLU A N   1 
ATOM   730  C  CA  . GLU A 1 94  ? 6.881   2.838   12.236  1.00 29.05 ? 94  GLU A CA  1 
ATOM   731  C  C   . GLU A 1 94  ? 6.954   4.351   12.112  1.00 27.69 ? 94  GLU A C   1 
ATOM   732  O  O   . GLU A 1 94  ? 6.487   5.027   12.995  1.00 28.40 ? 94  GLU A O   1 
ATOM   733  C  CB  . GLU A 1 94  ? 8.189   2.245   12.768  1.00 28.26 ? 94  GLU A CB  1 
ATOM   734  C  CG  . GLU A 1 94  ? 7.974   0.794   13.305  1.00 31.19 ? 94  GLU A CG  1 
ATOM   735  C  CD  . GLU A 1 94  ? 9.243   0.044   13.703  1.00 34.43 ? 94  GLU A CD  1 
ATOM   736  O  OE1 . GLU A 1 94  ? 10.371  0.389   13.251  1.00 41.29 ? 94  GLU A OE1 1 
ATOM   737  O  OE2 . GLU A 1 94  ? 9.085   -0.940  14.456  1.00 38.01 ? 94  GLU A OE2 1 
ATOM   738  N  N   . ALA A 1 95  ? 7.547   4.861   11.032  1.00 27.36 ? 95  ALA A N   1 
ATOM   739  C  CA  . ALA A 1 95  ? 7.557   6.326   10.697  1.00 26.96 ? 95  ALA A CA  1 
ATOM   740  C  C   . ALA A 1 95  ? 6.156   6.930   10.539  1.00 26.32 ? 95  ALA A C   1 
ATOM   741  O  O   . ALA A 1 95  ? 5.913   8.046   10.989  1.00 25.86 ? 95  ALA A O   1 
ATOM   742  C  CB  . ALA A 1 95  ? 8.380   6.581   9.438   1.00 26.67 ? 95  ALA A CB  1 
ATOM   743  N  N   . ILE A 1 96  ? 5.259   6.217   9.847   1.00 25.83 ? 96  ILE A N   1 
ATOM   744  C  CA  . ILE A 1 96  ? 3.850   6.629   9.771   1.00 25.87 ? 96  ILE A CA  1 
ATOM   745  C  C   . ILE A 1 96  ? 3.198   6.713   11.168  1.00 26.67 ? 96  ILE A C   1 
ATOM   746  O  O   . ILE A 1 96  ? 2.618   7.746   11.517  1.00 27.10 ? 96  ILE A O   1 
ATOM   747  C  CB  . ILE A 1 96  ? 3.032   5.742   8.763   1.00 25.58 ? 96  ILE A CB  1 
ATOM   748  C  CG1 . ILE A 1 96  ? 3.687   5.830   7.371   1.00 24.13 ? 96  ILE A CG1 1 
ATOM   749  C  CG2 . ILE A 1 96  ? 1.501   6.175   8.737   1.00 25.22 ? 96  ILE A CG2 1 
ATOM   750  C  CD1 . ILE A 1 96  ? 3.025   4.847   6.337   1.00 24.05 ? 96  ILE A CD1 1 
ATOM   751  N  N   . VAL A 1 97  ? 3.289   5.650   11.981  1.00 26.21 ? 97  VAL A N   1 
ATOM   752  C  CA  . VAL A 1 97  ? 2.893   5.783   13.408  1.00 25.35 ? 97  VAL A CA  1 
ATOM   753  C  C   . VAL A 1 97  ? 3.523   7.021   14.089  1.00 25.57 ? 97  VAL A C   1 
ATOM   754  O  O   . VAL A 1 97  ? 2.805   7.777   14.729  1.00 26.66 ? 97  VAL A O   1 
ATOM   755  C  CB  . VAL A 1 97  ? 3.238   4.513   14.222  1.00 24.86 ? 97  VAL A CB  1 
ATOM   756  C  CG1 . VAL A 1 97  ? 2.942   4.708   15.685  1.00 26.52 ? 97  VAL A CG1 1 
ATOM   757  C  CG2 . VAL A 1 97  ? 2.459   3.328   13.697  1.00 23.18 ? 97  VAL A CG2 1 
ATOM   758  N  N   . SER A 1 98  ? 4.848   7.198   14.007  1.00 25.29 ? 98  SER A N   1 
ATOM   759  C  CA  . SER A 1 98  ? 5.527   8.343   14.666  1.00 26.62 ? 98  SER A CA  1 
ATOM   760  C  C   . SER A 1 98  ? 5.003   9.692   14.210  1.00 26.03 ? 98  SER A C   1 
ATOM   761  O  O   . SER A 1 98  ? 5.027   10.680  14.974  1.00 25.53 ? 98  SER A O   1 
ATOM   762  C  CB  . SER A 1 98  ? 7.018   8.328   14.399  1.00 27.00 ? 98  SER A CB  1 
ATOM   763  O  OG  . SER A 1 98  ? 7.576   7.225   15.039  1.00 33.99 ? 98  SER A OG  1 
ATOM   764  N  N   . SER A 1 99  ? 4.514   9.738   12.979  1.00 26.12 ? 99  SER A N   1 
ATOM   765  C  CA  . SER A 1 99  ? 4.047   11.029  12.408  1.00 26.76 ? 99  SER A CA  1 
ATOM   766  C  C   . SER A 1 99  ? 2.715   11.490  13.027  1.00 27.64 ? 99  SER A C   1 
ATOM   767  O  O   . SER A 1 99  ? 2.383   12.666  12.909  1.00 28.25 ? 99  SER A O   1 
ATOM   768  C  CB  . SER A 1 99  ? 3.917   10.964  10.870  1.00 24.38 ? 99  SER A CB  1 
ATOM   769  O  OG  . SER A 1 99  ? 2.775   10.217  10.486  1.00 24.39 ? 99  SER A OG  1 
ATOM   770  N  N   . LYS A 1 100 ? 1.950   10.554  13.628  1.00 27.88 ? 100 LYS A N   1 
ATOM   771  C  CA  . LYS A 1 100 ? 0.675   10.857  14.271  1.00 28.69 ? 100 LYS A CA  1 
ATOM   772  C  C   . LYS A 1 100 ? -0.310  11.451  13.265  1.00 28.77 ? 100 LYS A C   1 
ATOM   773  O  O   . LYS A 1 100 ? -1.196  12.234  13.630  1.00 30.08 ? 100 LYS A O   1 
ATOM   774  C  CB  . LYS A 1 100 ? 0.881   11.788  15.495  1.00 28.43 ? 100 LYS A CB  1 
ATOM   775  C  CG  . LYS A 1 100 ? 1.867   11.237  16.535  1.00 30.99 ? 100 LYS A CG  1 
ATOM   776  C  CD  . LYS A 1 100 ? 2.197   12.221  17.658  1.00 32.08 ? 100 LYS A CD  1 
ATOM   777  C  CE  . LYS A 1 100 ? 3.100   13.425  17.199  1.00 36.51 ? 100 LYS A CE  1 
ATOM   778  N  NZ  . LYS A 1 100 ? 3.489   14.469  18.310  1.00 36.98 ? 100 LYS A NZ  1 
ATOM   779  N  N   . TRP A 1 101 ? -0.144  11.080  11.990  1.00 27.80 ? 101 TRP A N   1 
ATOM   780  C  CA  . TRP A 1 101 ? -0.989  11.546  10.916  1.00 27.73 ? 101 TRP A CA  1 
ATOM   781  C  C   . TRP A 1 101 ? -2.169  10.606  10.771  1.00 27.94 ? 101 TRP A C   1 
ATOM   782  O  O   . TRP A 1 101 ? -2.033  9.527   10.233  1.00 28.99 ? 101 TRP A O   1 
ATOM   783  C  CB  . TRP A 1 101 ? -0.180  11.524  9.630   1.00 26.50 ? 101 TRP A CB  1 
ATOM   784  C  CG  . TRP A 1 101 ? -0.835  12.005  8.364   1.00 27.00 ? 101 TRP A CG  1 
ATOM   785  C  CD1 . TRP A 1 101 ? -1.918  11.481  7.692   1.00 25.78 ? 101 TRP A CD1 1 
ATOM   786  C  CD2 . TRP A 1 101 ? -0.346  13.082  7.573   1.00 26.83 ? 101 TRP A CD2 1 
ATOM   787  N  NE1 . TRP A 1 101 ? -2.133  12.199  6.531   1.00 27.47 ? 101 TRP A NE1 1 
ATOM   788  C  CE2 . TRP A 1 101 ? -1.155  13.157  6.418   1.00 27.95 ? 101 TRP A CE2 1 
ATOM   789  C  CE3 . TRP A 1 101 ? 0.750   13.948  7.705   1.00 27.54 ? 101 TRP A CE3 1 
ATOM   790  C  CZ2 . TRP A 1 101 ? -0.961  14.120  5.438   1.00 27.89 ? 101 TRP A CZ2 1 
ATOM   791  C  CZ3 . TRP A 1 101 ? 0.964   14.918  6.695   1.00 27.55 ? 101 TRP A CZ3 1 
ATOM   792  C  CH2 . TRP A 1 101 ? 0.128   14.963  5.573   1.00 25.19 ? 101 TRP A CH2 1 
ATOM   793  N  N   . PHE A 1 102 ? -3.338  11.060  11.183  1.00 28.00 ? 102 PHE A N   1 
ATOM   794  C  CA  . PHE A 1 102 ? -4.492  10.177  11.218  1.00 29.95 ? 102 PHE A CA  1 
ATOM   795  C  C   . PHE A 1 102 ? -5.402  10.386  9.985   1.00 28.73 ? 102 PHE A C   1 
ATOM   796  O  O   . PHE A 1 102 ? -5.521  11.500  9.461   1.00 27.27 ? 102 PHE A O   1 
ATOM   797  C  CB  . PHE A 1 102 ? -5.207  10.292  12.579  1.00 30.45 ? 102 PHE A CB  1 
ATOM   798  C  CG  . PHE A 1 102 ? -4.410  9.635   13.721  1.00 36.86 ? 102 PHE A CG  1 
ATOM   799  C  CD1 . PHE A 1 102 ? -3.852  10.407  14.729  1.00 37.34 ? 102 PHE A CD1 1 
ATOM   800  C  CD2 . PHE A 1 102 ? -4.174  8.242   13.726  1.00 37.94 ? 102 PHE A CD2 1 
ATOM   801  C  CE1 . PHE A 1 102 ? -3.114  9.827   15.746  1.00 41.63 ? 102 PHE A CE1 1 
ATOM   802  C  CE2 . PHE A 1 102 ? -3.416  7.662   14.755  1.00 40.26 ? 102 PHE A CE2 1 
ATOM   803  C  CZ  . PHE A 1 102 ? -2.888  8.454   15.755  1.00 38.60 ? 102 PHE A CZ  1 
ATOM   804  N  N   . PRO A 1 103 ? -6.059  9.316   9.527   1.00 29.62 ? 103 PRO A N   1 
ATOM   805  C  CA  . PRO A 1 103 ? -6.160  7.975   10.151  1.00 29.43 ? 103 PRO A CA  1 
ATOM   806  C  C   . PRO A 1 103 ? -5.061  6.955   9.733   1.00 28.38 ? 103 PRO A C   1 
ATOM   807  O  O   . PRO A 1 103 ? -5.035  5.844   10.277  1.00 28.68 ? 103 PRO A O   1 
ATOM   808  C  CB  . PRO A 1 103 ? -7.534  7.510   9.641   1.00 29.57 ? 103 PRO A CB  1 
ATOM   809  C  CG  . PRO A 1 103 ? -7.537  7.986   8.228   1.00 29.61 ? 103 PRO A CG  1 
ATOM   810  C  CD  . PRO A 1 103 ? -6.869  9.385   8.287   1.00 29.58 ? 103 PRO A CD  1 
ATOM   811  N  N   . GLN A 1 104 ? -4.184  7.314   8.778   1.00 27.38 ? 104 GLN A N   1 
ATOM   812  C  CA  . GLN A 1 104 ? -3.130  6.390   8.318   1.00 26.63 ? 104 GLN A CA  1 
ATOM   813  C  C   . GLN A 1 104 ? -2.276  5.850   9.478   1.00 27.17 ? 104 GLN A C   1 
ATOM   814  O  O   . GLN A 1 104 ? -1.922  4.659   9.469   1.00 27.48 ? 104 GLN A O   1 
ATOM   815  C  CB  . GLN A 1 104 ? -2.191  7.047   7.278   1.00 26.08 ? 104 GLN A CB  1 
ATOM   816  C  CG  . GLN A 1 104 ? -2.864  7.156   5.867   1.00 25.12 ? 104 GLN A CG  1 
ATOM   817  C  CD  . GLN A 1 104 ? -3.924  8.260   5.796   1.00 28.03 ? 104 GLN A CD  1 
ATOM   818  O  OE1 . GLN A 1 104 ? -3.944  9.195   6.610   1.00 26.61 ? 104 GLN A OE1 1 
ATOM   819  N  NE2 . GLN A 1 104 ? -4.818  8.152   4.820   1.00 31.96 ? 104 GLN A NE2 1 
ATOM   820  N  N   . ALA A 1 105 ? -1.938  6.718   10.440  1.00 26.18 ? 105 ALA A N   1 
ATOM   821  C  CA  . ALA A 1 105 ? -1.120  6.297   11.602  1.00 26.80 ? 105 ALA A CA  1 
ATOM   822  C  C   . ALA A 1 105 ? -1.805  5.207   12.453  1.00 26.58 ? 105 ALA A C   1 
ATOM   823  O  O   . ALA A 1 105 ? -1.126  4.380   13.062  1.00 26.83 ? 105 ALA A O   1 
ATOM   824  C  CB  . ALA A 1 105 ? -0.782  7.483   12.458  1.00 25.74 ? 105 ALA A CB  1 
ATOM   825  N  N   . GLY A 1 106 ? -3.143  5.177   12.467  1.00 27.44 ? 106 GLY A N   1 
ATOM   826  C  CA  . GLY A 1 106 ? -3.874  4.185   13.293  1.00 27.51 ? 106 GLY A CA  1 
ATOM   827  C  C   . GLY A 1 106 ? -3.899  2.870   12.542  1.00 27.65 ? 106 GLY A C   1 
ATOM   828  O  O   . GLY A 1 106 ? -3.758  1.801   13.134  1.00 26.68 ? 106 GLY A O   1 
ATOM   829  N  N   . ASP A 1 107 ? -4.041  2.960   11.216  1.00 28.30 ? 107 ASP A N   1 
ATOM   830  C  CA  . ASP A 1 107 ? -4.013  1.796   10.329  1.00 29.41 ? 107 ASP A CA  1 
ATOM   831  C  C   . ASP A 1 107 ? -2.605  1.162   10.455  1.00 28.38 ? 107 ASP A C   1 
ATOM   832  O  O   . ASP A 1 107 ? -2.489  -0.046  10.620  1.00 27.59 ? 107 ASP A O   1 
ATOM   833  C  CB  . ASP A 1 107 ? -4.338  2.257   8.886   1.00 30.39 ? 107 ASP A CB  1 
ATOM   834  C  CG  . ASP A 1 107 ? -4.505  1.130   7.885   1.00 38.43 ? 107 ASP A CG  1 
ATOM   835  O  OD1 . ASP A 1 107 ? -3.762  0.123   7.876   1.00 45.77 ? 107 ASP A OD1 1 
ATOM   836  O  OD2 . ASP A 1 107 ? -5.356  1.280   6.990   1.00 49.18 ? 107 ASP A OD2 1 
ATOM   837  N  N   . ALA A 1 108 ? -1.545  1.975   10.411  1.00 28.29 ? 108 ALA A N   1 
ATOM   838  C  CA  . ALA A 1 108 ? -0.169  1.453   10.505  1.00 27.16 ? 108 ALA A CA  1 
ATOM   839  C  C   . ALA A 1 108 ? 0.121   0.838   11.860  1.00 27.54 ? 108 ALA A C   1 
ATOM   840  O  O   . ALA A 1 108 ? 0.775   -0.189  11.929  1.00 27.17 ? 108 ALA A O   1 
ATOM   841  C  CB  . ALA A 1 108 ? 0.830   2.530   10.158  1.00 28.12 ? 108 ALA A CB  1 
ATOM   842  N  N   . GLY A 1 109 ? -0.412  1.460   12.924  1.00 28.21 ? 109 GLY A N   1 
ATOM   843  C  CA  . GLY A 1 109 ? -0.312  0.974   14.295  1.00 27.64 ? 109 GLY A CA  1 
ATOM   844  C  C   . GLY A 1 109 ? -0.945  -0.405  14.438  1.00 27.59 ? 109 GLY A C   1 
ATOM   845  O  O   . GLY A 1 109 ? -0.311  -1.324  14.997  1.00 28.44 ? 109 GLY A O   1 
HETATM 846  N  N   . MSE A 1 110 ? -2.170  -0.565  13.918  1.00 27.65 ? 110 MSE A N   1 
HETATM 847  C  CA  A MSE A 1 110 ? -2.863  -1.858  13.917  0.50 28.48 ? 110 MSE A CA  1 
HETATM 848  C  CA  B MSE A 1 110 ? -2.858  -1.857  13.903  0.50 27.15 ? 110 MSE A CA  1 
HETATM 849  C  C   . MSE A 1 110 ? -2.098  -2.942  13.112  1.00 27.76 ? 110 MSE A C   1 
HETATM 850  O  O   . MSE A 1 110 ? -1.985  -4.099  13.566  1.00 27.19 ? 110 MSE A O   1 
HETATM 851  C  CB  A MSE A 1 110 ? -4.313  -1.699  13.437  0.50 29.48 ? 110 MSE A CB  1 
HETATM 852  C  CB  B MSE A 1 110 ? -4.288  -1.719  13.381  0.50 27.15 ? 110 MSE A CB  1 
HETATM 853  C  CG  A MSE A 1 110 ? -5.183  -2.984  13.477  0.50 34.50 ? 110 MSE A CG  1 
HETATM 854  C  CG  B MSE A 1 110 ? -5.010  -3.072  13.257  0.50 26.28 ? 110 MSE A CG  1 
HETATM 855  SE SE  A MSE A 1 110 ? -6.117  -3.418  15.208  0.50 48.64 ? 110 MSE A SE  1 
HETATM 856  SE SE  B MSE A 1 110 ? -5.006  -4.066  14.974  0.50 26.56 ? 110 MSE A SE  1 
HETATM 857  C  CE  A MSE A 1 110 ? -4.723  -4.457  16.069  0.50 45.08 ? 110 MSE A CE  1 
HETATM 858  C  CE  B MSE A 1 110 ? -6.466  -2.967  15.954  0.50 27.23 ? 110 MSE A CE  1 
ATOM   859  N  N   . CYS A 1 111 ? -1.555  -2.561  11.947  1.00 27.28 ? 111 CYS A N   1 
ATOM   860  C  CA  A CYS A 1 111 ? -0.716  -3.451  11.150  0.50 27.28 ? 111 CYS A CA  1 
ATOM   861  C  CA  B CYS A 1 111 ? -0.724  -3.468  11.150  0.50 27.92 ? 111 CYS A CA  1 
ATOM   862  C  C   . CYS A 1 111 ? 0.465   -3.983  11.957  1.00 27.84 ? 111 CYS A C   1 
ATOM   863  O  O   . CYS A 1 111 ? 0.737   -5.180  11.945  1.00 27.60 ? 111 CYS A O   1 
ATOM   864  C  CB  A CYS A 1 111 ? -0.180  -2.756  9.900   0.50 27.15 ? 111 CYS A CB  1 
ATOM   865  C  CB  B CYS A 1 111 ? -0.246  -2.822  9.843   0.50 27.96 ? 111 CYS A CB  1 
ATOM   866  S  SG  A CYS A 1 111 ? 0.493   -3.930  8.758   0.50 25.90 ? 111 CYS A SG  1 
ATOM   867  S  SG  B CYS A 1 111 ? -1.579  -2.652  8.629   0.50 30.42 ? 111 CYS A SG  1 
ATOM   868  N  N   . LEU A 1 112 ? 1.155   -3.079  12.640  1.00 27.14 ? 112 LEU A N   1 
ATOM   869  C  CA  . LEU A 1 112 ? 2.291   -3.439  13.451  1.00 27.03 ? 112 LEU A CA  1 
ATOM   870  C  C   . LEU A 1 112 ? 1.881   -4.316  14.675  1.00 27.11 ? 112 LEU A C   1 
ATOM   871  O  O   . LEU A 1 112 ? 2.580   -5.277  15.019  1.00 26.53 ? 112 LEU A O   1 
ATOM   872  C  CB  . LEU A 1 112 ? 3.035   -2.171  13.869  1.00 26.01 ? 112 LEU A CB  1 
ATOM   873  C  CG  . LEU A 1 112 ? 3.814   -1.437  12.791  1.00 26.66 ? 112 LEU A CG  1 
ATOM   874  C  CD1 . LEU A 1 112 ? 4.349   -0.116  13.392  1.00 27.77 ? 112 LEU A CD1 1 
ATOM   875  C  CD2 . LEU A 1 112 ? 4.932   -2.298  12.169  1.00 27.66 ? 112 LEU A CD2 1 
ATOM   876  N  N   . ASP A 1 113 ? 0.743   -4.022  15.287  1.00 27.53 ? 113 ASP A N   1 
ATOM   877  C  CA  . ASP A 1 113 ? 0.189   -4.890  16.369  1.00 28.76 ? 113 ASP A CA  1 
ATOM   878  C  C   . ASP A 1 113 ? -0.042  -6.324  15.866  1.00 28.71 ? 113 ASP A C   1 
ATOM   879  O  O   . ASP A 1 113 ? 0.389   -7.283  16.490  1.00 28.57 ? 113 ASP A O   1 
ATOM   880  C  CB  . ASP A 1 113 ? -1.113  -4.294  16.949  1.00 28.20 ? 113 ASP A CB  1 
ATOM   881  C  CG  . ASP A 1 113 ? -0.869  -2.989  17.720  1.00 31.82 ? 113 ASP A CG  1 
ATOM   882  O  OD1 . ASP A 1 113 ? 0.301   -2.732  18.091  1.00 34.67 ? 113 ASP A OD1 1 
ATOM   883  O  OD2 . ASP A 1 113 ? -1.826  -2.203  17.938  1.00 32.81 ? 113 ASP A OD2 1 
ATOM   884  N  N   . LEU A 1 114 ? -0.665  -6.455  14.697  1.00 29.07 ? 114 LEU A N   1 
ATOM   885  C  CA  . LEU A 1 114 ? -0.927  -7.754  14.105  1.00 30.21 ? 114 LEU A CA  1 
ATOM   886  C  C   . LEU A 1 114 ? 0.388   -8.467  13.786  1.00 30.84 ? 114 LEU A C   1 
ATOM   887  O  O   . LEU A 1 114 ? 0.517   -9.651  14.015  1.00 31.45 ? 114 LEU A O   1 
ATOM   888  C  CB  . LEU A 1 114 ? -1.782  -7.595  12.834  1.00 30.57 ? 114 LEU A CB  1 
ATOM   889  C  CG  . LEU A 1 114 ? -3.239  -7.139  13.032  1.00 30.07 ? 114 LEU A CG  1 
ATOM   890  C  CD1 . LEU A 1 114 ? -3.849  -6.600  11.725  1.00 27.23 ? 114 LEU A CD1 1 
ATOM   891  C  CD2 . LEU A 1 114 ? -3.987  -8.343  13.542  1.00 26.56 ? 114 LEU A CD2 1 
ATOM   892  N  N   . LEU A 1 115 ? 1.356   -7.721  13.254  1.00 31.36 ? 115 LEU A N   1 
ATOM   893  C  CA  . LEU A 1 115 ? 2.684   -8.267  12.960  1.00 32.29 ? 115 LEU A CA  1 
ATOM   894  C  C   . LEU A 1 115 ? 3.398   -8.785  14.206  1.00 32.19 ? 115 LEU A C   1 
ATOM   895  O  O   . LEU A 1 115 ? 4.075   -9.801  14.161  1.00 32.38 ? 115 LEU A O   1 
ATOM   896  C  CB  . LEU A 1 115 ? 3.555   -7.182  12.301  1.00 31.80 ? 115 LEU A CB  1 
ATOM   897  C  CG  . LEU A 1 115 ? 3.280   -6.966  10.830  1.00 33.43 ? 115 LEU A CG  1 
ATOM   898  C  CD1 . LEU A 1 115 ? 4.035   -5.755  10.305  1.00 34.94 ? 115 LEU A CD1 1 
ATOM   899  C  CD2 . LEU A 1 115 ? 3.634   -8.240  10.046  1.00 35.98 ? 115 LEU A CD2 1 
ATOM   900  N  N   . ASP A 1 116 ? 3.262   -8.057  15.302  1.00 33.03 ? 116 ASP A N   1 
ATOM   901  C  CA  . ASP A 1 116 ? 3.875   -8.422  16.580  1.00 34.92 ? 116 ASP A CA  1 
ATOM   902  C  C   . ASP A 1 116 ? 3.196   -9.629  17.239  1.00 34.98 ? 116 ASP A C   1 
ATOM   903  O  O   . ASP A 1 116 ? 3.841   -10.349 17.992  1.00 35.46 ? 116 ASP A O   1 
ATOM   904  C  CB  . ASP A 1 116 ? 3.921   -7.216  17.532  1.00 35.07 ? 116 ASP A CB  1 
ATOM   905  C  CG  . ASP A 1 116 ? 4.870   -6.117  17.040  1.00 38.59 ? 116 ASP A CG  1 
ATOM   906  O  OD1 . ASP A 1 116 ? 5.807   -6.436  16.282  1.00 42.10 ? 116 ASP A OD1 1 
ATOM   907  O  OD2 . ASP A 1 116 ? 4.691   -4.935  17.421  1.00 42.09 ? 116 ASP A OD2 1 
ATOM   908  N  N   . ASP A 1 117 ? 1.904   -9.824  16.957  1.00 35.34 ? 117 ASP A N   1 
ATOM   909  C  CA  A ASP A 1 117 ? 1.161   -11.002 17.424  0.50 35.49 ? 117 ASP A CA  1 
ATOM   910  C  CA  B ASP A 1 117 ? 1.153   -11.002 17.392  0.50 36.03 ? 117 ASP A CA  1 
ATOM   911  C  C   . ASP A 1 117 ? 1.695   -12.281 16.752  1.00 36.45 ? 117 ASP A C   1 
ATOM   912  O  O   . ASP A 1 117 ? 1.802   -13.319 17.390  1.00 35.37 ? 117 ASP A O   1 
ATOM   913  C  CB  A ASP A 1 117 ? -0.353  -10.840 17.186  0.50 34.68 ? 117 ASP A CB  1 
ATOM   914  C  CB  B ASP A 1 117 ? -0.316  -10.851 17.012  0.50 35.84 ? 117 ASP A CB  1 
ATOM   915  C  CG  A ASP A 1 117 ? -1.171  -12.067 17.643  0.50 33.62 ? 117 ASP A CG  1 
ATOM   916  C  CG  B ASP A 1 117 ? -1.063  -9.925  17.923  0.50 36.54 ? 117 ASP A CG  1 
ATOM   917  O  OD1 A ASP A 1 117 ? -1.298  -12.300 18.868  0.50 31.23 ? 117 ASP A OD1 1 
ATOM   918  O  OD1 B ASP A 1 117 ? -0.496  -9.481  18.949  0.50 38.13 ? 117 ASP A OD1 1 
ATOM   919  O  OD2 A ASP A 1 117 ? -1.706  -12.786 16.775  0.50 31.01 ? 117 ASP A OD2 1 
ATOM   920  O  OD2 B ASP A 1 117 ? -2.245  -9.650  17.618  0.50 38.91 ? 117 ASP A OD2 1 
ATOM   921  N  N   . GLY A 1 118 ? 2.008   -12.187 15.462  1.00 38.19 ? 118 GLY A N   1 
ATOM   922  C  CA  . GLY A 1 118 ? 2.622   -13.261 14.710  1.00 40.30 ? 118 GLY A CA  1 
ATOM   923  C  C   . GLY A 1 118 ? 1.677   -14.241 14.047  1.00 42.74 ? 118 GLY A C   1 
ATOM   924  O  O   . GLY A 1 118 ? 2.144   -15.070 13.239  1.00 43.63 ? 118 GLY A O   1 
ATOM   925  N  N   . THR A 1 119 ? 0.379   -14.218 14.403  1.00 44.15 ? 119 THR A N   1 
ATOM   926  C  CA  . THR A 1 119 ? -0.625  -15.082 13.714  1.00 45.36 ? 119 THR A CA  1 
ATOM   927  C  C   . THR A 1 119 ? -0.779  -14.555 12.278  1.00 46.12 ? 119 THR A C   1 
ATOM   928  O  O   . THR A 1 119 ? -0.931  -15.335 11.327  1.00 46.08 ? 119 THR A O   1 
ATOM   929  C  CB  . THR A 1 119 ? -2.020  -15.163 14.433  1.00 45.18 ? 119 THR A CB  1 
ATOM   930  O  OG1 . THR A 1 119 ? -1.849  -15.561 15.800  1.00 46.78 ? 119 THR A OG1 1 
ATOM   931  C  CG2 . THR A 1 119 ? -2.965  -16.203 13.755  1.00 44.21 ? 119 THR A CG2 1 
ATOM   932  N  N   . PHE A 1 120 ? -0.699  -13.227 12.154  1.00 46.83 ? 120 PHE A N   1 
ATOM   933  C  CA  . PHE A 1 120 ? -0.635  -12.550 10.873  1.00 47.35 ? 120 PHE A CA  1 
ATOM   934  C  C   . PHE A 1 120 ? 0.814   -12.416 10.375  1.00 48.23 ? 120 PHE A C   1 
ATOM   935  O  O   . PHE A 1 120 ? 1.682   -11.822 11.029  1.00 48.29 ? 120 PHE A O   1 
ATOM   936  C  CB  . PHE A 1 120 ? -1.344  -11.189 10.968  1.00 47.42 ? 120 PHE A CB  1 
ATOM   937  C  CG  . PHE A 1 120 ? -1.136  -10.295 9.777   1.00 47.15 ? 120 PHE A CG  1 
ATOM   938  C  CD1 . PHE A 1 120 ? -1.810  -10.532 8.578   1.00 48.25 ? 120 PHE A CD1 1 
ATOM   939  C  CD2 . PHE A 1 120 ? -0.283  -9.190  9.863   1.00 47.22 ? 120 PHE A CD2 1 
ATOM   940  C  CE1 . PHE A 1 120 ? -1.618  -9.659  7.465   1.00 48.46 ? 120 PHE A CE1 1 
ATOM   941  C  CE2 . PHE A 1 120 ? -0.092  -8.314  8.773   1.00 48.45 ? 120 PHE A CE2 1 
ATOM   942  C  CZ  . PHE A 1 120 ? -0.760  -8.552  7.575   1.00 47.48 ? 120 PHE A CZ  1 
ATOM   943  N  N   . LYS A 1 121 ? 1.049   -12.967 9.198   1.00 48.95 ? 121 LYS A N   1 
ATOM   944  C  CA  . LYS A 1 121 ? 2.335   -12.864 8.555   1.00 49.94 ? 121 LYS A CA  1 
ATOM   945  C  C   . LYS A 1 121 ? 2.124   -12.769 7.050   1.00 50.39 ? 121 LYS A C   1 
ATOM   946  O  O   . LYS A 1 121 ? 1.366   -13.545 6.477   1.00 50.81 ? 121 LYS A O   1 
ATOM   947  C  CB  . LYS A 1 121 ? 3.182   -14.087 8.894   1.00 50.21 ? 121 LYS A CB  1 
ATOM   948  N  N   . PRO A 1 122 ? 2.778   -11.805 6.415   1.00 50.18 ? 122 PRO A N   1 
ATOM   949  C  CA  . PRO A 1 122 ? 2.689   -11.655 4.963   1.00 49.98 ? 122 PRO A CA  1 
ATOM   950  C  C   . PRO A 1 122 ? 3.728   -12.495 4.250   1.00 49.87 ? 122 PRO A C   1 
ATOM   951  O  O   . PRO A 1 122 ? 4.894   -12.446 4.600   1.00 49.74 ? 122 PRO A O   1 
ATOM   952  C  CB  . PRO A 1 122 ? 2.968   -10.168 4.753   1.00 50.24 ? 122 PRO A CB  1 
ATOM   953  C  CG  . PRO A 1 122 ? 2.641   -9.541  6.028   1.00 50.03 ? 122 PRO A CG  1 
ATOM   954  C  CD  . PRO A 1 122 ? 3.060   -10.522 7.065   1.00 50.42 ? 122 PRO A CD  1 
ATOM   955  N  N   . LYS A 1 123 ? 3.291   -13.288 3.282   1.00 50.11 ? 123 LYS A N   1 
ATOM   956  C  CA  . LYS A 1 123 ? 3.196   -12.859 1.899   1.00 49.85 ? 123 LYS A CA  1 
ATOM   957  C  C   . LYS A 1 123 ? 4.340   -13.421 1.069   1.00 49.37 ? 123 LYS A C   1 
ATOM   958  O  O   . LYS A 1 123 ? 4.259   -13.475 -0.147  1.00 48.34 ? 123 LYS A O   1 
HETATM 959  C  C   . ACT B 2 .   ? 6.423   9.409   7.160   1.00 30.10 ? 124 ACT A C   1 
HETATM 960  O  O   . ACT B 2 .   ? 6.256   8.619   6.157   1.00 26.02 ? 124 ACT A O   1 
HETATM 961  O  OXT . ACT B 2 .   ? 7.422   10.293  7.367   1.00 27.92 ? 124 ACT A OXT 1 
HETATM 962  C  CH3 . ACT B 2 .   ? 5.376   9.174   8.115   1.00 31.62 ? 124 ACT A CH3 1 
HETATM 963  C  C   . ACT C 2 .   ? 14.382  -5.976  3.754   1.00 40.76 ? 125 ACT A C   1 
HETATM 964  O  O   . ACT C 2 .   ? 13.951  -4.844  3.932   1.00 41.38 ? 125 ACT A O   1 
HETATM 965  O  OXT . ACT C 2 .   ? 14.030  -6.815  4.611   1.00 41.64 ? 125 ACT A OXT 1 
HETATM 966  C  CH3 . ACT C 2 .   ? 15.202  -6.262  2.557   1.00 42.03 ? 125 ACT A CH3 1 
HETATM 967  O  O   . HOH D 3 .   ? 9.554   8.403   5.866   1.00 25.07 ? 126 HOH A O   1 
HETATM 968  O  O   . HOH D 3 .   ? -3.516  13.575  12.724  1.00 22.85 ? 127 HOH A O   1 
HETATM 969  O  O   . HOH D 3 .   ? -1.828  12.456  2.359   1.00 21.39 ? 128 HOH A O   1 
HETATM 970  O  O   . HOH D 3 .   ? 10.982  4.531   5.249   1.00 29.94 ? 129 HOH A O   1 
HETATM 971  O  O   . HOH D 3 .   ? 10.106  1.271   -8.793  1.00 32.66 ? 130 HOH A O   1 
HETATM 972  O  O   . HOH D 3 .   ? 7.811   -4.188  -17.761 1.00 33.48 ? 131 HOH A O   1 
HETATM 973  O  O   . HOH D 3 .   ? -1.508  -11.540 14.248  1.00 37.19 ? 132 HOH A O   1 
HETATM 974  O  O   . HOH D 3 .   ? 2.086   -0.374  -19.862 1.00 29.50 ? 133 HOH A O   1 
HETATM 975  O  O   . HOH D 3 .   ? 9.992   8.317   3.378   1.00 33.28 ? 134 HOH A O   1 
HETATM 976  O  O   . HOH D 3 .   ? -14.088 -0.890  -9.975  1.00 28.86 ? 135 HOH A O   1 
HETATM 977  O  O   . HOH D 3 .   ? 8.873   -1.929  -16.448 1.00 26.90 ? 136 HOH A O   1 
HETATM 978  O  O   . HOH D 3 .   ? 5.159   -7.808  0.053   1.00 37.10 ? 137 HOH A O   1 
HETATM 979  O  O   . HOH D 3 .   ? 7.959   9.759   11.322  1.00 36.75 ? 138 HOH A O   1 
HETATM 980  O  O   . HOH D 3 .   ? -4.171  11.780  4.423   1.00 36.34 ? 139 HOH A O   1 
HETATM 981  O  O   . HOH D 3 .   ? 11.972  1.845   4.957   1.00 29.49 ? 140 HOH A O   1 
HETATM 982  O  O   . HOH D 3 .   ? -3.462  -4.761  -19.219 1.00 43.71 ? 141 HOH A O   1 
HETATM 983  O  O   . HOH D 3 .   ? 2.068   8.073   -10.569 1.00 29.80 ? 142 HOH A O   1 
HETATM 984  O  O   . HOH D 3 .   ? -7.403  10.547  4.355   1.00 36.90 ? 143 HOH A O   1 
HETATM 985  O  O   . HOH D 3 .   ? -18.509 7.707   -3.886  1.00 33.96 ? 144 HOH A O   1 
HETATM 986  O  O   . HOH D 3 .   ? -12.637 -1.901  -8.363  1.00 30.46 ? 145 HOH A O   1 
HETATM 987  O  O   . HOH D 3 .   ? -4.218  -8.534  -10.842 1.00 36.20 ? 146 HOH A O   1 
HETATM 988  O  O   . HOH D 3 .   ? -6.008  4.865   6.220   1.00 40.64 ? 147 HOH A O   1 
HETATM 989  O  O   . HOH D 3 .   ? 11.641  -4.421  -8.319  1.00 47.76 ? 148 HOH A O   1 
HETATM 990  O  O   . HOH D 3 .   ? -3.778  1.721   15.901  1.00 31.27 ? 149 HOH A O   1 
HETATM 991  O  O   . HOH D 3 .   ? 6.688   1.644   -19.477 1.00 35.01 ? 150 HOH A O   1 
HETATM 992  O  O   . HOH D 3 .   ? -4.018  -7.802  17.541  1.00 49.24 ? 151 HOH A O   1 
HETATM 993  O  O   . HOH D 3 .   ? -7.312  12.865  7.671   1.00 34.23 ? 152 HOH A O   1 
HETATM 994  O  O   . HOH D 3 .   ? -9.840  12.662  -6.611  1.00 43.81 ? 153 HOH A O   1 
HETATM 995  O  O   . HOH D 3 .   ? -4.299  14.917  -3.805  1.00 37.62 ? 154 HOH A O   1 
HETATM 996  O  O   . HOH D 3 .   ? -0.914  4.775   15.752  1.00 32.66 ? 155 HOH A O   1 
HETATM 997  O  O   . HOH D 3 .   ? -2.062  14.311  -2.581  1.00 33.19 ? 156 HOH A O   1 
HETATM 998  O  O   . HOH D 3 .   ? -5.359  13.796  -0.899  1.00 45.72 ? 157 HOH A O   1 
HETATM 999  O  O   . HOH D 3 .   ? 0.489   7.392   15.977  1.00 31.58 ? 158 HOH A O   1 
HETATM 1000 O  O   . HOH D 3 .   ? 0.601   13.715  -5.763  1.00 34.01 ? 159 HOH A O   1 
HETATM 1001 O  O   . HOH D 3 .   ? -1.844  15.039  1.830   0.50 20.54 ? 160 HOH A O   1 
HETATM 1002 O  O   . HOH D 3 .   ? 4.430   16.941  16.865  1.00 28.98 ? 161 HOH A O   1 
HETATM 1003 O  O   . HOH D 3 .   ? 7.968   10.439  -5.302  1.00 36.58 ? 162 HOH A O   1 
HETATM 1004 O  O   . HOH D 3 .   ? -16.235 4.812   -9.098  1.00 36.84 ? 163 HOH A O   1 
HETATM 1005 O  O   . HOH D 3 .   ? 9.617   3.957   -10.080 0.50 36.44 ? 164 HOH A O   1 
HETATM 1006 O  O   . HOH D 3 .   ? 2.624   15.467  -5.973  1.00 44.21 ? 165 HOH A O   1 
HETATM 1007 O  O   . HOH D 3 .   ? -3.902  15.045  -6.563  1.00 39.55 ? 166 HOH A O   1 
HETATM 1008 O  O   . HOH D 3 .   ? 2.976   -7.977  1.573   1.00 44.05 ? 167 HOH A O   1 
HETATM 1009 O  O   . HOH D 3 .   ? 11.547  -8.474  -6.240  1.00 54.70 ? 168 HOH A O   1 
HETATM 1010 O  O   . HOH D 3 .   ? 10.995  4.193   11.329  1.00 39.05 ? 169 HOH A O   1 
HETATM 1011 O  O   . HOH D 3 .   ? 6.851   4.964   -12.310 0.50 34.72 ? 170 HOH A O   1 
HETATM 1012 O  O   . HOH D 3 .   ? 8.038   -11.101 -15.887 1.00 38.74 ? 171 HOH A O   1 
HETATM 1013 O  O   . HOH D 3 .   ? 13.093  2.214   2.349   1.00 40.86 ? 172 HOH A O   1 
HETATM 1014 O  O   . HOH D 3 .   ? 11.604  -0.204  -14.428 1.00 44.98 ? 173 HOH A O   1 
HETATM 1015 O  O   . HOH D 3 .   ? -0.917  -0.144  -20.516 1.00 50.95 ? 174 HOH A O   1 
HETATM 1016 O  O   . HOH D 3 .   ? -10.988 10.367  -5.584  1.00 36.56 ? 175 HOH A O   1 
HETATM 1017 O  O   . HOH D 3 .   ? -1.878  0.431   17.380  1.00 47.00 ? 176 HOH A O   1 
HETATM 1018 O  O   . HOH D 3 .   ? -18.431 -4.249  -9.016  1.00 36.83 ? 177 HOH A O   1 
HETATM 1019 O  O   . HOH D 3 .   ? 6.652   4.240   15.638  1.00 35.16 ? 178 HOH A O   1 
HETATM 1020 O  O   . HOH D 3 .   ? 1.940   -11.565 -15.375 1.00 50.74 ? 179 HOH A O   1 
HETATM 1021 O  O   . HOH D 3 .   ? 2.666   -4.555  19.470  1.00 45.06 ? 180 HOH A O   1 
HETATM 1022 O  O   . HOH D 3 .   ? 0.406   -6.983  19.143  1.00 49.37 ? 181 HOH A O   1 
HETATM 1023 O  O   . HOH D 3 .   ? -4.853  -2.010  9.809   1.00 45.28 ? 182 HOH A O   1 
HETATM 1024 O  O   . HOH D 3 .   ? 9.908   5.986   13.362  1.00 43.24 ? 183 HOH A O   1 
HETATM 1025 O  O   . HOH D 3 .   ? 5.486   1.742   16.238  1.00 41.05 ? 184 HOH A O   1 
HETATM 1026 O  O   . HOH D 3 .   ? 3.503   17.424  -8.564  1.00 48.34 ? 185 HOH A O   1 
HETATM 1027 O  O   . HOH D 3 .   ? -1.769  11.617  -9.114  1.00 51.47 ? 186 HOH A O   1 
HETATM 1028 O  O   . HOH D 3 .   ? -8.373  0.150   7.709   1.00 48.99 ? 187 HOH A O   1 
HETATM 1029 O  O   . HOH D 3 .   ? 8.731   13.413  -4.510  1.00 51.71 ? 188 HOH A O   1 
HETATM 1030 O  O   . HOH D 3 .   ? 8.746   -6.603  -14.419 1.00 45.67 ? 189 HOH A O   1 
HETATM 1031 O  O   . HOH D 3 .   ? -7.012  2.763   4.136   1.00 40.28 ? 190 HOH A O   1 
HETATM 1032 O  O   . HOH D 3 .   ? -1.398  14.465  -7.670  1.00 36.45 ? 191 HOH A O   1 
HETATM 1033 O  O   . HOH D 3 .   ? -5.647  12.812  -7.836  1.00 57.02 ? 192 HOH A O   1 
HETATM 1034 O  O   . HOH D 3 .   ? 6.074   -14.119 -7.109  1.00 40.27 ? 193 HOH A O   1 
HETATM 1035 O  O   . HOH D 3 .   ? -3.433  4.503   17.122  1.00 48.40 ? 194 HOH A O   1 
HETATM 1036 O  O   . HOH D 3 .   ? 6.315   -15.126 -14.869 1.00 48.91 ? 195 HOH A O   1 
HETATM 1037 O  O   . HOH D 3 .   ? 7.905   11.996  12.326  1.00 42.15 ? 196 HOH A O   1 
HETATM 1038 O  O   . HOH D 3 .   ? -11.272 9.241   -8.062  1.00 44.53 ? 197 HOH A O   1 
HETATM 1039 O  O   . HOH D 3 .   ? 12.329  2.602   0.000   1.00 40.78 ? 198 HOH A O   1 
HETATM 1040 O  O   . HOH D 3 .   ? -0.472  -8.788  -3.462  1.00 45.27 ? 199 HOH A O   1 
HETATM 1041 O  O   . HOH D 3 .   ? 8.527   -6.567  9.184   1.00 44.71 ? 200 HOH A O   1 
HETATM 1042 O  O   . HOH D 3 .   ? -4.396  -8.419  -14.342 1.00 55.03 ? 201 HOH A O   1 
HETATM 1043 O  O   . HOH D 3 .   ? 1.234   16.184  -1.821  1.00 51.85 ? 202 HOH A O   1 
HETATM 1044 O  O   . HOH D 3 .   ? 14.875  -0.463  10.280  1.00 47.43 ? 203 HOH A O   1 
HETATM 1045 O  O   . HOH D 3 .   ? -21.555 9.818   6.468   1.00 50.99 ? 204 HOH A O   1 
HETATM 1046 O  O   . HOH D 3 .   ? 1.599   -0.509  18.863  1.00 47.00 ? 205 HOH A O   1 
HETATM 1047 O  O   . HOH D 3 .   ? 12.294  5.764   7.463   1.00 41.50 ? 206 HOH A O   1 
HETATM 1048 O  O   . HOH D 3 .   ? -11.137 15.145  -1.227  1.00 40.90 ? 207 HOH A O   1 
HETATM 1049 O  O   . HOH D 3 .   ? 12.448  -2.540  10.453  1.00 39.93 ? 208 HOH A O   1 
HETATM 1050 O  O   . HOH D 3 .   ? -14.177 -3.203  -6.129  1.00 39.76 ? 209 HOH A O   1 
HETATM 1051 O  O   . HOH D 3 .   ? -13.269 11.226  -4.456  1.00 48.43 ? 210 HOH A O   1 
HETATM 1052 O  O   . HOH D 3 .   ? 16.214  9.661   0.050   1.00 47.75 ? 211 HOH A O   1 
HETATM 1053 O  O   . HOH D 3 .   ? -0.029  14.002  -3.494  1.00 42.12 ? 212 HOH A O   1 
HETATM 1054 O  O   . HOH D 3 .   ? -9.408  10.737  5.896   1.00 49.87 ? 213 HOH A O   1 
HETATM 1055 O  O   . HOH D 3 .   ? -9.990  -5.325  -17.925 1.00 52.20 ? 214 HOH A O   1 
HETATM 1056 O  O   . HOH D 3 .   ? -18.262 4.623   -7.254  1.00 50.20 ? 215 HOH A O   1 
HETATM 1057 O  O   . HOH D 3 .   ? 1.304   -13.331 20.747  1.00 54.79 ? 216 HOH A O   1 
HETATM 1058 O  O   . HOH D 3 .   ? 8.087   -7.699  11.775  1.00 61.53 ? 217 HOH A O   1 
# 
